data_7B0H
#
_entry.id   7B0H
#
_cell.length_a   111.823
_cell.length_b   112.331
_cell.length_c   186.518
_cell.angle_alpha   90.000
_cell.angle_beta   90.000
_cell.angle_gamma   90.000
#
_symmetry.space_group_name_H-M   'P 21 21 21'
#
loop_
_entity.id
_entity.type
_entity.pdbx_description
1 polymer "DNA (5'-D(P*AP*AP*CP*GP*GP*CP*AP*AP*AP*TP*GP*CP*G)-3')"
2 polymer "DNA (5'-D(P*CP*GP*CP*AP*TP*T)-3')"
3 polymer 'DNA polymerase'
4 non-polymer 'MANGANESE (II) ION'
5 non-polymer 'MAGNESIUM ION'
6 non-polymer "THYMIDINE-5'-TRIPHOSPHATE"
#
loop_
_entity_poly.entity_id
_entity_poly.type
_entity_poly.pdbx_seq_one_letter_code
_entity_poly.pdbx_strand_id
1 'polydeoxyribonucleotide' (DA)(DA)(DC)(DG)(DG)(DC)(DA)(DA)(DA)(DT)(DG)(DC)(DG) A,C
2 'polydeoxyribonucleotide' (DC)(DG)(DC)(DA)(DT)(DT) D,G
3 'polypeptide(L)'
;MILDTDYITEDGKPVIRIFKKENGEFKIDYDRNFEPYIYALLKDDSAIEDVKKITAERHGTTVRVVRAEKVKKKFLGRPI
EVWKLYFTHPQDQPAIRDKIKEHPAVVDIYEYDIPFAKRYLIDKGLIPMEGDEELKMLAFAIATLYHEGEEFAEGPILMI
SYADEEGARVITWKNIDLPYVDVVSTEKEMIKRFLKVVKEKDPDVLITYNGDNFDFAYLKKRSEKLGVKFILGREGSEPK
IQRMGDRFAVEVKGRIHFDLYPVIRRTINLPTYTLEAVYEAIFGQPKEKVYAEEIAQAWETGEGLERVARYSMEDAKVTY
ELGKEFFPMEAQLSRLVGQSLWDVSRSSTGNLVEWFLLRKAYERNELAPNKPDERELARRRESYAGGYVKEPERGLWENI
VYLDFRSLYPSIIITHNVSPDTLNREGCEEYDVAPQVGHKFCKDFPGFIPSLLGDLLEERQKVKKKMKATIDPIEKKLLD
YRQRLIKILANSFYGYYGYAKARWYCKECAESVTAWGRQYIETTIREIEEKFGFKVLYADTDGFFATIPGADAETVKKKA
KEFLDYINAKLPGLLELEYEGFYKRGFFATKKKYAVIDEEDKITTRGLKMVRRDWSEIAKETQARVLEAILKHGDVEEAV
RIVKEVTEKLSKYEVPPEQLVIYQPITKQLHDYRARGPHVSVAKRLAARGIKIRPGTVISYIVPKGSGRIGDRAIPFDEF
DPAKHKYDAGYYIENQVLPAVERILRAFGYRKEDLRYQKTRQVGLGAWLKPKT
;
E,F
#
# COMPACT_ATOMS: atom_id res chain seq x y z
N MET D 1 7.50 -46.10 -6.31
CA MET D 1 6.71 -44.87 -6.25
C MET D 1 7.51 -43.69 -6.80
N ILE D 2 6.92 -42.90 -7.71
CA ILE D 2 7.57 -41.71 -8.24
C ILE D 2 7.29 -40.56 -7.27
N LEU D 3 8.33 -39.90 -6.77
CA LEU D 3 8.18 -38.79 -5.85
C LEU D 3 8.10 -37.49 -6.63
N ASP D 4 8.96 -37.33 -7.66
CA ASP D 4 9.06 -36.09 -8.41
C ASP D 4 9.87 -36.28 -9.70
N THR D 5 9.81 -35.28 -10.60
CA THR D 5 10.63 -35.23 -11.80
C THR D 5 11.18 -33.81 -11.99
N ASP D 6 12.31 -33.72 -12.65
CA ASP D 6 12.93 -32.45 -13.04
C ASP D 6 13.81 -32.73 -14.27
N TYR D 7 14.56 -31.74 -14.73
CA TYR D 7 15.49 -31.94 -15.81
C TYR D 7 16.79 -31.19 -15.58
N ILE D 8 17.88 -31.73 -16.08
CA ILE D 8 19.18 -31.09 -16.06
C ILE D 8 19.64 -31.00 -17.51
N THR D 9 20.66 -30.19 -17.80
CA THR D 9 21.15 -30.05 -19.15
C THR D 9 22.55 -30.63 -19.22
N GLU D 10 22.80 -31.52 -20.19
CA GLU D 10 24.10 -32.15 -20.41
C GLU D 10 24.45 -31.96 -21.87
N ASP D 11 25.48 -31.14 -22.14
CA ASP D 11 25.93 -30.82 -23.49
C ASP D 11 24.83 -30.15 -24.30
N GLY D 12 24.06 -29.26 -23.66
CA GLY D 12 22.98 -28.54 -24.31
C GLY D 12 21.68 -29.31 -24.47
N LYS D 13 21.66 -30.59 -24.08
CA LYS D 13 20.48 -31.43 -24.21
C LYS D 13 19.86 -31.72 -22.84
N PRO D 14 18.53 -31.71 -22.76
CA PRO D 14 17.87 -32.00 -21.48
C PRO D 14 17.88 -33.49 -21.12
N VAL D 15 17.95 -33.78 -19.83
CA VAL D 15 17.95 -35.13 -19.27
C VAL D 15 16.94 -35.11 -18.15
N ILE D 16 15.86 -35.86 -18.28
CA ILE D 16 14.84 -35.93 -17.25
C ILE D 16 15.34 -36.81 -16.10
N ARG D 17 15.11 -36.39 -14.86
CA ARG D 17 15.45 -37.17 -13.69
C ARG D 17 14.16 -37.56 -13.00
N ILE D 18 13.95 -38.85 -12.76
CA ILE D 18 12.77 -39.33 -12.07
C ILE D 18 13.21 -39.80 -10.69
N PHE D 19 12.77 -39.10 -9.64
CA PHE D 19 13.11 -39.44 -8.26
C PHE D 19 12.13 -40.49 -7.77
N LYS D 20 12.62 -41.67 -7.42
CA LYS D 20 11.77 -42.80 -7.00
C LYS D 20 12.18 -43.38 -5.66
N LYS D 21 11.26 -44.10 -5.02
CA LYS D 21 11.52 -44.89 -3.82
C LYS D 21 10.85 -46.24 -4.11
N GLU D 22 11.67 -47.27 -4.32
CA GLU D 22 11.18 -48.61 -4.66
C GLU D 22 11.80 -49.60 -3.69
N ASN D 23 10.96 -50.34 -2.94
CA ASN D 23 11.37 -51.34 -1.96
C ASN D 23 12.29 -50.74 -0.89
N GLY D 24 11.95 -49.54 -0.42
CA GLY D 24 12.72 -48.85 0.59
C GLY D 24 14.01 -48.21 0.11
N GLU D 25 14.31 -48.34 -1.19
CA GLU D 25 15.53 -47.78 -1.76
C GLU D 25 15.24 -46.54 -2.60
N PHE D 26 15.97 -45.45 -2.34
CA PHE D 26 15.83 -44.25 -3.14
C PHE D 26 16.63 -44.45 -4.44
N LYS D 27 16.04 -44.07 -5.58
CA LYS D 27 16.69 -44.22 -6.88
C LYS D 27 16.42 -43.02 -7.78
N ILE D 28 17.37 -42.70 -8.67
CA ILE D 28 17.16 -41.66 -9.67
C ILE D 28 17.24 -42.34 -11.03
N ASP D 29 16.18 -42.26 -11.84
CA ASP D 29 16.19 -42.81 -13.19
C ASP D 29 16.38 -41.66 -14.17
N TYR D 30 17.14 -41.86 -15.26
CA TYR D 30 17.41 -40.79 -16.23
C TYR D 30 16.83 -41.08 -17.61
N ASP D 31 16.18 -40.10 -18.23
CA ASP D 31 15.67 -40.25 -19.60
C ASP D 31 16.31 -39.17 -20.46
N ARG D 32 17.18 -39.58 -21.37
CA ARG D 32 17.89 -38.65 -22.26
C ARG D 32 17.28 -38.53 -23.66
N ASN D 33 16.16 -39.19 -23.91
CA ASN D 33 15.55 -39.22 -25.24
C ASN D 33 14.27 -38.41 -25.36
N PHE D 34 13.65 -37.99 -24.25
CA PHE D 34 12.43 -37.20 -24.30
C PHE D 34 12.71 -35.80 -24.88
N GLU D 35 12.00 -35.39 -25.96
CA GLU D 35 12.24 -34.10 -26.62
C GLU D 35 11.13 -33.10 -26.36
N PRO D 36 11.48 -31.81 -26.22
CA PRO D 36 10.42 -30.80 -26.09
C PRO D 36 9.82 -30.48 -27.47
N TYR D 37 8.58 -29.98 -27.46
CA TYR D 37 7.86 -29.66 -28.69
C TYR D 37 6.65 -28.75 -28.42
N ILE D 38 6.09 -28.17 -29.48
CA ILE D 38 4.88 -27.37 -29.51
C ILE D 38 4.17 -27.64 -30.87
N TYR D 39 2.89 -27.28 -31.01
CA TYR D 39 2.16 -27.50 -32.27
C TYR D 39 1.91 -26.21 -33.02
N ALA D 40 1.88 -26.28 -34.35
CA ALA D 40 1.59 -25.11 -35.17
C ALA D 40 0.54 -25.49 -36.19
N LEU D 41 -0.52 -24.69 -36.29
CA LEU D 41 -1.54 -24.88 -37.30
C LEU D 41 -1.17 -23.94 -38.44
N LEU D 42 -0.95 -24.48 -39.64
CA LEU D 42 -0.56 -23.65 -40.78
C LEU D 42 -1.71 -23.46 -41.76
N LYS D 43 -1.69 -22.33 -42.49
CA LYS D 43 -2.71 -22.10 -43.51
C LYS D 43 -2.50 -23.02 -44.72
N ASP D 44 -1.22 -23.38 -45.02
CA ASP D 44 -0.90 -24.30 -46.10
C ASP D 44 0.26 -25.20 -45.71
N ASP D 45 0.18 -26.50 -46.04
CA ASP D 45 1.21 -27.49 -45.71
C ASP D 45 2.59 -27.19 -46.29
N SER D 46 2.66 -26.57 -47.49
CA SER D 46 3.94 -26.25 -48.12
C SER D 46 4.79 -25.23 -47.34
N ALA D 47 4.12 -24.40 -46.53
CA ALA D 47 4.79 -23.38 -45.71
C ALA D 47 5.66 -23.96 -44.60
N ILE D 48 5.57 -25.29 -44.31
CA ILE D 48 6.41 -25.92 -43.30
C ILE D 48 7.90 -25.76 -43.64
N GLU D 49 8.25 -25.63 -44.94
CA GLU D 49 9.62 -25.42 -45.35
C GLU D 49 10.15 -24.07 -44.84
N ASP D 50 9.30 -23.04 -44.80
CA ASP D 50 9.69 -21.74 -44.28
C ASP D 50 9.70 -21.74 -42.75
N VAL D 51 8.73 -22.42 -42.12
CA VAL D 51 8.62 -22.51 -40.66
C VAL D 51 9.82 -23.27 -40.05
N LYS D 52 10.27 -24.33 -40.72
CA LYS D 52 11.44 -25.12 -40.30
C LYS D 52 12.72 -24.26 -40.25
N LYS D 53 12.79 -23.21 -41.09
CA LYS D 53 13.93 -22.33 -41.21
C LYS D 53 13.91 -21.13 -40.24
N ILE D 54 12.85 -21.00 -39.40
CA ILE D 54 12.80 -19.90 -38.44
C ILE D 54 13.80 -20.14 -37.33
N THR D 55 14.57 -19.11 -36.96
CA THR D 55 15.58 -19.19 -35.91
C THR D 55 15.42 -18.05 -34.88
N ALA D 56 15.98 -18.26 -33.69
CA ALA D 56 15.95 -17.28 -32.61
C ALA D 56 17.31 -17.31 -31.85
N GLU D 57 17.54 -16.40 -30.88
CA GLU D 57 18.79 -16.41 -30.12
C GLU D 57 18.52 -16.61 -28.63
N ARG D 58 19.45 -17.28 -27.94
CA ARG D 58 19.32 -17.60 -26.53
C ARG D 58 20.71 -17.54 -25.91
N HIS D 59 21.16 -16.33 -25.55
CA HIS D 59 22.49 -16.04 -25.00
C HIS D 59 23.61 -16.56 -25.92
N GLY D 60 23.68 -15.99 -27.11
CA GLY D 60 24.68 -16.37 -28.09
C GLY D 60 24.35 -17.63 -28.87
N THR D 61 23.52 -18.51 -28.29
CA THR D 61 23.13 -19.78 -28.91
C THR D 61 22.00 -19.60 -29.92
N THR D 62 22.23 -20.03 -31.17
CA THR D 62 21.19 -19.97 -32.18
C THR D 62 20.20 -21.12 -31.95
N VAL D 63 18.92 -20.78 -31.81
CA VAL D 63 17.83 -21.73 -31.58
C VAL D 63 17.18 -22.05 -32.92
N ARG D 64 17.04 -23.33 -33.24
CA ARG D 64 16.44 -23.77 -34.50
C ARG D 64 15.36 -24.83 -34.27
N VAL D 65 14.50 -25.07 -35.28
CA VAL D 65 13.49 -26.13 -35.21
C VAL D 65 14.22 -27.41 -35.56
N VAL D 66 14.24 -28.40 -34.65
CA VAL D 66 14.95 -29.67 -34.87
C VAL D 66 14.33 -30.47 -36.01
N ARG D 67 13.04 -30.75 -35.91
CA ARG D 67 12.32 -31.50 -36.91
C ARG D 67 10.82 -31.25 -36.77
N ALA D 68 10.06 -31.58 -37.80
CA ALA D 68 8.62 -31.41 -37.80
C ALA D 68 7.92 -32.73 -38.15
N GLU D 69 6.68 -32.88 -37.73
CA GLU D 69 5.92 -34.09 -37.95
C GLU D 69 4.45 -33.69 -38.07
N LYS D 70 3.77 -34.05 -39.18
CA LYS D 70 2.36 -33.72 -39.35
C LYS D 70 1.56 -34.74 -38.55
N VAL D 71 0.72 -34.27 -37.61
CA VAL D 71 -0.07 -35.15 -36.75
C VAL D 71 -1.56 -34.85 -36.81
N LYS D 72 -2.38 -35.90 -36.70
CA LYS D 72 -3.84 -35.80 -36.73
C LYS D 72 -4.28 -35.71 -35.27
N LYS D 73 -5.02 -34.66 -34.89
CA LYS D 73 -5.50 -34.47 -33.52
C LYS D 73 -6.97 -34.03 -33.53
N LYS D 74 -7.53 -33.65 -32.38
CA LYS D 74 -8.88 -33.13 -32.30
C LYS D 74 -8.87 -31.86 -31.49
N PHE D 75 -9.55 -30.83 -31.99
CA PHE D 75 -9.66 -29.58 -31.27
C PHE D 75 -11.13 -29.44 -31.00
N LEU D 76 -11.53 -29.63 -29.74
CA LEU D 76 -12.93 -29.62 -29.32
C LEU D 76 -13.72 -30.68 -30.08
N GLY D 77 -13.15 -31.88 -30.17
CA GLY D 77 -13.77 -33.02 -30.84
C GLY D 77 -13.71 -33.00 -32.36
N ARG D 78 -13.31 -31.87 -32.95
CA ARG D 78 -13.24 -31.75 -34.40
C ARG D 78 -11.84 -32.06 -34.90
N PRO D 79 -11.69 -33.06 -35.79
CA PRO D 79 -10.35 -33.39 -36.29
C PRO D 79 -9.61 -32.21 -36.92
N ILE D 80 -8.38 -31.99 -36.48
CA ILE D 80 -7.53 -30.91 -36.95
C ILE D 80 -6.15 -31.50 -37.17
N GLU D 81 -5.55 -31.20 -38.31
CA GLU D 81 -4.20 -31.66 -38.58
C GLU D 81 -3.25 -30.51 -38.29
N VAL D 82 -2.28 -30.74 -37.40
CA VAL D 82 -1.30 -29.72 -37.02
C VAL D 82 0.13 -30.25 -37.22
N TRP D 83 1.14 -29.37 -37.10
CA TRP D 83 2.55 -29.77 -37.23
C TRP D 83 3.17 -29.76 -35.84
N LYS D 84 3.72 -30.89 -35.40
CA LYS D 84 4.41 -31.01 -34.13
C LYS D 84 5.83 -30.55 -34.39
N LEU D 85 6.20 -29.40 -33.85
CA LEU D 85 7.53 -28.81 -34.03
C LEU D 85 8.43 -29.19 -32.85
N TYR D 86 9.48 -30.00 -33.11
CA TYR D 86 10.38 -30.45 -32.06
C TYR D 86 11.57 -29.52 -31.89
N PHE D 87 12.07 -29.41 -30.65
CA PHE D 87 13.25 -28.59 -30.32
C PHE D 87 14.29 -29.41 -29.55
N THR D 88 15.54 -28.90 -29.44
CA THR D 88 16.59 -29.61 -28.73
C THR D 88 16.41 -29.46 -27.23
N HIS D 89 16.14 -28.23 -26.77
CA HIS D 89 16.03 -27.89 -25.36
C HIS D 89 14.72 -27.19 -25.02
N PRO D 90 14.10 -27.47 -23.87
CA PRO D 90 12.84 -26.78 -23.53
C PRO D 90 12.94 -25.26 -23.47
N GLN D 91 14.11 -24.69 -23.08
CA GLN D 91 14.27 -23.23 -23.06
C GLN D 91 14.32 -22.60 -24.48
N ASP D 92 14.39 -23.43 -25.53
CA ASP D 92 14.31 -22.98 -26.91
C ASP D 92 12.89 -22.48 -27.17
N GLN D 93 11.87 -23.18 -26.64
CA GLN D 93 10.46 -22.85 -26.81
C GLN D 93 10.13 -21.38 -26.49
N PRO D 94 10.40 -20.84 -25.26
CA PRO D 94 10.08 -19.41 -25.01
C PRO D 94 10.86 -18.46 -25.91
N ALA D 95 12.06 -18.86 -26.35
CA ALA D 95 12.89 -18.03 -27.22
C ALA D 95 12.38 -17.93 -28.66
N ILE D 96 11.74 -18.99 -29.19
CA ILE D 96 11.31 -19.00 -30.60
C ILE D 96 9.78 -19.03 -30.84
N ARG D 97 8.94 -19.35 -29.84
CA ARG D 97 7.50 -19.49 -30.07
C ARG D 97 6.82 -18.23 -30.63
N ASP D 98 7.21 -17.04 -30.18
CA ASP D 98 6.61 -15.81 -30.68
C ASP D 98 6.96 -15.57 -32.15
N LYS D 99 8.21 -15.86 -32.54
CA LYS D 99 8.64 -15.71 -33.94
C LYS D 99 7.90 -16.69 -34.86
N ILE D 100 7.60 -17.90 -34.36
CA ILE D 100 6.85 -18.87 -35.16
C ILE D 100 5.39 -18.43 -35.27
N LYS D 101 4.79 -17.99 -34.17
CA LYS D 101 3.41 -17.51 -34.17
C LYS D 101 3.24 -16.31 -35.11
N GLU D 102 4.22 -15.38 -35.10
CA GLU D 102 4.18 -14.18 -35.93
C GLU D 102 4.40 -14.44 -37.43
N HIS D 103 4.84 -15.65 -37.81
CA HIS D 103 5.03 -16.00 -39.23
C HIS D 103 3.68 -15.94 -39.95
N PRO D 104 3.65 -15.29 -41.14
CA PRO D 104 2.36 -15.13 -41.85
C PRO D 104 1.61 -16.43 -42.18
N ALA D 105 2.34 -17.53 -42.36
CA ALA D 105 1.73 -18.81 -42.69
C ALA D 105 1.24 -19.62 -41.48
N VAL D 106 1.47 -19.12 -40.25
CA VAL D 106 1.05 -19.82 -39.04
C VAL D 106 -0.22 -19.17 -38.50
N VAL D 107 -1.30 -19.93 -38.43
CA VAL D 107 -2.59 -19.47 -37.94
C VAL D 107 -2.53 -19.31 -36.43
N ASP D 108 -2.01 -20.34 -35.74
CA ASP D 108 -1.88 -20.34 -34.29
C ASP D 108 -0.94 -21.44 -33.82
N ILE D 109 -0.43 -21.31 -32.59
CA ILE D 109 0.45 -22.30 -31.96
C ILE D 109 -0.19 -22.84 -30.67
N TYR D 110 0.13 -24.10 -30.29
CA TYR D 110 -0.50 -24.74 -29.12
C TYR D 110 0.50 -25.50 -28.26
N GLU D 111 0.16 -25.71 -26.99
CA GLU D 111 0.96 -26.45 -26.00
C GLU D 111 2.43 -26.05 -26.01
N TYR D 112 2.66 -24.74 -25.94
CA TYR D 112 3.98 -24.10 -25.95
C TYR D 112 4.45 -23.62 -24.57
N ASP D 113 3.61 -23.76 -23.53
CA ASP D 113 3.95 -23.28 -22.20
C ASP D 113 3.75 -24.35 -21.15
N ILE D 114 4.04 -25.61 -21.50
CA ILE D 114 3.91 -26.70 -20.55
C ILE D 114 5.32 -26.96 -20.02
N PRO D 115 5.55 -26.83 -18.70
CA PRO D 115 6.89 -27.12 -18.16
C PRO D 115 7.36 -28.51 -18.53
N PHE D 116 8.60 -28.62 -19.01
CA PHE D 116 9.21 -29.86 -19.48
C PHE D 116 9.06 -31.10 -18.59
N ALA D 117 9.32 -30.97 -17.28
CA ALA D 117 9.20 -32.10 -16.36
C ALA D 117 7.75 -32.58 -16.18
N LYS D 118 6.79 -31.66 -16.23
CA LYS D 118 5.37 -32.02 -16.12
C LYS D 118 4.89 -32.63 -17.44
N ARG D 119 5.38 -32.12 -18.58
CA ARG D 119 5.11 -32.65 -19.92
C ARG D 119 5.54 -34.12 -19.98
N TYR D 120 6.72 -34.44 -19.38
CA TYR D 120 7.23 -35.79 -19.30
C TYR D 120 6.27 -36.72 -18.54
N LEU D 121 5.80 -36.30 -17.35
CA LEU D 121 4.87 -37.11 -16.55
C LEU D 121 3.60 -37.42 -17.31
N ILE D 122 3.08 -36.44 -18.06
CA ILE D 122 1.86 -36.60 -18.85
C ILE D 122 2.09 -37.54 -20.05
N ASP D 123 3.08 -37.23 -20.90
CA ASP D 123 3.37 -37.98 -22.12
C ASP D 123 3.76 -39.43 -21.86
N LYS D 124 4.43 -39.70 -20.73
CA LYS D 124 4.80 -41.07 -20.38
C LYS D 124 3.72 -41.83 -19.59
N GLY D 125 2.64 -41.16 -19.22
CA GLY D 125 1.57 -41.78 -18.45
C GLY D 125 1.97 -42.11 -17.02
N LEU D 126 2.93 -41.37 -16.48
CA LEU D 126 3.44 -41.62 -15.14
C LEU D 126 2.65 -40.84 -14.11
N ILE D 127 2.31 -41.47 -12.99
CA ILE D 127 1.56 -40.81 -11.92
C ILE D 127 2.33 -40.88 -10.60
N PRO D 128 2.70 -39.73 -10.01
CA PRO D 128 3.42 -39.77 -8.73
C PRO D 128 2.59 -40.28 -7.56
N MET D 129 3.28 -40.78 -6.52
CA MET D 129 2.72 -41.28 -5.25
C MET D 129 1.84 -42.53 -5.39
N GLU D 130 2.13 -43.41 -6.36
CA GLU D 130 1.36 -44.65 -6.52
C GLU D 130 2.05 -45.81 -5.81
N GLY D 131 1.26 -46.70 -5.21
CA GLY D 131 1.79 -47.87 -4.53
C GLY D 131 1.76 -47.85 -3.02
N ASP D 132 2.03 -49.01 -2.41
CA ASP D 132 2.06 -49.17 -0.96
C ASP D 132 3.46 -48.90 -0.40
N GLU D 133 4.16 -47.90 -0.95
CA GLU D 133 5.49 -47.54 -0.50
C GLU D 133 5.41 -46.69 0.76
N GLU D 134 6.21 -47.03 1.77
CA GLU D 134 6.24 -46.29 3.03
C GLU D 134 7.30 -45.20 2.98
N LEU D 135 6.90 -43.96 3.24
CA LEU D 135 7.83 -42.84 3.20
C LEU D 135 8.29 -42.43 4.59
N LYS D 136 9.60 -42.16 4.72
CA LYS D 136 10.19 -41.73 5.98
C LYS D 136 10.02 -40.21 6.07
N MET D 137 9.49 -39.70 7.18
CA MET D 137 9.26 -38.26 7.31
C MET D 137 9.98 -37.64 8.49
N LEU D 138 10.37 -36.37 8.35
CA LEU D 138 11.07 -35.64 9.39
C LEU D 138 10.63 -34.19 9.36
N ALA D 139 10.15 -33.66 10.50
CA ALA D 139 9.76 -32.26 10.59
C ALA D 139 10.87 -31.46 11.22
N PHE D 140 10.93 -30.16 10.93
CA PHE D 140 11.93 -29.28 11.56
C PHE D 140 11.41 -27.87 11.74
N ALA D 141 11.98 -27.18 12.73
CA ALA D 141 11.67 -25.80 13.10
C ALA D 141 12.94 -25.11 13.60
N ILE D 142 12.96 -23.77 13.56
CA ILE D 142 14.11 -22.99 14.04
C ILE D 142 13.67 -21.88 15.01
N ALA D 143 14.51 -21.61 16.02
CA ALA D 143 14.32 -20.51 16.99
C ALA D 143 15.45 -19.54 16.70
N THR D 144 15.15 -18.27 16.45
CA THR D 144 16.17 -17.29 16.09
C THR D 144 16.29 -16.13 17.08
N LEU D 145 17.41 -15.38 17.02
CA LEU D 145 17.61 -14.22 17.88
C LEU D 145 17.11 -13.00 17.14
N TYR D 146 15.96 -12.47 17.56
CA TYR D 146 15.37 -11.31 16.90
C TYR D 146 15.48 -10.03 17.71
N HIS D 147 15.79 -8.93 17.02
CA HIS D 147 15.88 -7.59 17.56
C HIS D 147 15.20 -6.67 16.56
N GLU D 148 14.18 -5.91 16.99
CA GLU D 148 13.45 -5.02 16.09
C GLU D 148 14.34 -4.01 15.35
N GLY D 149 14.02 -3.75 14.09
CA GLY D 149 14.74 -2.80 13.27
C GLY D 149 16.05 -3.35 12.71
N GLU D 150 16.06 -4.66 12.39
CA GLU D 150 17.25 -5.29 11.82
C GLU D 150 16.90 -5.98 10.50
N GLU D 151 17.91 -6.21 9.65
CA GLU D 151 17.70 -6.87 8.38
C GLU D 151 17.37 -8.36 8.57
N PHE D 152 16.83 -9.01 7.52
CA PHE D 152 16.48 -10.43 7.61
C PHE D 152 17.71 -11.28 7.88
N ALA D 153 17.59 -12.19 8.87
CA ALA D 153 18.63 -13.12 9.31
C ALA D 153 19.92 -12.45 9.75
N GLU D 154 19.83 -11.24 10.31
CA GLU D 154 21.00 -10.54 10.83
C GLU D 154 21.48 -11.20 12.14
N GLY D 155 20.54 -11.69 12.95
CA GLY D 155 20.83 -12.40 14.19
C GLY D 155 20.94 -13.89 13.96
N PRO D 156 21.64 -14.61 14.85
CA PRO D 156 21.82 -16.05 14.63
C PRO D 156 20.62 -16.93 14.92
N ILE D 157 20.68 -18.17 14.41
CA ILE D 157 19.72 -19.19 14.74
C ILE D 157 20.23 -19.70 16.10
N LEU D 158 19.34 -19.77 17.07
CA LEU D 158 19.68 -20.20 18.41
C LEU D 158 19.48 -21.69 18.59
N MET D 159 18.40 -22.23 18.00
CA MET D 159 18.06 -23.64 18.12
C MET D 159 17.45 -24.18 16.83
N ILE D 160 17.76 -25.42 16.49
CA ILE D 160 17.12 -26.10 15.36
C ILE D 160 16.52 -27.37 15.97
N SER D 161 15.21 -27.53 15.88
CA SER D 161 14.57 -28.72 16.41
C SER D 161 14.04 -29.61 15.29
N TYR D 162 13.97 -30.91 15.54
CA TYR D 162 13.49 -31.86 14.57
C TYR D 162 12.68 -32.96 15.24
N ALA D 163 11.74 -33.55 14.50
CA ALA D 163 10.92 -34.62 15.06
C ALA D 163 10.50 -35.63 14.04
N ASP D 164 10.44 -36.87 14.46
CA ASP D 164 9.98 -37.98 13.65
C ASP D 164 9.28 -39.02 14.55
N GLU D 165 9.03 -40.24 14.04
CA GLU D 165 8.38 -41.29 14.82
C GLU D 165 9.19 -41.65 16.09
N GLU D 166 10.52 -41.49 16.05
CA GLU D 166 11.40 -41.78 17.17
C GLU D 166 11.44 -40.70 18.27
N GLY D 167 10.83 -39.55 18.02
CA GLY D 167 10.81 -38.48 19.01
C GLY D 167 11.30 -37.14 18.49
N ALA D 168 11.39 -36.15 19.39
CA ALA D 168 11.83 -34.80 19.06
C ALA D 168 13.08 -34.37 19.82
N ARG D 169 14.02 -33.70 19.14
CA ARG D 169 15.26 -33.21 19.73
C ARG D 169 15.54 -31.76 19.35
N VAL D 170 16.39 -31.08 20.13
CA VAL D 170 16.74 -29.67 19.88
C VAL D 170 18.25 -29.54 19.86
N ILE D 171 18.81 -28.94 18.81
CA ILE D 171 20.24 -28.68 18.75
C ILE D 171 20.44 -27.21 19.08
N THR D 172 21.27 -26.89 20.07
CA THR D 172 21.55 -25.49 20.43
C THR D 172 23.02 -25.29 20.80
N TRP D 173 23.49 -24.04 20.77
CA TRP D 173 24.89 -23.76 21.09
C TRP D 173 25.09 -23.06 22.45
N LYS D 174 24.14 -23.29 23.38
CA LYS D 174 24.20 -22.86 24.78
C LYS D 174 23.89 -24.07 25.67
N ASN D 175 24.53 -24.15 26.85
CA ASN D 175 24.37 -25.31 27.71
C ASN D 175 23.04 -25.38 28.47
N ILE D 176 22.02 -25.96 27.83
CA ILE D 176 20.72 -26.17 28.44
C ILE D 176 20.66 -27.62 28.90
N ASP D 177 20.28 -27.84 30.16
CA ASP D 177 20.22 -29.20 30.71
C ASP D 177 18.84 -29.85 30.62
N LEU D 178 18.52 -30.39 29.43
CA LEU D 178 17.29 -31.13 29.16
C LEU D 178 17.66 -32.44 28.45
N PRO D 179 16.89 -33.53 28.64
CA PRO D 179 17.26 -34.82 28.00
C PRO D 179 17.26 -34.79 26.48
N TYR D 180 16.34 -34.02 25.89
CA TYR D 180 16.21 -33.91 24.44
C TYR D 180 17.02 -32.77 23.81
N VAL D 181 17.92 -32.12 24.57
CA VAL D 181 18.71 -31.02 24.04
C VAL D 181 20.16 -31.45 23.79
N ASP D 182 20.64 -31.26 22.56
CA ASP D 182 21.99 -31.56 22.15
C ASP D 182 22.75 -30.25 22.05
N VAL D 183 23.75 -30.09 22.92
CA VAL D 183 24.53 -28.87 23.01
C VAL D 183 25.81 -28.97 22.18
N VAL D 184 26.02 -27.97 21.31
CA VAL D 184 27.20 -27.86 20.46
C VAL D 184 27.94 -26.53 20.77
N SER D 185 29.15 -26.37 20.23
CA SER D 185 29.98 -25.20 20.49
C SER D 185 29.52 -23.89 19.84
N THR D 186 29.10 -23.94 18.57
CA THR D 186 28.74 -22.72 17.85
C THR D 186 27.49 -22.88 16.95
N GLU D 187 26.97 -21.77 16.41
CA GLU D 187 25.87 -21.77 15.46
C GLU D 187 26.28 -22.58 14.21
N LYS D 188 27.56 -22.51 13.80
CA LYS D 188 28.06 -23.27 12.67
C LYS D 188 27.95 -24.77 12.95
N GLU D 189 28.39 -25.22 14.13
CA GLU D 189 28.30 -26.64 14.48
C GLU D 189 26.86 -27.12 14.60
N MET D 190 25.93 -26.25 15.02
CA MET D 190 24.51 -26.60 15.12
C MET D 190 23.90 -26.85 13.74
N ILE D 191 24.20 -25.98 12.77
CA ILE D 191 23.70 -26.11 11.41
C ILE D 191 24.29 -27.35 10.75
N LYS D 192 25.59 -27.58 10.96
CA LYS D 192 26.30 -28.76 10.44
C LYS D 192 25.75 -30.04 11.07
N ARG D 193 25.38 -30.00 12.36
CA ARG D 193 24.82 -31.14 13.06
C ARG D 193 23.44 -31.44 12.48
N PHE D 194 22.61 -30.40 12.25
CA PHE D 194 21.30 -30.58 11.65
C PHE D 194 21.40 -31.17 10.24
N LEU D 195 22.36 -30.69 9.44
CA LEU D 195 22.61 -31.21 8.10
C LEU D 195 23.01 -32.70 8.18
N LYS D 196 23.83 -33.06 9.19
CA LYS D 196 24.25 -34.43 9.43
C LYS D 196 23.04 -35.32 9.81
N VAL D 197 22.15 -34.83 10.69
CA VAL D 197 20.95 -35.55 11.12
C VAL D 197 20.06 -35.87 9.92
N VAL D 198 19.88 -34.90 9.00
CA VAL D 198 19.03 -35.15 7.84
C VAL D 198 19.70 -36.11 6.85
N LYS D 199 21.04 -36.08 6.74
CA LYS D 199 21.76 -36.99 5.86
C LYS D 199 21.70 -38.42 6.41
N GLU D 200 21.84 -38.58 7.73
CA GLU D 200 21.78 -39.88 8.39
C GLU D 200 20.39 -40.48 8.33
N LYS D 201 19.37 -39.72 8.76
CA LYS D 201 17.99 -40.19 8.73
C LYS D 201 17.50 -40.42 7.30
N ASP D 202 18.00 -39.62 6.33
CA ASP D 202 17.66 -39.69 4.91
C ASP D 202 16.14 -39.74 4.68
N PRO D 203 15.42 -38.70 5.15
CA PRO D 203 13.96 -38.73 5.00
C PRO D 203 13.48 -38.43 3.59
N ASP D 204 12.39 -39.08 3.22
CA ASP D 204 11.74 -38.85 1.94
C ASP D 204 10.96 -37.53 1.99
N VAL D 205 10.40 -37.17 3.15
CA VAL D 205 9.60 -35.94 3.32
C VAL D 205 10.18 -35.05 4.43
N LEU D 206 10.38 -33.76 4.13
CA LEU D 206 10.84 -32.78 5.12
C LEU D 206 9.64 -31.89 5.39
N ILE D 207 9.07 -31.96 6.60
CA ILE D 207 7.88 -31.18 6.96
C ILE D 207 8.22 -29.87 7.66
N THR D 208 7.63 -28.76 7.21
CA THR D 208 7.83 -27.45 7.83
C THR D 208 6.46 -26.75 8.00
N TYR D 209 6.42 -25.67 8.80
CA TYR D 209 5.24 -24.84 8.88
C TYR D 209 5.75 -23.46 8.50
N ASN D 210 5.54 -23.09 7.24
CA ASN D 210 6.01 -21.85 6.61
C ASN D 210 7.52 -21.86 6.30
N GLY D 211 8.08 -23.05 6.07
CA GLY D 211 9.48 -23.20 5.70
C GLY D 211 9.79 -22.63 4.32
N ASP D 212 8.76 -22.56 3.44
CA ASP D 212 8.85 -21.99 2.10
C ASP D 212 9.21 -20.50 2.15
N ASN D 213 8.79 -19.80 3.22
CA ASN D 213 9.01 -18.36 3.31
C ASN D 213 9.88 -17.90 4.48
N PHE D 214 10.16 -18.78 5.47
CA PHE D 214 10.98 -18.35 6.61
C PHE D 214 12.20 -19.25 6.90
N ASP D 215 11.97 -20.49 7.35
CA ASP D 215 13.00 -21.42 7.79
C ASP D 215 14.16 -21.60 6.80
N PHE D 216 13.86 -21.93 5.54
CA PHE D 216 14.89 -22.18 4.53
C PHE D 216 15.68 -20.93 4.15
N ALA D 217 15.00 -19.79 4.05
CA ALA D 217 15.67 -18.53 3.71
C ALA D 217 16.58 -18.06 4.85
N TYR D 218 16.16 -18.30 6.11
CA TYR D 218 16.95 -17.93 7.28
C TYR D 218 18.21 -18.80 7.32
N LEU D 219 18.05 -20.12 7.13
CA LEU D 219 19.16 -21.06 7.12
C LEU D 219 20.16 -20.71 6.01
N LYS D 220 19.64 -20.28 4.85
CA LYS D 220 20.46 -19.90 3.69
C LYS D 220 21.38 -18.72 4.00
N LYS D 221 20.84 -17.63 4.58
CA LYS D 221 21.62 -16.45 4.94
C LYS D 221 22.67 -16.78 6.00
N ARG D 222 22.31 -17.61 6.99
CA ARG D 222 23.25 -17.97 8.04
C ARG D 222 24.36 -18.87 7.51
N SER D 223 24.04 -19.78 6.59
CA SER D 223 25.04 -20.65 5.99
C SER D 223 26.00 -19.85 5.10
N GLU D 224 25.50 -18.81 4.41
CA GLU D 224 26.33 -17.95 3.56
C GLU D 224 27.29 -17.11 4.43
N LYS D 225 26.84 -16.70 5.62
CA LYS D 225 27.66 -15.94 6.56
C LYS D 225 28.72 -16.84 7.17
N LEU D 226 28.37 -18.08 7.51
CA LEU D 226 29.30 -19.00 8.17
C LEU D 226 30.16 -19.86 7.23
N GLY D 227 29.88 -19.82 5.93
CA GLY D 227 30.61 -20.61 4.95
C GLY D 227 30.28 -22.09 5.03
N VAL D 228 28.99 -22.41 5.17
CA VAL D 228 28.52 -23.80 5.28
C VAL D 228 27.78 -24.24 4.01
N LYS D 229 28.16 -25.38 3.44
CA LYS D 229 27.46 -25.92 2.27
C LYS D 229 26.22 -26.66 2.77
N PHE D 230 25.02 -26.05 2.67
CA PHE D 230 23.78 -26.64 3.16
C PHE D 230 23.20 -27.66 2.15
N ILE D 231 23.92 -28.76 1.95
CA ILE D 231 23.59 -29.79 1.00
C ILE D 231 22.46 -30.76 1.45
N LEU D 232 21.24 -30.25 1.66
CA LEU D 232 20.09 -31.07 2.05
C LEU D 232 19.58 -32.03 0.98
N GLY D 233 19.74 -31.67 -0.29
CA GLY D 233 19.27 -32.49 -1.39
C GLY D 233 20.00 -33.81 -1.50
N ARG D 234 19.29 -34.87 -1.94
CA ARG D 234 19.85 -36.21 -2.09
C ARG D 234 20.93 -36.33 -3.17
N GLU D 235 21.02 -35.32 -4.06
CA GLU D 235 22.06 -35.23 -5.09
C GLU D 235 23.23 -34.29 -4.64
N GLY D 236 23.24 -33.90 -3.37
CA GLY D 236 24.22 -32.95 -2.84
C GLY D 236 23.90 -31.50 -3.09
N SER D 237 22.69 -31.20 -3.59
CA SER D 237 22.29 -29.82 -3.88
C SER D 237 21.76 -29.11 -2.64
N GLU D 238 21.79 -27.78 -2.65
CA GLU D 238 21.23 -26.99 -1.57
C GLU D 238 19.74 -26.68 -1.88
N PRO D 239 18.89 -26.34 -0.88
CA PRO D 239 17.48 -26.06 -1.17
C PRO D 239 17.30 -25.01 -2.26
N LYS D 240 16.40 -25.27 -3.22
CA LYS D 240 16.15 -24.39 -4.35
C LYS D 240 14.97 -23.47 -4.07
N ILE D 241 15.25 -22.18 -3.84
CA ILE D 241 14.22 -21.20 -3.52
C ILE D 241 13.69 -20.55 -4.81
N GLN D 242 12.40 -20.77 -5.12
CA GLN D 242 11.79 -20.23 -6.33
C GLN D 242 10.59 -19.33 -5.99
N ARG D 243 10.30 -18.38 -6.87
CA ARG D 243 9.16 -17.48 -6.67
C ARG D 243 7.90 -18.19 -7.14
N MET D 244 6.84 -18.14 -6.33
CA MET D 244 5.54 -18.70 -6.68
C MET D 244 4.51 -17.62 -6.39
N GLY D 245 4.21 -16.81 -7.39
CA GLY D 245 3.29 -15.69 -7.25
C GLY D 245 3.83 -14.58 -6.38
N ASP D 246 3.07 -14.19 -5.35
CA ASP D 246 3.51 -13.14 -4.41
C ASP D 246 4.39 -13.67 -3.26
N ARG D 247 4.62 -14.99 -3.20
CA ARG D 247 5.43 -15.60 -2.14
C ARG D 247 6.55 -16.51 -2.74
N PHE D 248 7.21 -17.31 -1.91
CA PHE D 248 8.26 -18.22 -2.36
C PHE D 248 7.90 -19.66 -2.03
N ALA D 249 8.58 -20.60 -2.69
CA ALA D 249 8.42 -22.02 -2.48
C ALA D 249 9.80 -22.67 -2.54
N VAL D 250 10.06 -23.67 -1.70
CA VAL D 250 11.39 -24.28 -1.63
C VAL D 250 11.38 -25.78 -1.91
N GLU D 251 12.29 -26.22 -2.79
CA GLU D 251 12.45 -27.63 -3.12
C GLU D 251 13.71 -28.18 -2.50
N VAL D 252 13.68 -29.45 -2.12
CA VAL D 252 14.87 -30.16 -1.65
C VAL D 252 14.90 -31.36 -2.60
N LYS D 253 15.82 -31.37 -3.57
CA LYS D 253 15.86 -32.39 -4.60
C LYS D 253 16.01 -33.82 -4.07
N GLY D 254 15.18 -34.71 -4.59
CA GLY D 254 15.16 -36.10 -4.15
C GLY D 254 14.21 -36.36 -3.00
N ARG D 255 13.79 -35.29 -2.29
CA ARG D 255 12.85 -35.34 -1.17
C ARG D 255 11.61 -34.48 -1.48
N ILE D 256 10.57 -34.60 -0.65
CA ILE D 256 9.38 -33.80 -0.79
C ILE D 256 9.38 -32.80 0.34
N HIS D 257 9.59 -31.50 0.04
CA HIS D 257 9.49 -30.51 1.10
C HIS D 257 8.00 -30.24 1.23
N PHE D 258 7.40 -30.75 2.29
CA PHE D 258 5.98 -30.58 2.56
C PHE D 258 5.79 -29.45 3.53
N ASP D 259 5.48 -28.26 3.02
CA ASP D 259 5.21 -27.11 3.86
C ASP D 259 3.72 -27.19 4.16
N LEU D 260 3.38 -27.40 5.43
CA LEU D 260 2.00 -27.52 5.88
C LEU D 260 1.20 -26.24 5.72
N TYR D 261 1.84 -25.07 5.88
CA TYR D 261 1.15 -23.77 5.83
C TYR D 261 0.17 -23.62 4.63
N PRO D 262 0.59 -23.75 3.35
CA PRO D 262 -0.38 -23.60 2.25
C PRO D 262 -1.53 -24.61 2.29
N VAL D 263 -1.27 -25.83 2.74
CA VAL D 263 -2.31 -26.86 2.84
C VAL D 263 -3.33 -26.49 3.91
N ILE D 264 -2.87 -26.11 5.11
CA ILE D 264 -3.75 -25.72 6.22
C ILE D 264 -4.55 -24.47 5.88
N ARG D 265 -3.89 -23.48 5.27
CA ARG D 265 -4.48 -22.20 4.89
C ARG D 265 -5.71 -22.35 3.97
N ARG D 266 -5.72 -23.34 3.06
CA ARG D 266 -6.85 -23.57 2.16
C ARG D 266 -7.83 -24.66 2.66
N THR D 267 -7.46 -25.44 3.69
CA THR D 267 -8.29 -26.54 4.20
C THR D 267 -9.18 -26.12 5.38
N ILE D 268 -8.63 -25.39 6.34
CA ILE D 268 -9.35 -24.99 7.56
C ILE D 268 -9.62 -23.47 7.56
N ASN D 269 -10.79 -23.03 8.03
CA ASN D 269 -11.11 -21.60 8.11
C ASN D 269 -10.90 -21.11 9.55
N LEU D 270 -9.84 -20.30 9.77
CA LEU D 270 -9.50 -19.81 11.10
C LEU D 270 -9.24 -18.29 11.11
N PRO D 271 -9.45 -17.61 12.25
CA PRO D 271 -9.12 -16.18 12.31
C PRO D 271 -7.60 -15.94 12.22
N THR D 272 -6.79 -16.85 12.81
CA THR D 272 -5.34 -16.76 12.77
C THR D 272 -4.72 -18.11 12.34
N TYR D 273 -3.57 -18.06 11.64
CA TYR D 273 -2.93 -19.29 11.19
C TYR D 273 -1.57 -19.52 11.84
N THR D 274 -1.48 -19.23 13.14
CA THR D 274 -0.26 -19.52 13.88
C THR D 274 -0.23 -21.03 14.12
N LEU D 275 0.96 -21.62 14.27
CA LEU D 275 1.08 -23.06 14.50
C LEU D 275 0.27 -23.53 15.72
N GLU D 276 0.19 -22.67 16.76
CA GLU D 276 -0.58 -22.92 17.96
C GLU D 276 -2.08 -23.00 17.68
N ALA D 277 -2.61 -22.07 16.88
CA ALA D 277 -4.03 -22.04 16.54
C ALA D 277 -4.44 -23.23 15.68
N VAL D 278 -3.56 -23.66 14.77
CA VAL D 278 -3.78 -24.79 13.87
C VAL D 278 -3.79 -26.10 14.66
N TYR D 279 -2.83 -26.25 15.59
CA TYR D 279 -2.72 -27.45 16.42
C TYR D 279 -3.96 -27.64 17.29
N GLU D 280 -4.44 -26.55 17.94
CA GLU D 280 -5.63 -26.64 18.78
C GLU D 280 -6.88 -26.91 17.95
N ALA D 281 -6.97 -26.31 16.76
CA ALA D 281 -8.14 -26.52 15.89
C ALA D 281 -8.26 -27.98 15.45
N ILE D 282 -7.13 -28.63 15.18
CA ILE D 282 -7.12 -30.01 14.72
C ILE D 282 -7.19 -31.04 15.85
N PHE D 283 -6.31 -30.93 16.85
CA PHE D 283 -6.21 -31.91 17.93
C PHE D 283 -6.99 -31.60 19.21
N GLY D 284 -7.52 -30.39 19.33
CA GLY D 284 -8.27 -30.01 20.52
C GLY D 284 -7.44 -29.92 21.78
N GLN D 285 -6.15 -29.58 21.62
CA GLN D 285 -5.22 -29.46 22.74
C GLN D 285 -4.43 -28.16 22.61
N PRO D 286 -4.16 -27.46 23.72
CA PRO D 286 -3.44 -26.20 23.63
C PRO D 286 -1.94 -26.32 23.41
N LYS D 287 -1.35 -25.30 22.80
CA LYS D 287 0.09 -25.22 22.59
C LYS D 287 0.53 -23.84 23.05
N GLU D 288 1.52 -23.78 23.95
CA GLU D 288 2.01 -22.50 24.47
C GLU D 288 2.87 -21.79 23.44
N LYS D 289 2.72 -20.47 23.33
CA LYS D 289 3.49 -19.64 22.41
C LYS D 289 4.51 -18.83 23.19
N VAL D 290 5.80 -18.98 22.85
CA VAL D 290 6.85 -18.20 23.47
C VAL D 290 7.28 -17.20 22.38
N TYR D 291 7.08 -15.91 22.65
CA TYR D 291 7.34 -14.86 21.66
C TYR D 291 8.82 -14.58 21.42
N ALA D 292 9.13 -13.94 20.28
CA ALA D 292 10.48 -13.59 19.83
C ALA D 292 11.24 -12.74 20.84
N GLU D 293 10.54 -11.83 21.52
CA GLU D 293 11.12 -10.94 22.52
C GLU D 293 11.51 -11.70 23.80
N GLU D 294 10.78 -12.77 24.13
CA GLU D 294 11.06 -13.62 25.29
C GLU D 294 12.28 -14.50 24.99
N ILE D 295 12.37 -15.03 23.75
CA ILE D 295 13.47 -15.89 23.29
C ILE D 295 14.79 -15.13 23.34
N ALA D 296 14.77 -13.86 22.89
CA ALA D 296 15.96 -13.02 22.88
C ALA D 296 16.43 -12.68 24.31
N GLN D 297 15.48 -12.38 25.20
CA GLN D 297 15.79 -12.07 26.60
C GLN D 297 16.33 -13.29 27.33
N ALA D 298 15.76 -14.48 27.06
CA ALA D 298 16.20 -15.73 27.67
C ALA D 298 17.64 -16.05 27.24
N TRP D 299 17.96 -15.81 25.97
CA TRP D 299 19.29 -16.06 25.42
C TRP D 299 20.33 -15.08 25.95
N GLU D 300 20.02 -13.77 25.97
CA GLU D 300 20.96 -12.75 26.43
C GLU D 300 21.20 -12.78 27.94
N THR D 301 20.16 -13.09 28.74
CA THR D 301 20.30 -13.18 30.19
C THR D 301 20.64 -14.58 30.71
N GLY D 302 20.52 -15.60 29.86
CA GLY D 302 20.76 -16.99 30.26
C GLY D 302 19.67 -17.60 31.12
N GLU D 303 18.63 -16.84 31.44
CA GLU D 303 17.54 -17.26 32.31
C GLU D 303 16.34 -17.81 31.55
N GLY D 304 15.82 -18.94 32.02
CA GLY D 304 14.63 -19.56 31.44
C GLY D 304 14.79 -20.10 30.04
N LEU D 305 15.99 -20.59 29.71
CA LEU D 305 16.24 -21.17 28.39
C LEU D 305 15.60 -22.56 28.21
N GLU D 306 15.19 -23.22 29.32
CA GLU D 306 14.52 -24.52 29.24
C GLU D 306 13.15 -24.35 28.60
N ARG D 307 12.44 -23.26 28.92
CA ARG D 307 11.12 -22.92 28.37
C ARG D 307 11.19 -22.68 26.86
N VAL D 308 12.30 -22.07 26.38
CA VAL D 308 12.53 -21.79 24.96
C VAL D 308 12.82 -23.10 24.22
N ALA D 309 13.65 -23.97 24.81
CA ALA D 309 13.99 -25.27 24.22
C ALA D 309 12.76 -26.17 24.14
N ARG D 310 11.88 -26.10 25.15
CA ARG D 310 10.65 -26.88 25.19
C ARG D 310 9.72 -26.40 24.09
N TYR D 311 9.59 -25.06 23.93
CA TYR D 311 8.76 -24.45 22.89
C TYR D 311 9.27 -24.87 21.50
N SER D 312 10.60 -24.85 21.32
CA SER D 312 11.23 -25.24 20.05
C SER D 312 10.99 -26.73 19.76
N MET D 313 11.13 -27.59 20.77
CA MET D 313 10.89 -29.02 20.65
C MET D 313 9.44 -29.28 20.27
N GLU D 314 8.49 -28.56 20.91
CA GLU D 314 7.08 -28.76 20.61
C GLU D 314 6.69 -28.21 19.23
N ASP D 315 7.44 -27.23 18.67
CA ASP D 315 7.18 -26.74 17.32
C ASP D 315 7.43 -27.88 16.33
N ALA D 316 8.57 -28.58 16.47
CA ALA D 316 8.92 -29.70 15.61
C ALA D 316 7.96 -30.88 15.82
N LYS D 317 7.62 -31.16 17.08
CA LYS D 317 6.72 -32.26 17.43
C LYS D 317 5.33 -32.10 16.84
N VAL D 318 4.70 -30.91 17.00
CA VAL D 318 3.37 -30.68 16.45
C VAL D 318 3.40 -30.57 14.93
N THR D 319 4.51 -30.05 14.34
CA THR D 319 4.61 -30.02 12.88
C THR D 319 4.68 -31.43 12.32
N TYR D 320 5.35 -32.35 13.02
CA TYR D 320 5.40 -33.74 12.58
C TYR D 320 4.01 -34.37 12.68
N GLU D 321 3.33 -34.21 13.83
CA GLU D 321 2.00 -34.76 14.05
C GLU D 321 0.99 -34.26 13.00
N LEU D 322 1.03 -32.95 12.70
CA LEU D 322 0.15 -32.35 11.69
C LEU D 322 0.49 -32.87 10.28
N GLY D 323 1.78 -33.08 10.02
CA GLY D 323 2.26 -33.60 8.75
C GLY D 323 1.77 -35.01 8.50
N LYS D 324 1.76 -35.85 9.55
CA LYS D 324 1.28 -37.23 9.45
C LYS D 324 -0.19 -37.28 9.06
N GLU D 325 -0.99 -36.35 9.60
CA GLU D 325 -2.42 -36.30 9.32
C GLU D 325 -2.75 -35.74 7.94
N PHE D 326 -2.01 -34.73 7.49
CA PHE D 326 -2.32 -34.07 6.23
C PHE D 326 -1.63 -34.66 4.99
N PHE D 327 -0.57 -35.47 5.16
CA PHE D 327 0.09 -36.09 4.00
C PHE D 327 -0.79 -37.07 3.20
N PRO D 328 -1.60 -37.95 3.84
CA PRO D 328 -2.42 -38.88 3.04
C PRO D 328 -3.37 -38.20 2.07
N MET D 329 -3.95 -37.07 2.48
CA MET D 329 -4.88 -36.28 1.67
C MET D 329 -4.14 -35.72 0.47
N GLU D 330 -2.95 -35.16 0.68
CA GLU D 330 -2.17 -34.58 -0.40
C GLU D 330 -1.58 -35.64 -1.33
N ALA D 331 -1.25 -36.83 -0.80
CA ALA D 331 -0.75 -37.92 -1.63
C ALA D 331 -1.84 -38.44 -2.58
N GLN D 332 -3.10 -38.47 -2.10
CA GLN D 332 -4.22 -38.89 -2.94
C GLN D 332 -4.50 -37.84 -4.01
N LEU D 333 -4.39 -36.55 -3.66
CA LEU D 333 -4.58 -35.45 -4.60
C LEU D 333 -3.52 -35.49 -5.71
N SER D 334 -2.29 -35.94 -5.37
CA SER D 334 -1.20 -36.09 -6.32
C SER D 334 -1.55 -37.17 -7.36
N ARG D 335 -2.19 -38.25 -6.93
CA ARG D 335 -2.59 -39.32 -7.82
C ARG D 335 -3.74 -38.88 -8.72
N LEU D 336 -4.70 -38.13 -8.16
CA LEU D 336 -5.86 -37.65 -8.90
C LEU D 336 -5.47 -36.70 -10.04
N VAL D 337 -4.67 -35.67 -9.72
CA VAL D 337 -4.23 -34.70 -10.70
C VAL D 337 -3.14 -35.25 -11.64
N GLY D 338 -2.31 -36.15 -11.12
CA GLY D 338 -1.22 -36.72 -11.89
C GLY D 338 0.04 -35.89 -11.86
N GLN D 339 0.23 -35.10 -10.78
CA GLN D 339 1.42 -34.26 -10.60
C GLN D 339 2.05 -34.49 -9.20
N SER D 340 3.31 -34.06 -9.00
CA SER D 340 4.01 -34.28 -7.73
C SER D 340 3.31 -33.67 -6.51
N LEU D 341 3.56 -34.23 -5.32
CA LEU D 341 2.97 -33.73 -4.07
C LEU D 341 3.41 -32.29 -3.82
N TRP D 342 4.68 -31.96 -4.12
CA TRP D 342 5.20 -30.60 -3.95
C TRP D 342 4.34 -29.60 -4.76
N ASP D 343 4.01 -29.96 -6.01
CA ASP D 343 3.19 -29.12 -6.87
C ASP D 343 1.73 -29.04 -6.44
N VAL D 344 1.05 -30.19 -6.24
CA VAL D 344 -0.37 -30.17 -5.88
C VAL D 344 -0.63 -29.52 -4.51
N SER D 345 0.33 -29.61 -3.56
CA SER D 345 0.14 -29.00 -2.25
C SER D 345 0.22 -27.47 -2.24
N ARG D 346 0.85 -26.88 -3.26
CA ARG D 346 1.04 -25.44 -3.35
C ARG D 346 0.20 -24.76 -4.44
N SER D 347 -0.35 -25.53 -5.40
CA SER D 347 -1.12 -24.95 -6.49
C SER D 347 -2.61 -24.72 -6.15
N SER D 348 -3.21 -23.71 -6.80
CA SER D 348 -4.61 -23.36 -6.66
C SER D 348 -5.54 -24.44 -7.22
N THR D 349 -6.84 -24.38 -6.93
CA THR D 349 -7.83 -25.34 -7.42
C THR D 349 -7.97 -25.31 -8.94
N GLY D 350 -7.85 -24.13 -9.53
CA GLY D 350 -7.94 -23.97 -10.97
C GLY D 350 -6.80 -24.66 -11.68
N ASN D 351 -5.59 -24.64 -11.09
CA ASN D 351 -4.44 -25.31 -11.68
C ASN D 351 -4.55 -26.81 -11.54
N LEU D 352 -5.18 -27.31 -10.46
CA LEU D 352 -5.39 -28.75 -10.29
C LEU D 352 -6.33 -29.26 -11.38
N VAL D 353 -7.43 -28.52 -11.65
CA VAL D 353 -8.40 -28.87 -12.68
C VAL D 353 -7.71 -28.87 -14.04
N GLU D 354 -6.93 -27.83 -14.33
CA GLU D 354 -6.23 -27.69 -15.58
C GLU D 354 -5.17 -28.75 -15.81
N TRP D 355 -4.38 -29.10 -14.78
CA TRP D 355 -3.36 -30.14 -14.92
C TRP D 355 -3.97 -31.52 -15.12
N PHE D 356 -5.17 -31.74 -14.55
CA PHE D 356 -5.93 -32.97 -14.71
C PHE D 356 -6.44 -33.01 -16.14
N LEU D 357 -7.02 -31.90 -16.65
CA LEU D 357 -7.53 -31.84 -18.02
C LEU D 357 -6.42 -31.96 -19.06
N LEU D 358 -5.21 -31.41 -18.82
CA LEU D 358 -4.10 -31.51 -19.77
C LEU D 358 -3.64 -32.96 -19.95
N ARG D 359 -3.68 -33.75 -18.86
CA ARG D 359 -3.32 -35.15 -18.87
C ARG D 359 -4.39 -35.94 -19.62
N LYS D 360 -5.68 -35.68 -19.33
CA LYS D 360 -6.80 -36.35 -19.98
C LYS D 360 -6.86 -35.99 -21.47
N ALA D 361 -6.53 -34.75 -21.83
CA ALA D 361 -6.51 -34.32 -23.23
C ALA D 361 -5.42 -35.09 -23.98
N TYR D 362 -4.26 -35.29 -23.35
CA TYR D 362 -3.18 -36.05 -23.96
C TYR D 362 -3.62 -37.51 -24.20
N GLU D 363 -4.28 -38.11 -23.20
CA GLU D 363 -4.76 -39.48 -23.30
C GLU D 363 -5.74 -39.66 -24.46
N ARG D 364 -6.57 -38.64 -24.70
CA ARG D 364 -7.60 -38.66 -25.73
C ARG D 364 -7.21 -37.98 -27.06
N ASN D 365 -5.91 -37.69 -27.26
CA ASN D 365 -5.41 -37.06 -28.50
C ASN D 365 -6.14 -35.74 -28.82
N GLU D 366 -6.43 -34.98 -27.78
CA GLU D 366 -7.12 -33.71 -27.86
C GLU D 366 -6.12 -32.56 -27.66
N LEU D 367 -6.10 -31.60 -28.59
CA LEU D 367 -5.25 -30.42 -28.49
C LEU D 367 -5.80 -29.58 -27.37
N ALA D 368 -4.91 -29.06 -26.51
CA ALA D 368 -5.36 -28.19 -25.44
C ALA D 368 -5.55 -26.79 -26.00
N PRO D 369 -6.68 -26.13 -25.71
CA PRO D 369 -6.81 -24.73 -26.11
C PRO D 369 -5.79 -23.87 -25.31
N ASN D 370 -5.35 -22.75 -25.88
CA ASN D 370 -4.39 -21.91 -25.18
C ASN D 370 -5.03 -21.10 -24.09
N LYS D 371 -4.21 -20.61 -23.15
CA LYS D 371 -4.69 -19.70 -22.12
C LYS D 371 -4.94 -18.35 -22.84
N PRO D 372 -5.89 -17.55 -22.34
CA PRO D 372 -6.19 -16.27 -23.00
C PRO D 372 -5.09 -15.21 -22.88
N ASP D 373 -5.04 -14.27 -23.83
CA ASP D 373 -4.11 -13.14 -23.74
C ASP D 373 -4.81 -12.01 -22.91
N GLU D 374 -4.13 -10.87 -22.66
CA GLU D 374 -4.75 -9.80 -21.88
C GLU D 374 -6.06 -9.25 -22.48
N ARG D 375 -6.13 -9.19 -23.81
CA ARG D 375 -7.32 -8.72 -24.51
C ARG D 375 -8.48 -9.71 -24.33
N GLU D 376 -8.22 -11.02 -24.50
CA GLU D 376 -9.24 -12.06 -24.33
C GLU D 376 -9.68 -12.16 -22.88
N LEU D 377 -8.75 -11.98 -21.93
CA LEU D 377 -9.07 -11.99 -20.50
C LEU D 377 -10.09 -10.89 -20.17
N ALA D 378 -9.92 -9.69 -20.74
CA ALA D 378 -10.82 -8.55 -20.55
C ALA D 378 -12.22 -8.82 -21.14
N ARG D 379 -12.28 -9.61 -22.21
CA ARG D 379 -13.52 -10.01 -22.88
C ARG D 379 -14.29 -11.04 -22.03
N ARG D 380 -13.60 -11.83 -21.19
CA ARG D 380 -14.22 -12.88 -20.40
C ARG D 380 -14.58 -12.48 -18.96
N ARG D 381 -14.68 -11.17 -18.68
CA ARG D 381 -15.03 -10.73 -17.32
C ARG D 381 -16.54 -10.54 -17.11
N GLU D 382 -17.38 -10.75 -18.15
CA GLU D 382 -18.82 -10.61 -18.05
C GLU D 382 -19.37 -11.73 -17.19
N SER D 383 -20.37 -11.40 -16.36
CA SER D 383 -20.97 -12.40 -15.48
C SER D 383 -22.17 -13.08 -16.15
N TYR D 384 -22.80 -13.99 -15.43
CA TYR D 384 -23.98 -14.72 -15.89
C TYR D 384 -24.85 -15.04 -14.67
N ALA D 385 -26.11 -15.44 -14.89
CA ALA D 385 -27.01 -15.73 -13.78
C ALA D 385 -26.61 -17.00 -13.04
N GLY D 386 -26.61 -16.93 -11.72
CA GLY D 386 -26.19 -18.05 -10.89
C GLY D 386 -27.33 -18.83 -10.30
N GLY D 387 -27.19 -19.25 -9.05
CA GLY D 387 -28.21 -20.02 -8.37
C GLY D 387 -29.41 -19.22 -7.94
N TYR D 388 -30.52 -19.92 -7.69
CA TYR D 388 -31.76 -19.28 -7.26
C TYR D 388 -31.84 -19.27 -5.74
N VAL D 389 -32.04 -18.08 -5.14
CA VAL D 389 -32.18 -17.97 -3.70
C VAL D 389 -33.56 -17.39 -3.39
N LYS D 390 -34.42 -18.22 -2.78
CA LYS D 390 -35.78 -17.84 -2.44
C LYS D 390 -35.80 -16.94 -1.21
N GLU D 391 -36.67 -15.91 -1.19
CA GLU D 391 -36.82 -15.05 -0.01
C GLU D 391 -37.54 -15.90 1.04
N PRO D 392 -36.96 -16.02 2.24
CA PRO D 392 -37.56 -16.92 3.24
C PRO D 392 -38.90 -16.47 3.82
N GLU D 393 -39.68 -17.43 4.32
CA GLU D 393 -40.97 -17.17 4.94
C GLU D 393 -40.71 -16.85 6.39
N ARG D 394 -40.95 -15.60 6.79
CA ARG D 394 -40.72 -15.13 8.16
C ARG D 394 -41.56 -15.90 9.19
N GLY D 395 -41.01 -16.03 10.40
CA GLY D 395 -41.66 -16.73 11.50
C GLY D 395 -40.95 -17.99 11.96
N LEU D 396 -41.46 -18.60 13.02
CA LEU D 396 -40.90 -19.85 13.56
C LEU D 396 -41.65 -21.00 12.92
N TRP D 397 -40.92 -22.02 12.42
CA TRP D 397 -41.56 -23.16 11.76
C TRP D 397 -41.21 -24.47 12.46
N GLU D 398 -42.15 -25.42 12.48
CA GLU D 398 -41.92 -26.70 13.13
C GLU D 398 -41.95 -27.88 12.17
N ASN D 399 -41.23 -28.96 12.51
CA ASN D 399 -41.19 -30.21 11.75
C ASN D 399 -40.80 -29.97 10.31
N ILE D 400 -39.56 -29.51 10.11
CA ILE D 400 -39.06 -29.14 8.80
C ILE D 400 -38.03 -30.14 8.24
N VAL D 401 -38.17 -30.47 6.96
CA VAL D 401 -37.24 -31.37 6.28
C VAL D 401 -36.36 -30.56 5.34
N TYR D 402 -35.10 -30.97 5.20
CA TYR D 402 -34.17 -30.34 4.29
C TYR D 402 -33.86 -31.33 3.17
N LEU D 403 -34.30 -31.02 1.95
CA LEU D 403 -34.06 -31.87 0.80
C LEU D 403 -33.05 -31.16 -0.09
N ASP D 404 -32.03 -31.88 -0.57
CA ASP D 404 -30.95 -31.26 -1.34
C ASP D 404 -30.43 -32.19 -2.42
N PHE D 405 -30.18 -31.66 -3.62
CA PHE D 405 -29.67 -32.47 -4.73
C PHE D 405 -28.25 -32.95 -4.49
N ARG D 406 -27.98 -34.21 -4.86
CA ARG D 406 -26.66 -34.81 -4.76
C ARG D 406 -25.81 -34.24 -5.90
N SER D 407 -24.61 -33.70 -5.60
CA SER D 407 -23.66 -33.12 -6.60
C SER D 407 -24.38 -32.43 -7.79
N LEU D 408 -25.24 -31.43 -7.49
CA LEU D 408 -26.09 -30.82 -8.52
C LEU D 408 -25.38 -30.43 -9.82
N TYR D 409 -24.49 -29.43 -9.81
CA TYR D 409 -23.85 -28.94 -11.02
C TYR D 409 -23.07 -30.06 -11.77
N PRO D 410 -22.25 -30.90 -11.11
CA PRO D 410 -21.60 -32.00 -11.85
C PRO D 410 -22.61 -32.99 -12.46
N SER D 411 -23.73 -33.29 -11.77
CA SER D 411 -24.77 -34.18 -12.30
C SER D 411 -25.45 -33.59 -13.52
N ILE D 412 -25.62 -32.25 -13.56
CA ILE D 412 -26.21 -31.56 -14.70
C ILE D 412 -25.25 -31.68 -15.91
N ILE D 413 -23.94 -31.51 -15.68
CA ILE D 413 -22.93 -31.61 -16.72
C ILE D 413 -22.91 -33.01 -17.34
N ILE D 414 -22.99 -34.04 -16.49
CA ILE D 414 -23.02 -35.42 -16.97
C ILE D 414 -24.33 -35.72 -17.72
N THR D 415 -25.48 -35.44 -17.09
CA THR D 415 -26.81 -35.73 -17.67
C THR D 415 -27.06 -35.03 -18.99
N HIS D 416 -26.79 -33.72 -19.06
CA HIS D 416 -27.07 -32.96 -20.26
C HIS D 416 -25.87 -32.77 -21.20
N ASN D 417 -24.74 -33.47 -20.92
CA ASN D 417 -23.54 -33.46 -21.76
C ASN D 417 -23.03 -32.03 -22.02
N VAL D 418 -23.00 -31.20 -20.95
CA VAL D 418 -22.60 -29.79 -21.03
C VAL D 418 -21.10 -29.66 -21.19
N SER D 419 -20.65 -29.37 -22.42
CA SER D 419 -19.23 -29.30 -22.74
C SER D 419 -18.95 -28.35 -23.90
N PRO D 420 -17.74 -27.72 -23.99
CA PRO D 420 -17.48 -26.84 -25.14
C PRO D 420 -17.50 -27.56 -26.48
N ASP D 421 -17.20 -28.87 -26.49
CA ASP D 421 -17.16 -29.66 -27.71
C ASP D 421 -18.53 -30.18 -28.18
N THR D 422 -19.56 -30.08 -27.33
CA THR D 422 -20.92 -30.48 -27.68
C THR D 422 -21.86 -29.27 -27.88
N LEU D 423 -21.43 -28.06 -27.44
CA LEU D 423 -22.19 -26.82 -27.55
C LEU D 423 -22.46 -26.46 -29.02
N ASN D 424 -23.74 -26.38 -29.39
CA ASN D 424 -24.19 -26.01 -30.72
C ASN D 424 -23.47 -26.77 -31.85
N ARG D 425 -23.12 -28.05 -31.60
CA ARG D 425 -22.47 -28.85 -32.62
C ARG D 425 -23.54 -29.33 -33.57
N GLU D 426 -23.44 -28.96 -34.84
CA GLU D 426 -24.45 -29.35 -35.83
C GLU D 426 -24.27 -30.78 -36.31
N GLY D 427 -25.35 -31.36 -36.84
CA GLY D 427 -25.33 -32.70 -37.38
C GLY D 427 -25.79 -33.81 -36.46
N CYS D 428 -26.05 -33.51 -35.17
CA CYS D 428 -26.47 -34.53 -34.23
C CYS D 428 -27.95 -34.90 -34.36
N GLU D 429 -28.30 -36.12 -33.96
CA GLU D 429 -29.67 -36.58 -33.93
C GLU D 429 -30.37 -36.10 -32.64
N GLU D 430 -29.62 -35.99 -31.53
CA GLU D 430 -30.20 -35.62 -30.25
C GLU D 430 -29.50 -34.44 -29.56
N TYR D 431 -30.28 -33.58 -28.89
CA TYR D 431 -29.80 -32.41 -28.17
C TYR D 431 -30.54 -32.21 -26.87
N ASP D 432 -29.90 -31.56 -25.90
CA ASP D 432 -30.53 -31.12 -24.68
C ASP D 432 -30.41 -29.59 -24.70
N VAL D 433 -31.53 -28.89 -24.57
CA VAL D 433 -31.53 -27.43 -24.65
C VAL D 433 -31.66 -26.81 -23.26
N ALA D 434 -30.70 -25.94 -22.90
CA ALA D 434 -30.68 -25.27 -21.61
C ALA D 434 -31.83 -24.30 -21.49
N PRO D 435 -32.58 -24.35 -20.38
CA PRO D 435 -33.70 -23.41 -20.24
C PRO D 435 -33.24 -21.97 -20.08
N GLN D 436 -34.05 -21.00 -20.55
CA GLN D 436 -33.80 -19.55 -20.50
C GLN D 436 -32.68 -19.09 -21.46
N VAL D 437 -31.45 -19.62 -21.30
CA VAL D 437 -30.31 -19.25 -22.13
C VAL D 437 -30.30 -19.93 -23.52
N GLY D 438 -31.06 -21.01 -23.67
CA GLY D 438 -31.26 -21.71 -24.94
C GLY D 438 -30.09 -22.41 -25.61
N HIS D 439 -28.93 -22.54 -24.94
CA HIS D 439 -27.79 -23.22 -25.54
C HIS D 439 -28.11 -24.69 -25.76
N LYS D 440 -27.71 -25.24 -26.91
CA LYS D 440 -28.01 -26.64 -27.23
C LYS D 440 -26.77 -27.50 -27.07
N PHE D 441 -26.92 -28.71 -26.52
CA PHE D 441 -25.79 -29.60 -26.33
C PHE D 441 -26.02 -30.93 -26.99
N CYS D 442 -25.17 -31.28 -27.95
CA CYS D 442 -25.22 -32.56 -28.67
C CYS D 442 -25.14 -33.74 -27.68
N LYS D 443 -25.99 -34.76 -27.85
CA LYS D 443 -26.02 -35.93 -26.96
C LYS D 443 -25.53 -37.23 -27.63
N ASP D 444 -25.12 -37.19 -28.91
CA ASP D 444 -24.69 -38.37 -29.66
C ASP D 444 -23.41 -39.05 -29.15
N PHE D 445 -22.50 -38.27 -28.60
CA PHE D 445 -21.22 -38.77 -28.09
C PHE D 445 -20.89 -38.10 -26.75
N PRO D 446 -20.14 -38.76 -25.84
CA PRO D 446 -19.83 -38.11 -24.56
C PRO D 446 -18.86 -36.94 -24.76
N GLY D 447 -19.18 -35.82 -24.15
CA GLY D 447 -18.33 -34.64 -24.19
C GLY D 447 -17.11 -34.85 -23.32
N PHE D 448 -16.01 -34.14 -23.60
CA PHE D 448 -14.75 -34.24 -22.88
C PHE D 448 -14.91 -34.18 -21.35
N ILE D 449 -15.33 -33.02 -20.80
CA ILE D 449 -15.51 -32.88 -19.35
C ILE D 449 -16.66 -33.76 -18.80
N PRO D 450 -17.86 -33.82 -19.42
CA PRO D 450 -18.90 -34.73 -18.90
C PRO D 450 -18.44 -36.19 -18.73
N SER D 451 -17.60 -36.69 -19.64
CA SER D 451 -17.08 -38.06 -19.57
C SER D 451 -16.06 -38.29 -18.43
N LEU D 452 -15.54 -37.22 -17.83
CA LEU D 452 -14.54 -37.32 -16.77
C LEU D 452 -15.11 -37.14 -15.37
N LEU D 453 -16.26 -36.46 -15.23
CA LEU D 453 -16.85 -36.18 -13.92
C LEU D 453 -17.41 -37.40 -13.18
N GLY D 454 -17.89 -38.40 -13.92
CA GLY D 454 -18.47 -39.60 -13.32
C GLY D 454 -17.56 -40.32 -12.33
N ASP D 455 -16.28 -40.48 -12.71
CA ASP D 455 -15.31 -41.15 -11.85
C ASP D 455 -14.99 -40.35 -10.58
N LEU D 456 -15.03 -39.02 -10.65
CA LEU D 456 -14.79 -38.17 -9.48
C LEU D 456 -15.96 -38.31 -8.50
N LEU D 457 -17.20 -38.34 -9.02
CA LEU D 457 -18.38 -38.49 -8.17
C LEU D 457 -18.37 -39.87 -7.51
N GLU D 458 -17.94 -40.91 -8.24
CA GLU D 458 -17.81 -42.27 -7.70
C GLU D 458 -16.78 -42.29 -6.57
N GLU D 459 -15.62 -41.64 -6.79
CA GLU D 459 -14.58 -41.58 -5.78
C GLU D 459 -15.06 -40.88 -4.52
N ARG D 460 -15.75 -39.74 -4.66
CA ARG D 460 -16.26 -38.99 -3.51
C ARG D 460 -17.20 -39.82 -2.65
N GLN D 461 -18.15 -40.53 -3.29
CA GLN D 461 -19.12 -41.35 -2.58
C GLN D 461 -18.47 -42.53 -1.83
N LYS D 462 -17.36 -43.08 -2.37
CA LYS D 462 -16.61 -44.15 -1.70
C LYS D 462 -16.01 -43.60 -0.38
N VAL D 463 -15.49 -42.36 -0.43
CA VAL D 463 -14.93 -41.68 0.74
C VAL D 463 -16.03 -41.39 1.77
N LYS D 464 -17.22 -40.93 1.30
CA LYS D 464 -18.36 -40.64 2.18
C LYS D 464 -18.86 -41.89 2.90
N LYS D 465 -18.90 -43.03 2.20
CA LYS D 465 -19.32 -44.31 2.80
C LYS D 465 -18.32 -44.72 3.88
N LYS D 466 -17.02 -44.55 3.60
CA LYS D 466 -15.97 -44.87 4.55
C LYS D 466 -16.09 -43.97 5.80
N MET D 467 -16.30 -42.66 5.57
CA MET D 467 -16.43 -41.63 6.61
C MET D 467 -17.56 -41.92 7.62
N LYS D 468 -18.81 -42.06 7.16
CA LYS D 468 -19.97 -42.33 8.01
C LYS D 468 -19.80 -43.61 8.86
N ALA D 469 -18.94 -44.54 8.42
CA ALA D 469 -18.64 -45.80 9.10
C ALA D 469 -17.31 -45.78 9.87
N THR D 470 -16.77 -44.58 10.18
CA THR D 470 -15.51 -44.45 10.90
C THR D 470 -15.77 -44.12 12.37
N ILE D 471 -15.23 -44.92 13.29
CA ILE D 471 -15.42 -44.70 14.72
C ILE D 471 -14.60 -43.50 15.21
N ASP D 472 -13.30 -43.48 14.87
CA ASP D 472 -12.39 -42.41 15.27
C ASP D 472 -12.81 -41.04 14.73
N PRO D 473 -13.11 -40.06 15.60
CA PRO D 473 -13.54 -38.74 15.11
C PRO D 473 -12.45 -37.96 14.37
N ILE D 474 -11.17 -38.24 14.63
CA ILE D 474 -10.08 -37.55 13.94
C ILE D 474 -9.99 -38.09 12.52
N GLU D 475 -10.01 -39.42 12.37
CA GLU D 475 -9.97 -40.07 11.07
C GLU D 475 -11.23 -39.71 10.26
N LYS D 476 -12.40 -39.63 10.92
CA LYS D 476 -13.66 -39.26 10.29
C LYS D 476 -13.62 -37.80 9.82
N LYS D 477 -13.00 -36.92 10.62
CA LYS D 477 -12.84 -35.50 10.29
C LYS D 477 -11.92 -35.34 9.08
N LEU D 478 -10.83 -36.13 9.02
CA LEU D 478 -9.90 -36.08 7.88
C LEU D 478 -10.56 -36.64 6.61
N LEU D 479 -11.42 -37.67 6.73
CA LEU D 479 -12.15 -38.19 5.58
C LEU D 479 -13.23 -37.19 5.12
N ASP D 480 -13.79 -36.42 6.06
CA ASP D 480 -14.77 -35.38 5.75
C ASP D 480 -14.11 -34.29 4.92
N TYR D 481 -12.87 -33.90 5.25
CA TYR D 481 -12.10 -32.91 4.50
C TYR D 481 -11.75 -33.45 3.10
N ARG D 482 -11.45 -34.76 3.02
CA ARG D 482 -11.11 -35.45 1.78
C ARG D 482 -12.31 -35.53 0.81
N GLN D 483 -13.51 -35.94 1.29
CA GLN D 483 -14.69 -36.00 0.43
C GLN D 483 -15.14 -34.60 0.02
N ARG D 484 -14.94 -33.60 0.90
CA ARG D 484 -15.30 -32.21 0.64
C ARG D 484 -14.35 -31.61 -0.40
N LEU D 485 -13.07 -32.02 -0.40
CA LEU D 485 -12.11 -31.56 -1.39
C LEU D 485 -12.49 -32.10 -2.76
N ILE D 486 -12.98 -33.35 -2.87
CA ILE D 486 -13.43 -33.91 -4.15
C ILE D 486 -14.75 -33.28 -4.59
N LYS D 487 -15.63 -32.92 -3.63
CA LYS D 487 -16.90 -32.23 -3.87
C LYS D 487 -16.60 -30.85 -4.47
N ILE D 488 -15.67 -30.09 -3.85
CA ILE D 488 -15.26 -28.77 -4.32
C ILE D 488 -14.50 -28.87 -5.65
N LEU D 489 -13.72 -29.95 -5.83
CA LEU D 489 -12.99 -30.19 -7.07
C LEU D 489 -13.98 -30.42 -8.21
N ALA D 490 -14.99 -31.30 -8.02
CA ALA D 490 -16.01 -31.57 -9.03
C ALA D 490 -16.80 -30.30 -9.37
N ASN D 491 -17.17 -29.50 -8.35
CA ASN D 491 -17.87 -28.23 -8.56
C ASN D 491 -16.97 -27.17 -9.24
N SER D 492 -15.65 -27.30 -9.10
CA SER D 492 -14.71 -26.41 -9.75
C SER D 492 -14.61 -26.66 -11.25
N PHE D 493 -15.08 -27.81 -11.77
CA PHE D 493 -15.12 -28.02 -13.22
C PHE D 493 -16.19 -27.12 -13.79
N TYR D 494 -17.33 -26.94 -13.06
CA TYR D 494 -18.39 -26.04 -13.46
C TYR D 494 -17.79 -24.60 -13.43
N GLY D 495 -17.20 -24.20 -12.30
CA GLY D 495 -16.64 -22.87 -12.11
C GLY D 495 -15.60 -22.53 -13.15
N TYR D 496 -14.78 -23.53 -13.49
CA TYR D 496 -13.74 -23.48 -14.49
C TYR D 496 -14.30 -23.05 -15.87
N TYR D 497 -15.53 -23.46 -16.23
CA TYR D 497 -16.13 -23.03 -17.50
C TYR D 497 -16.30 -21.49 -17.53
N GLY D 498 -16.57 -20.87 -16.39
CA GLY D 498 -16.75 -19.43 -16.29
C GLY D 498 -15.55 -18.66 -15.75
N TYR D 499 -14.39 -19.34 -15.68
CA TYR D 499 -13.11 -18.81 -15.19
C TYR D 499 -12.37 -18.25 -16.38
N ALA D 500 -12.13 -16.94 -16.37
CA ALA D 500 -11.49 -16.24 -17.45
C ALA D 500 -10.17 -16.79 -17.96
N LYS D 501 -9.34 -17.36 -17.09
CA LYS D 501 -8.04 -17.93 -17.50
C LYS D 501 -8.09 -19.37 -17.99
N ALA D 502 -9.26 -20.01 -17.92
CA ALA D 502 -9.39 -21.40 -18.32
C ALA D 502 -9.07 -21.63 -19.79
N ARG D 503 -8.43 -22.76 -20.07
CA ARG D 503 -8.13 -23.17 -21.42
C ARG D 503 -9.47 -23.62 -22.03
N TRP D 504 -10.19 -24.54 -21.34
CA TRP D 504 -11.49 -25.04 -21.79
C TRP D 504 -12.62 -24.17 -21.25
N TYR D 505 -12.47 -22.84 -21.40
CA TYR D 505 -13.45 -21.85 -21.00
C TYR D 505 -14.67 -21.97 -21.90
N CYS D 506 -15.86 -21.84 -21.31
CA CYS D 506 -17.13 -21.95 -22.02
C CYS D 506 -18.20 -21.27 -21.18
N LYS D 507 -18.38 -19.93 -21.29
CA LYS D 507 -19.38 -19.24 -20.49
C LYS D 507 -20.80 -19.76 -20.76
N GLU D 508 -21.07 -20.18 -21.99
CA GLU D 508 -22.34 -20.76 -22.38
C GLU D 508 -22.60 -22.04 -21.57
N CYS D 509 -21.56 -22.86 -21.37
CA CYS D 509 -21.64 -24.07 -20.58
C CYS D 509 -21.93 -23.74 -19.11
N ALA D 510 -21.22 -22.75 -18.55
CA ALA D 510 -21.39 -22.32 -17.16
C ALA D 510 -22.80 -21.79 -16.89
N GLU D 511 -23.32 -20.89 -17.75
CA GLU D 511 -24.65 -20.35 -17.54
C GLU D 511 -25.76 -21.36 -17.85
N SER D 512 -25.47 -22.41 -18.64
CA SER D 512 -26.44 -23.47 -18.91
C SER D 512 -26.55 -24.36 -17.68
N VAL D 513 -25.42 -24.64 -16.99
CA VAL D 513 -25.45 -25.44 -15.77
C VAL D 513 -26.28 -24.74 -14.70
N THR D 514 -26.04 -23.44 -14.49
CA THR D 514 -26.82 -22.69 -13.50
C THR D 514 -28.27 -22.58 -13.90
N ALA D 515 -28.56 -22.42 -15.21
CA ALA D 515 -29.94 -22.34 -15.71
C ALA D 515 -30.69 -23.62 -15.47
N TRP D 516 -30.05 -24.78 -15.72
CA TRP D 516 -30.70 -26.07 -15.46
C TRP D 516 -30.93 -26.24 -13.96
N GLY D 517 -29.97 -25.81 -13.14
CA GLY D 517 -30.10 -25.86 -11.69
C GLY D 517 -31.26 -25.03 -11.18
N ARG D 518 -31.42 -23.81 -11.72
CA ARG D 518 -32.54 -22.93 -11.37
C ARG D 518 -33.86 -23.54 -11.80
N GLN D 519 -33.87 -24.23 -12.95
CA GLN D 519 -35.07 -24.90 -13.45
C GLN D 519 -35.44 -26.08 -12.54
N TYR D 520 -34.47 -26.93 -12.16
CA TYR D 520 -34.72 -28.09 -11.30
C TYR D 520 -35.19 -27.72 -9.90
N ILE D 521 -34.60 -26.68 -9.27
CA ILE D 521 -35.00 -26.28 -7.91
C ILE D 521 -36.41 -25.67 -7.91
N GLU D 522 -36.72 -24.74 -8.84
CA GLU D 522 -38.04 -24.10 -8.90
C GLU D 522 -39.15 -25.09 -9.30
N THR D 523 -38.81 -26.08 -10.14
CA THR D 523 -39.73 -27.13 -10.59
C THR D 523 -40.06 -28.02 -9.39
N THR D 524 -39.02 -28.40 -8.62
CA THR D 524 -39.15 -29.25 -7.45
C THR D 524 -39.98 -28.56 -6.37
N ILE D 525 -39.80 -27.23 -6.18
CA ILE D 525 -40.56 -26.45 -5.20
C ILE D 525 -42.04 -26.47 -5.58
N ARG D 526 -42.33 -26.19 -6.86
CA ARG D 526 -43.69 -26.17 -7.38
C ARG D 526 -44.35 -27.54 -7.20
N GLU D 527 -43.59 -28.61 -7.47
CA GLU D 527 -44.03 -29.99 -7.37
C GLU D 527 -44.37 -30.40 -5.93
N ILE D 528 -43.51 -30.06 -4.95
CA ILE D 528 -43.76 -30.44 -3.56
C ILE D 528 -44.94 -29.66 -2.97
N GLU D 529 -45.17 -28.42 -3.42
CA GLU D 529 -46.25 -27.60 -2.88
C GLU D 529 -47.61 -27.98 -3.48
N GLU D 530 -47.68 -28.11 -4.82
CA GLU D 530 -48.92 -28.41 -5.51
C GLU D 530 -49.39 -29.87 -5.41
N LYS D 531 -48.46 -30.83 -5.37
CA LYS D 531 -48.82 -32.25 -5.31
C LYS D 531 -48.83 -32.83 -3.89
N PHE D 532 -47.93 -32.35 -3.00
CA PHE D 532 -47.83 -32.93 -1.66
C PHE D 532 -48.28 -32.02 -0.51
N GLY D 533 -48.79 -30.83 -0.81
CA GLY D 533 -49.28 -29.92 0.20
C GLY D 533 -48.24 -29.35 1.16
N PHE D 534 -46.96 -29.42 0.78
CA PHE D 534 -45.88 -28.84 1.58
C PHE D 534 -45.81 -27.33 1.40
N LYS D 535 -45.14 -26.68 2.34
CA LYS D 535 -44.90 -25.26 2.29
C LYS D 535 -43.38 -25.10 2.27
N VAL D 536 -42.83 -24.54 1.18
CA VAL D 536 -41.38 -24.33 1.09
C VAL D 536 -41.07 -23.03 1.82
N LEU D 537 -40.29 -23.14 2.89
CA LEU D 537 -39.97 -22.02 3.75
C LEU D 537 -38.80 -21.20 3.22
N TYR D 538 -37.76 -21.89 2.73
CA TYR D 538 -36.56 -21.23 2.22
C TYR D 538 -35.83 -22.17 1.26
N ALA D 539 -35.18 -21.61 0.24
CA ALA D 539 -34.42 -22.39 -0.72
C ALA D 539 -33.19 -21.66 -1.20
N ASP D 540 -32.09 -22.39 -1.41
CA ASP D 540 -30.83 -21.82 -1.91
C ASP D 540 -30.14 -22.80 -2.84
N THR D 541 -30.14 -22.46 -4.15
CA THR D 541 -29.48 -23.11 -5.28
C THR D 541 -29.97 -24.55 -5.63
N ASP D 542 -29.86 -25.51 -4.70
CA ASP D 542 -30.25 -26.91 -4.95
C ASP D 542 -30.88 -27.62 -3.75
N GLY D 543 -31.23 -26.87 -2.73
CA GLY D 543 -31.81 -27.43 -1.52
C GLY D 543 -32.87 -26.53 -0.94
N PHE D 544 -33.78 -27.10 -0.16
CA PHE D 544 -34.84 -26.33 0.43
C PHE D 544 -35.33 -26.92 1.73
N PHE D 545 -35.85 -26.04 2.58
CA PHE D 545 -36.44 -26.38 3.86
C PHE D 545 -37.95 -26.31 3.68
N ALA D 546 -38.66 -27.39 4.01
CA ALA D 546 -40.10 -27.44 3.83
C ALA D 546 -40.80 -28.18 4.98
N THR D 547 -42.10 -27.91 5.16
CA THR D 547 -42.91 -28.55 6.19
C THR D 547 -44.38 -28.62 5.76
N ILE D 548 -45.18 -29.45 6.41
CA ILE D 548 -46.62 -29.47 6.18
C ILE D 548 -47.14 -28.74 7.42
N PRO D 549 -47.66 -27.51 7.22
CA PRO D 549 -48.07 -26.67 8.37
C PRO D 549 -48.75 -27.36 9.57
N GLY D 550 -49.87 -28.05 9.36
CA GLY D 550 -50.58 -28.70 10.46
C GLY D 550 -50.32 -30.18 10.54
N ALA D 551 -49.04 -30.58 10.61
CA ALA D 551 -48.70 -31.99 10.65
C ALA D 551 -47.63 -32.32 11.70
N ASP D 552 -47.67 -33.53 12.25
CA ASP D 552 -46.67 -33.99 13.22
C ASP D 552 -45.39 -34.49 12.54
N ALA D 553 -44.31 -34.72 13.31
CA ALA D 553 -43.01 -35.18 12.80
C ALA D 553 -43.12 -36.43 11.93
N GLU D 554 -43.89 -37.44 12.38
CA GLU D 554 -44.05 -38.67 11.62
C GLU D 554 -44.64 -38.46 10.24
N THR D 555 -45.67 -37.61 10.15
CA THR D 555 -46.34 -37.31 8.88
C THR D 555 -45.44 -36.56 7.91
N VAL D 556 -44.73 -35.52 8.38
CA VAL D 556 -43.86 -34.74 7.50
C VAL D 556 -42.71 -35.61 6.98
N LYS D 557 -42.13 -36.50 7.80
CA LYS D 557 -41.05 -37.40 7.35
C LYS D 557 -41.58 -38.37 6.31
N LYS D 558 -42.74 -39.00 6.59
CA LYS D 558 -43.39 -39.95 5.69
C LYS D 558 -43.70 -39.33 4.33
N LYS D 559 -44.33 -38.14 4.31
CA LYS D 559 -44.68 -37.45 3.07
C LYS D 559 -43.46 -36.92 2.33
N ALA D 560 -42.38 -36.59 3.05
CA ALA D 560 -41.14 -36.13 2.40
C ALA D 560 -40.51 -37.31 1.65
N LYS D 561 -40.53 -38.52 2.24
CA LYS D 561 -40.01 -39.73 1.61
C LYS D 561 -40.85 -40.13 0.40
N GLU D 562 -42.17 -39.91 0.46
CA GLU D 562 -43.07 -40.18 -0.66
C GLU D 562 -42.78 -39.21 -1.81
N PHE D 563 -42.54 -37.93 -1.48
CA PHE D 563 -42.21 -36.93 -2.50
C PHE D 563 -40.87 -37.27 -3.16
N LEU D 564 -39.87 -37.69 -2.38
CA LEU D 564 -38.55 -38.06 -2.90
C LEU D 564 -38.64 -39.20 -3.92
N ASP D 565 -39.44 -40.22 -3.62
CA ASP D 565 -39.62 -41.35 -4.53
C ASP D 565 -40.27 -40.88 -5.83
N TYR D 566 -41.29 -40.03 -5.72
CA TYR D 566 -42.01 -39.46 -6.86
C TYR D 566 -41.13 -38.59 -7.76
N ILE D 567 -40.41 -37.61 -7.15
CA ILE D 567 -39.58 -36.67 -7.90
C ILE D 567 -38.36 -37.36 -8.47
N ASN D 568 -37.77 -38.32 -7.75
CA ASN D 568 -36.60 -39.05 -8.26
C ASN D 568 -36.95 -39.90 -9.50
N ALA D 569 -38.20 -40.38 -9.58
CA ALA D 569 -38.66 -41.13 -10.75
C ALA D 569 -38.83 -40.22 -11.98
N LYS D 570 -39.10 -38.92 -11.77
CA LYS D 570 -39.27 -37.94 -12.85
C LYS D 570 -37.93 -37.35 -13.32
N LEU D 571 -36.95 -37.22 -12.41
CA LEU D 571 -35.65 -36.61 -12.74
C LEU D 571 -34.79 -37.47 -13.68
N PRO D 572 -34.15 -36.84 -14.68
CA PRO D 572 -33.36 -37.62 -15.64
C PRO D 572 -31.93 -37.91 -15.19
N GLY D 573 -31.33 -38.92 -15.80
CA GLY D 573 -29.95 -39.33 -15.58
C GLY D 573 -29.46 -39.37 -14.13
N LEU D 574 -28.40 -38.60 -13.87
CA LEU D 574 -27.74 -38.54 -12.58
C LEU D 574 -28.37 -37.56 -11.57
N LEU D 575 -29.49 -36.92 -11.92
CA LEU D 575 -30.14 -35.97 -11.02
C LEU D 575 -30.88 -36.73 -9.90
N GLU D 576 -30.60 -36.40 -8.63
CA GLU D 576 -31.26 -37.06 -7.51
C GLU D 576 -31.43 -36.12 -6.31
N LEU D 577 -32.65 -36.04 -5.76
CA LEU D 577 -32.92 -35.23 -4.58
C LEU D 577 -32.73 -36.16 -3.36
N GLU D 578 -31.97 -35.71 -2.36
CA GLU D 578 -31.69 -36.52 -1.17
C GLU D 578 -32.37 -35.97 0.08
N TYR D 579 -32.62 -36.84 1.07
CA TYR D 579 -33.16 -36.43 2.36
C TYR D 579 -31.92 -36.07 3.17
N GLU D 580 -31.70 -34.79 3.43
CA GLU D 580 -30.48 -34.34 4.10
C GLU D 580 -30.63 -34.08 5.61
N GLY D 581 -31.86 -33.86 6.09
CA GLY D 581 -32.07 -33.63 7.52
C GLY D 581 -33.48 -33.30 7.94
N PHE D 582 -33.77 -33.49 9.24
CA PHE D 582 -35.06 -33.15 9.84
C PHE D 582 -34.80 -32.26 11.04
N TYR D 583 -35.55 -31.17 11.17
CA TYR D 583 -35.40 -30.20 12.24
C TYR D 583 -36.73 -29.95 12.96
N LYS D 584 -36.75 -30.06 14.30
CA LYS D 584 -37.94 -29.85 15.13
C LYS D 584 -38.46 -28.42 15.01
N ARG D 585 -37.53 -27.46 14.98
CA ARG D 585 -37.85 -26.04 14.84
C ARG D 585 -36.81 -25.35 13.96
N GLY D 586 -37.22 -24.22 13.36
CA GLY D 586 -36.34 -23.45 12.51
C GLY D 586 -36.85 -22.05 12.27
N PHE D 587 -35.95 -21.06 12.36
CA PHE D 587 -36.34 -19.68 12.07
C PHE D 587 -35.47 -19.14 10.95
N PHE D 588 -36.12 -18.59 9.94
CA PHE D 588 -35.45 -18.09 8.75
C PHE D 588 -35.54 -16.58 8.73
N ALA D 589 -34.40 -15.92 8.95
CA ALA D 589 -34.34 -14.46 9.07
C ALA D 589 -34.32 -13.71 7.70
N THR D 590 -33.26 -13.84 6.89
CA THR D 590 -33.11 -13.24 5.56
C THR D 590 -32.44 -14.32 4.65
N LYS D 591 -32.11 -13.99 3.39
CA LYS D 591 -31.39 -14.92 2.53
C LYS D 591 -29.98 -15.14 3.14
N LYS D 592 -29.55 -16.41 3.20
CA LYS D 592 -28.25 -16.83 3.74
C LYS D 592 -28.16 -16.74 5.28
N LYS D 593 -29.26 -16.35 5.98
CA LYS D 593 -29.27 -16.22 7.44
C LYS D 593 -30.45 -16.94 8.11
N TYR D 594 -30.17 -18.03 8.84
CA TYR D 594 -31.22 -18.80 9.51
C TYR D 594 -30.63 -19.73 10.59
N ALA D 595 -31.49 -20.35 11.43
CA ALA D 595 -31.03 -21.30 12.43
C ALA D 595 -32.04 -22.43 12.62
N VAL D 596 -31.55 -23.69 12.66
CA VAL D 596 -32.40 -24.87 12.79
C VAL D 596 -31.93 -25.78 13.94
N ILE D 597 -32.86 -26.54 14.56
CA ILE D 597 -32.49 -27.45 15.65
C ILE D 597 -32.95 -28.87 15.33
N ASP D 598 -32.04 -29.86 15.37
CA ASP D 598 -32.40 -31.25 15.09
C ASP D 598 -33.06 -31.95 16.31
N GLU D 599 -33.45 -33.23 16.17
CA GLU D 599 -34.10 -33.98 17.26
C GLU D 599 -33.16 -34.25 18.46
N GLU D 600 -31.85 -34.22 18.24
CA GLU D 600 -30.86 -34.39 19.30
C GLU D 600 -30.52 -33.08 20.05
N ASP D 601 -31.22 -31.97 19.73
CA ASP D 601 -31.09 -30.62 20.31
C ASP D 601 -29.86 -29.84 19.84
N LYS D 602 -29.27 -30.25 18.71
CA LYS D 602 -28.12 -29.56 18.15
C LYS D 602 -28.60 -28.44 17.23
N ILE D 603 -28.12 -27.22 17.47
CA ILE D 603 -28.48 -26.06 16.67
C ILE D 603 -27.45 -25.78 15.59
N THR D 604 -27.93 -25.51 14.36
CA THR D 604 -27.08 -25.19 13.23
C THR D 604 -27.49 -23.80 12.78
N THR D 605 -26.55 -22.85 12.82
CA THR D 605 -26.84 -21.48 12.41
C THR D 605 -26.00 -21.14 11.20
N ARG D 606 -26.61 -20.52 10.18
CA ARG D 606 -25.90 -20.11 8.98
C ARG D 606 -26.06 -18.59 8.86
N GLY D 607 -24.96 -17.88 8.64
CA GLY D 607 -24.98 -16.43 8.48
C GLY D 607 -25.29 -15.62 9.72
N LEU D 608 -25.54 -16.27 10.86
CA LEU D 608 -25.85 -15.58 12.11
C LEU D 608 -24.60 -15.34 12.98
N LYS D 609 -23.87 -16.40 13.34
CA LYS D 609 -22.66 -16.27 14.17
C LYS D 609 -21.54 -15.58 13.40
N MET D 610 -20.68 -14.84 14.12
CA MET D 610 -19.57 -14.11 13.49
C MET D 610 -18.22 -14.44 14.15
N VAL D 611 -17.13 -14.36 13.36
CA VAL D 611 -15.76 -14.62 13.85
C VAL D 611 -15.03 -13.34 14.31
N ARG D 612 -15.80 -12.34 14.76
CA ARG D 612 -15.34 -11.04 15.27
C ARG D 612 -14.51 -11.19 16.55
N ARG D 613 -13.42 -10.41 16.67
CA ARG D 613 -12.55 -10.46 17.86
C ARG D 613 -13.24 -9.93 19.13
N ASP D 614 -14.25 -9.07 18.98
CA ASP D 614 -14.97 -8.50 20.13
C ASP D 614 -16.15 -9.35 20.62
N TRP D 615 -15.87 -10.36 21.44
CA TRP D 615 -16.92 -11.23 21.98
C TRP D 615 -17.08 -11.08 23.50
N SER D 616 -17.95 -10.15 23.99
CA SER D 616 -18.16 -10.08 25.45
C SER D 616 -19.03 -11.25 25.85
N GLU D 617 -18.72 -11.87 26.98
CA GLU D 617 -19.46 -13.03 27.47
C GLU D 617 -20.95 -12.73 27.67
N ILE D 618 -21.30 -11.49 28.03
CA ILE D 618 -22.70 -11.11 28.22
C ILE D 618 -23.47 -11.14 26.89
N ALA D 619 -22.84 -10.68 25.79
CA ALA D 619 -23.48 -10.69 24.47
C ALA D 619 -23.59 -12.10 23.92
N LYS D 620 -22.56 -12.93 24.16
CA LYS D 620 -22.56 -14.30 23.70
C LYS D 620 -23.59 -15.12 24.48
N GLU D 621 -23.62 -14.98 25.81
CA GLU D 621 -24.54 -15.64 26.73
C GLU D 621 -25.97 -15.22 26.47
N THR D 622 -26.21 -13.93 26.12
CA THR D 622 -27.57 -13.47 25.84
C THR D 622 -28.07 -14.07 24.54
N GLN D 623 -27.23 -14.06 23.48
CA GLN D 623 -27.58 -14.64 22.18
C GLN D 623 -27.81 -16.16 22.27
N ALA D 624 -27.04 -16.83 23.14
CA ALA D 624 -27.21 -18.27 23.35
C ALA D 624 -28.56 -18.55 24.00
N ARG D 625 -28.94 -17.73 25.01
CA ARG D 625 -30.22 -17.87 25.70
C ARG D 625 -31.40 -17.53 24.79
N VAL D 626 -31.23 -16.54 23.89
CA VAL D 626 -32.26 -16.13 22.95
C VAL D 626 -32.54 -17.28 21.97
N LEU D 627 -31.48 -17.88 21.40
CA LEU D 627 -31.65 -18.99 20.46
C LEU D 627 -32.21 -20.24 21.14
N GLU D 628 -31.82 -20.49 22.39
CA GLU D 628 -32.30 -21.62 23.17
C GLU D 628 -33.81 -21.44 23.43
N ALA D 629 -34.25 -20.22 23.72
CA ALA D 629 -35.68 -19.93 23.93
C ALA D 629 -36.53 -20.06 22.67
N ILE D 630 -35.95 -19.71 21.51
CA ILE D 630 -36.69 -19.77 20.24
C ILE D 630 -36.75 -21.20 19.70
N LEU D 631 -35.61 -21.87 19.61
CA LEU D 631 -35.52 -23.19 19.01
C LEU D 631 -35.87 -24.34 19.96
N LYS D 632 -35.39 -24.31 21.21
CA LYS D 632 -35.71 -25.38 22.16
C LYS D 632 -37.12 -25.20 22.75
N HIS D 633 -37.41 -24.03 23.36
CA HIS D 633 -38.69 -23.79 24.00
C HIS D 633 -39.81 -23.33 23.07
N GLY D 634 -39.45 -22.80 21.90
CA GLY D 634 -40.44 -22.31 20.94
C GLY D 634 -41.23 -21.14 21.48
N ASP D 635 -40.54 -20.27 22.22
CA ASP D 635 -41.16 -19.12 22.89
C ASP D 635 -40.41 -17.81 22.57
N VAL D 636 -40.92 -17.03 21.61
CA VAL D 636 -40.33 -15.75 21.22
C VAL D 636 -40.46 -14.71 22.34
N GLU D 637 -41.57 -14.75 23.08
CA GLU D 637 -41.82 -13.84 24.20
C GLU D 637 -40.80 -14.01 25.32
N GLU D 638 -40.25 -15.22 25.49
CA GLU D 638 -39.26 -15.50 26.53
C GLU D 638 -37.92 -14.89 26.10
N ALA D 639 -37.56 -15.03 24.82
CA ALA D 639 -36.32 -14.47 24.27
C ALA D 639 -36.26 -12.96 24.47
N VAL D 640 -37.39 -12.25 24.25
CA VAL D 640 -37.41 -10.80 24.43
C VAL D 640 -37.41 -10.41 25.92
N ARG D 641 -37.91 -11.27 26.81
CA ARG D 641 -37.84 -11.02 28.25
C ARG D 641 -36.39 -11.14 28.73
N ILE D 642 -35.60 -12.05 28.13
CA ILE D 642 -34.18 -12.25 28.45
C ILE D 642 -33.37 -11.01 28.08
N VAL D 643 -33.57 -10.46 26.87
CA VAL D 643 -32.85 -9.25 26.43
C VAL D 643 -33.20 -8.06 27.32
N LYS D 644 -34.48 -7.86 27.63
CA LYS D 644 -34.90 -6.76 28.50
C LYS D 644 -34.34 -6.93 29.93
N GLU D 645 -34.17 -8.18 30.39
CA GLU D 645 -33.60 -8.51 31.69
C GLU D 645 -32.10 -8.14 31.72
N VAL D 646 -31.36 -8.48 30.65
CA VAL D 646 -29.92 -8.19 30.53
C VAL D 646 -29.64 -6.68 30.43
N THR D 647 -30.40 -5.95 29.61
CA THR D 647 -30.22 -4.50 29.48
C THR D 647 -30.56 -3.77 30.78
N GLU D 648 -31.54 -4.28 31.53
CA GLU D 648 -31.92 -3.69 32.81
C GLU D 648 -30.81 -3.93 33.83
N LYS D 649 -30.26 -5.16 33.87
CA LYS D 649 -29.17 -5.50 34.79
C LYS D 649 -27.90 -4.71 34.47
N LEU D 650 -27.61 -4.49 33.18
CA LEU D 650 -26.44 -3.71 32.77
C LEU D 650 -26.58 -2.26 33.22
N SER D 651 -27.77 -1.66 33.04
CA SER D 651 -28.05 -0.28 33.47
C SER D 651 -27.92 -0.13 34.98
N LYS D 652 -28.42 -1.12 35.74
CA LYS D 652 -28.36 -1.09 37.21
C LYS D 652 -27.01 -1.55 37.79
N TYR D 653 -26.04 -1.93 36.94
CA TYR D 653 -24.71 -2.42 37.35
C TYR D 653 -24.81 -3.70 38.18
N GLU D 654 -25.73 -4.59 37.79
CA GLU D 654 -25.96 -5.87 38.45
C GLU D 654 -25.24 -7.04 37.76
N VAL D 655 -24.82 -6.88 36.49
CA VAL D 655 -24.10 -7.92 35.76
C VAL D 655 -22.66 -7.95 36.30
N PRO D 656 -22.12 -9.14 36.64
CA PRO D 656 -20.72 -9.19 37.13
C PRO D 656 -19.77 -8.70 36.04
N PRO D 657 -18.78 -7.88 36.40
CA PRO D 657 -17.86 -7.34 35.38
C PRO D 657 -17.01 -8.36 34.65
N GLU D 658 -16.97 -9.63 35.13
CA GLU D 658 -16.24 -10.71 34.46
C GLU D 658 -16.91 -11.09 33.12
N GLN D 659 -18.23 -10.89 33.00
CA GLN D 659 -18.95 -11.17 31.76
C GLN D 659 -18.79 -10.05 30.71
N LEU D 660 -18.04 -8.98 31.02
CA LEU D 660 -17.85 -7.84 30.11
C LEU D 660 -16.43 -7.77 29.53
N VAL D 661 -15.57 -8.76 29.78
CA VAL D 661 -14.21 -8.75 29.27
C VAL D 661 -14.21 -9.05 27.78
N ILE D 662 -13.51 -8.22 26.99
CA ILE D 662 -13.42 -8.41 25.55
C ILE D 662 -12.05 -8.95 25.21
N TYR D 663 -12.01 -10.10 24.52
CA TYR D 663 -10.78 -10.74 24.10
C TYR D 663 -10.93 -11.41 22.75
N ILE D 693 3.59 -4.88 21.10
CA ILE D 693 2.69 -5.55 20.17
C ILE D 693 3.31 -6.84 19.62
N ARG D 694 2.60 -7.96 19.75
CA ARG D 694 3.09 -9.24 19.24
C ARG D 694 1.97 -9.94 18.47
N PRO D 695 2.27 -10.50 17.29
CA PRO D 695 1.23 -11.19 16.52
C PRO D 695 0.77 -12.45 17.23
N GLY D 696 -0.52 -12.49 17.58
CA GLY D 696 -1.10 -13.61 18.29
C GLY D 696 -1.53 -13.28 19.71
N THR D 697 -1.01 -12.18 20.29
CA THR D 697 -1.35 -11.79 21.65
C THR D 697 -2.82 -11.44 21.81
N VAL D 698 -3.47 -12.00 22.84
CA VAL D 698 -4.88 -11.71 23.11
C VAL D 698 -4.96 -10.58 24.14
N ILE D 699 -5.77 -9.55 23.85
CA ILE D 699 -5.94 -8.45 24.78
C ILE D 699 -7.28 -8.61 25.48
N SER D 700 -7.25 -8.76 26.80
CA SER D 700 -8.46 -8.93 27.61
C SER D 700 -8.75 -7.60 28.31
N TYR D 701 -9.71 -6.83 27.80
CA TYR D 701 -10.02 -5.49 28.33
C TYR D 701 -11.49 -5.25 28.70
N ILE D 702 -11.79 -4.14 29.41
CA ILE D 702 -13.15 -3.75 29.79
C ILE D 702 -13.35 -2.25 29.50
N VAL D 703 -14.53 -1.86 29.02
CA VAL D 703 -14.83 -0.48 28.66
C VAL D 703 -15.46 0.28 29.85
N PRO D 704 -14.79 1.31 30.39
CA PRO D 704 -15.37 2.06 31.51
C PRO D 704 -16.16 3.28 31.04
N ASP D 718 -7.24 -4.10 32.86
CA ASP D 718 -7.56 -5.51 33.07
C ASP D 718 -7.90 -5.81 34.53
N GLU D 719 -7.30 -5.06 35.48
CA GLU D 719 -7.57 -5.27 36.90
C GLU D 719 -8.59 -4.26 37.42
N PHE D 720 -9.78 -4.34 36.84
CA PHE D 720 -10.94 -3.51 37.10
C PHE D 720 -11.45 -3.69 38.53
N ASP D 721 -11.96 -2.61 39.15
CA ASP D 721 -12.46 -2.67 40.53
C ASP D 721 -13.84 -2.01 40.64
N PRO D 722 -14.91 -2.81 40.81
CA PRO D 722 -16.27 -2.23 40.92
C PRO D 722 -16.48 -1.24 42.07
N ALA D 723 -15.60 -1.25 43.07
CA ALA D 723 -15.72 -0.29 44.18
C ALA D 723 -15.16 1.10 43.84
N LYS D 724 -14.49 1.27 42.68
CA LYS D 724 -13.96 2.56 42.27
C LYS D 724 -14.42 2.92 40.84
N HIS D 725 -14.31 1.97 39.90
CA HIS D 725 -14.64 2.19 38.49
C HIS D 725 -16.03 1.73 38.10
N LYS D 726 -16.75 2.52 37.29
CA LYS D 726 -18.08 2.13 36.82
C LYS D 726 -17.97 1.75 35.33
N TYR D 727 -18.43 0.54 34.96
CA TYR D 727 -18.36 0.10 33.56
C TYR D 727 -19.32 0.89 32.66
N ASP D 728 -19.02 0.93 31.36
CA ASP D 728 -19.84 1.67 30.41
C ASP D 728 -21.06 0.83 30.06
N ALA D 729 -22.13 0.96 30.86
CA ALA D 729 -23.38 0.22 30.66
C ALA D 729 -23.97 0.42 29.27
N GLY D 730 -23.94 1.66 28.78
CA GLY D 730 -24.46 2.00 27.45
C GLY D 730 -23.69 1.32 26.34
N TYR D 731 -22.39 1.11 26.52
CA TYR D 731 -21.57 0.43 25.52
C TYR D 731 -22.00 -1.03 25.44
N TYR D 732 -22.10 -1.72 26.58
CA TYR D 732 -22.45 -3.13 26.60
C TYR D 732 -23.88 -3.38 26.13
N ILE D 733 -24.78 -2.39 26.29
CA ILE D 733 -26.13 -2.51 25.79
C ILE D 733 -26.18 -2.24 24.27
N GLU D 734 -25.71 -1.05 23.83
CA GLU D 734 -25.79 -0.62 22.44
C GLU D 734 -24.76 -1.19 21.46
N ASN D 735 -23.58 -1.59 21.91
CA ASN D 735 -22.52 -2.09 21.04
C ASN D 735 -22.23 -3.58 21.16
N GLN D 736 -22.74 -4.24 22.20
CA GLN D 736 -22.48 -5.67 22.37
C GLN D 736 -23.77 -6.53 22.43
N VAL D 737 -24.60 -6.36 23.47
CA VAL D 737 -25.84 -7.15 23.62
C VAL D 737 -26.86 -6.90 22.50
N LEU D 738 -27.29 -5.64 22.30
CA LEU D 738 -28.29 -5.34 21.27
C LEU D 738 -27.87 -5.69 19.83
N PRO D 739 -26.67 -5.35 19.31
CA PRO D 739 -26.33 -5.71 17.92
C PRO D 739 -26.40 -7.21 17.67
N ALA D 740 -25.94 -8.02 18.63
CA ALA D 740 -25.94 -9.48 18.48
C ALA D 740 -27.33 -10.12 18.49
N VAL D 741 -28.21 -9.72 19.44
CA VAL D 741 -29.54 -10.31 19.53
C VAL D 741 -30.57 -9.65 18.62
N GLU D 742 -30.35 -8.40 18.18
CA GLU D 742 -31.31 -7.71 17.31
C GLU D 742 -31.36 -8.34 15.94
N ARG D 743 -30.19 -8.70 15.38
CA ARG D 743 -30.10 -9.36 14.07
C ARG D 743 -31.00 -10.60 13.96
N ILE D 744 -31.22 -11.28 15.09
CA ILE D 744 -32.06 -12.46 15.21
C ILE D 744 -33.53 -12.07 15.45
N LEU D 745 -33.79 -11.23 16.46
CA LEU D 745 -35.15 -10.81 16.80
C LEU D 745 -35.80 -9.87 15.77
N ARG D 746 -35.09 -9.53 14.68
CA ARG D 746 -35.64 -8.71 13.59
C ARG D 746 -36.77 -9.48 12.92
N ALA D 747 -36.55 -10.79 12.65
CA ALA D 747 -37.49 -11.68 11.98
C ALA D 747 -38.84 -11.76 12.66
N PHE D 748 -38.90 -11.55 13.98
CA PHE D 748 -40.15 -11.58 14.72
C PHE D 748 -40.79 -10.19 14.95
N GLY D 749 -40.28 -9.17 14.27
CA GLY D 749 -40.80 -7.81 14.33
C GLY D 749 -40.23 -6.91 15.42
N TYR D 750 -39.33 -7.44 16.26
CA TYR D 750 -38.75 -6.63 17.34
C TYR D 750 -37.58 -5.77 16.90
N ARG D 751 -37.62 -4.48 17.25
CA ARG D 751 -36.54 -3.54 16.94
C ARG D 751 -35.78 -3.16 18.24
N LYS D 752 -34.62 -2.48 18.13
CA LYS D 752 -33.80 -2.08 19.29
C LYS D 752 -34.58 -1.37 20.42
N GLU D 753 -35.63 -0.60 20.07
CA GLU D 753 -36.43 0.11 21.07
C GLU D 753 -37.26 -0.87 21.91
N ASP D 754 -37.73 -1.96 21.31
CA ASP D 754 -38.53 -2.98 22.02
C ASP D 754 -37.67 -3.83 22.95
N LEU D 755 -36.37 -3.97 22.66
CA LEU D 755 -35.45 -4.80 23.44
C LEU D 755 -34.87 -4.07 24.65
N MET E 1 23.53 46.70 -3.62
CA MET E 1 23.31 45.47 -2.89
C MET E 1 24.21 44.33 -3.31
N ILE E 2 24.44 43.39 -2.39
CA ILE E 2 25.23 42.20 -2.65
C ILE E 2 24.30 41.14 -3.23
N LEU E 3 24.64 40.61 -4.41
CA LEU E 3 23.84 39.58 -5.04
C LEU E 3 24.31 38.20 -4.61
N ASP E 4 25.64 38.00 -4.55
CA ASP E 4 26.21 36.71 -4.26
C ASP E 4 27.72 36.81 -3.94
N THR E 5 28.31 35.74 -3.40
CA THR E 5 29.75 35.61 -3.18
C THR E 5 30.23 34.23 -3.61
N ASP E 6 31.49 34.15 -3.99
CA ASP E 6 32.18 32.90 -4.31
C ASP E 6 33.69 33.12 -4.09
N TYR E 7 34.51 32.13 -4.42
CA TYR E 7 35.95 32.32 -4.34
C TYR E 7 36.65 31.67 -5.51
N ILE E 8 37.78 32.25 -5.89
CA ILE E 8 38.67 31.69 -6.92
C ILE E 8 40.03 31.51 -6.26
N THR E 9 40.93 30.76 -6.89
CA THR E 9 42.26 30.53 -6.34
C THR E 9 43.28 31.20 -7.23
N GLU E 10 44.17 32.02 -6.65
CA GLU E 10 45.23 32.73 -7.35
C GLU E 10 46.53 32.44 -6.64
N ASP E 11 47.43 31.69 -7.29
CA ASP E 11 48.72 31.28 -6.72
C ASP E 11 48.53 30.46 -5.45
N GLY E 12 47.53 29.59 -5.44
CA GLY E 12 47.24 28.73 -4.29
C GLY E 12 46.47 29.39 -3.16
N LYS E 13 46.19 30.69 -3.28
CA LYS E 13 45.48 31.44 -2.24
C LYS E 13 44.07 31.80 -2.69
N PRO E 14 43.08 31.68 -1.80
CA PRO E 14 41.72 32.04 -2.17
C PRO E 14 41.49 33.56 -2.26
N VAL E 15 40.60 33.96 -3.17
CA VAL E 15 40.22 35.34 -3.39
C VAL E 15 38.70 35.36 -3.44
N ILE E 16 38.07 36.02 -2.49
CA ILE E 16 36.62 36.12 -2.45
C ILE E 16 36.15 37.12 -3.50
N ARG E 17 35.08 36.79 -4.22
CA ARG E 17 34.48 37.70 -5.19
C ARG E 17 33.10 38.05 -4.68
N ILE E 18 32.81 39.34 -4.55
CA ILE E 18 31.50 39.81 -4.10
C ILE E 18 30.82 40.44 -5.31
N PHE E 19 29.74 39.82 -5.77
CA PHE E 19 28.98 40.30 -6.92
C PHE E 19 27.97 41.33 -6.43
N LYS E 20 28.09 42.58 -6.89
CA LYS E 20 27.23 43.68 -6.43
C LYS E 20 26.53 44.42 -7.57
N LYS E 21 25.46 45.13 -7.24
CA LYS E 21 24.79 46.06 -8.15
C LYS E 21 24.59 47.32 -7.33
N GLU E 22 25.33 48.38 -7.66
CA GLU E 22 25.28 49.65 -6.93
C GLU E 22 25.02 50.76 -7.92
N ASN E 23 23.92 51.52 -7.72
CA ASN E 23 23.51 52.64 -8.58
C ASN E 23 23.34 52.21 -10.04
N GLY E 24 22.73 51.04 -10.24
CA GLY E 24 22.50 50.50 -11.56
C GLY E 24 23.71 49.89 -12.25
N GLU E 25 24.87 49.92 -11.58
CA GLU E 25 26.10 49.38 -12.15
C GLU E 25 26.49 48.06 -11.51
N PHE E 26 26.76 47.05 -12.34
CA PHE E 26 27.22 45.76 -11.83
C PHE E 26 28.71 45.88 -11.51
N LYS E 27 29.14 45.37 -10.35
CA LYS E 27 30.53 45.42 -9.92
C LYS E 27 30.98 44.14 -9.25
N ILE E 28 32.26 43.78 -9.37
CA ILE E 28 32.82 42.64 -8.66
C ILE E 28 33.88 43.19 -7.72
N ASP E 29 33.74 42.96 -6.41
CA ASP E 29 34.75 43.38 -5.45
C ASP E 29 35.58 42.16 -5.05
N TYR E 30 36.88 42.32 -4.83
CA TYR E 30 37.74 41.19 -4.48
C TYR E 30 38.37 41.33 -3.10
N ASP E 31 38.35 40.26 -2.30
CA ASP E 31 38.99 40.25 -0.99
C ASP E 31 40.03 39.14 -0.97
N ARG E 32 41.30 39.53 -0.93
CA ARG E 32 42.41 38.58 -0.94
C ARG E 32 43.01 38.29 0.43
N ASN E 33 42.43 38.87 1.50
CA ASN E 33 42.99 38.73 2.84
C ASN E 33 42.18 37.83 3.77
N PHE E 34 40.94 37.46 3.40
CA PHE E 34 40.13 36.60 4.26
C PHE E 34 40.72 35.17 4.28
N GLU E 35 41.01 34.63 5.48
CA GLU E 35 41.63 33.30 5.61
C GLU E 35 40.66 32.27 6.14
N PRO E 36 40.78 31.02 5.66
CA PRO E 36 39.95 29.95 6.23
C PRO E 36 40.53 29.48 7.57
N TYR E 37 39.66 28.90 8.42
CA TYR E 37 40.04 28.43 9.74
C TYR E 37 39.00 27.46 10.32
N ILE E 38 39.38 26.76 11.40
CA ILE E 38 38.54 25.91 12.23
C ILE E 38 39.03 26.03 13.70
N TYR E 39 38.26 25.56 14.68
CA TYR E 39 38.68 25.63 16.09
C TYR E 39 39.03 24.27 16.65
N ALA E 40 39.96 24.23 17.59
CA ALA E 40 40.34 22.98 18.24
C ALA E 40 40.36 23.20 19.73
N LEU E 41 39.70 22.32 20.47
CA LEU E 41 39.72 22.38 21.92
C LEU E 41 40.80 21.38 22.34
N LEU E 42 41.83 21.83 23.06
CA LEU E 42 42.92 20.93 23.46
C LEU E 42 42.82 20.58 24.94
N LYS E 43 43.36 19.40 25.31
CA LYS E 43 43.39 19.03 26.73
C LYS E 43 44.42 19.86 27.50
N ASP E 44 45.51 20.28 26.82
CA ASP E 44 46.53 21.13 27.43
C ASP E 44 47.06 22.14 26.41
N ASP E 45 47.27 23.39 26.84
CA ASP E 45 47.75 24.47 25.97
C ASP E 45 49.11 24.20 25.34
N SER E 46 50.03 23.49 26.02
CA SER E 46 51.37 23.22 25.51
C SER E 46 51.36 22.30 24.26
N ALA E 47 50.31 21.50 24.10
CA ALA E 47 50.16 20.60 22.96
C ALA E 47 49.96 21.32 21.62
N ILE E 48 49.71 22.65 21.63
CA ILE E 48 49.58 23.41 20.39
C ILE E 48 50.85 23.32 19.53
N GLU E 49 52.02 23.11 20.16
CA GLU E 49 53.26 22.95 19.43
C GLU E 49 53.24 21.69 18.55
N ASP E 50 52.60 20.62 19.04
CA ASP E 50 52.47 19.38 18.27
C ASP E 50 51.37 19.53 17.20
N VAL E 51 50.25 20.18 17.55
CA VAL E 51 49.12 20.38 16.63
C VAL E 51 49.53 21.26 15.43
N LYS E 52 50.34 22.31 15.67
CA LYS E 52 50.86 23.19 14.62
C LYS E 52 51.68 22.42 13.58
N LYS E 53 52.34 21.32 14.00
CA LYS E 53 53.19 20.49 13.16
C LYS E 53 52.45 19.39 12.39
N ILE E 54 51.12 19.26 12.56
CA ILE E 54 50.37 18.24 11.83
C ILE E 54 50.25 18.64 10.35
N THR E 55 50.51 17.69 9.45
CA THR E 55 50.44 17.92 8.00
C THR E 55 49.57 16.88 7.30
N ALA E 56 49.09 17.22 6.10
CA ALA E 56 48.27 16.34 5.28
C ALA E 56 48.65 16.51 3.78
N GLU E 57 48.09 15.70 2.85
CA GLU E 57 48.39 15.84 1.44
C GLU E 57 47.13 16.16 0.64
N ARG E 58 47.28 16.93 -0.43
CA ARG E 58 46.16 17.37 -1.27
C ARG E 58 46.66 17.44 -2.71
N HIS E 59 46.68 16.29 -3.39
CA HIS E 59 47.18 16.12 -4.76
C HIS E 59 48.63 16.63 -4.89
N GLY E 60 49.53 15.96 -4.19
CA GLY E 60 50.95 16.31 -4.20
C GLY E 60 51.32 17.49 -3.31
N THR E 61 50.34 18.36 -3.02
CA THR E 61 50.55 19.56 -2.19
C THR E 61 50.51 19.23 -0.70
N THR E 62 51.57 19.57 0.03
CA THR E 62 51.60 19.38 1.47
C THR E 62 50.77 20.47 2.16
N VAL E 63 49.78 20.07 2.95
CA VAL E 63 48.89 20.95 3.68
C VAL E 63 49.42 21.12 5.10
N ARG E 64 49.58 22.37 5.55
CA ARG E 64 50.08 22.65 6.89
C ARG E 64 49.19 23.66 7.63
N VAL E 65 49.33 23.76 8.96
CA VAL E 65 48.61 24.75 9.75
C VAL E 65 49.39 26.05 9.57
N VAL E 66 48.75 27.11 9.06
CA VAL E 66 49.41 28.38 8.82
C VAL E 66 49.83 29.07 10.13
N ARG E 67 48.86 29.26 11.01
CA ARG E 67 49.11 29.87 12.31
C ARG E 67 47.97 29.55 13.27
N ALA E 68 48.20 29.73 14.56
CA ALA E 68 47.20 29.49 15.58
C ALA E 68 47.00 30.72 16.46
N GLU E 69 45.83 30.82 17.09
CA GLU E 69 45.51 31.96 17.92
C GLU E 69 44.58 31.46 19.02
N LYS E 70 44.93 31.68 20.30
CA LYS E 70 44.07 31.25 21.41
C LYS E 70 42.97 32.27 21.57
N VAL E 71 41.71 31.82 21.47
CA VAL E 71 40.57 32.73 21.57
C VAL E 71 39.59 32.31 22.66
N LYS E 72 38.99 33.30 23.32
CA LYS E 72 38.00 33.05 24.36
C LYS E 72 36.64 33.15 23.70
N LYS E 73 35.84 32.09 23.78
CA LYS E 73 34.52 32.07 23.16
C LYS E 73 33.48 31.54 24.18
N LYS E 74 32.27 31.23 23.72
CA LYS E 74 31.24 30.64 24.57
C LYS E 74 30.66 29.43 23.85
N PHE E 75 30.31 28.40 24.60
CA PHE E 75 29.67 27.22 24.05
C PHE E 75 28.42 27.07 24.88
N LEU E 76 27.26 27.35 24.27
CA LEU E 76 25.97 27.35 24.96
C LEU E 76 25.98 28.34 26.12
N GLY E 77 26.50 29.53 25.88
CA GLY E 77 26.58 30.59 26.88
C GLY E 77 27.69 30.45 27.91
N ARG E 78 28.34 29.28 27.98
CA ARG E 78 29.39 29.04 28.95
C ARG E 78 30.77 29.32 28.35
N PRO E 79 31.54 30.23 28.96
CA PRO E 79 32.88 30.54 28.41
C PRO E 79 33.79 29.33 28.25
N ILE E 80 34.52 29.28 27.12
CA ILE E 80 35.46 28.21 26.78
C ILE E 80 36.57 28.77 25.91
N GLU E 81 37.83 28.42 26.21
CA GLU E 81 38.96 28.89 25.42
C GLU E 81 39.36 27.79 24.43
N VAL E 82 39.42 28.14 23.13
CA VAL E 82 39.80 27.21 22.07
C VAL E 82 40.94 27.81 21.21
N TRP E 83 41.53 27.02 20.31
CA TRP E 83 42.58 27.49 19.43
C TRP E 83 42.00 27.64 18.02
N LYS E 84 42.08 28.84 17.45
CA LYS E 84 41.62 29.12 16.08
C LYS E 84 42.80 28.73 15.19
N LEU E 85 42.65 27.64 14.43
CA LEU E 85 43.69 27.13 13.54
C LEU E 85 43.46 27.67 12.12
N TYR E 86 44.37 28.50 11.63
CA TYR E 86 44.24 29.10 10.30
C TYR E 86 44.92 28.27 9.23
N PHE E 87 44.37 28.29 8.00
CA PHE E 87 44.92 27.59 6.84
C PHE E 87 45.10 28.54 5.64
N THR E 88 45.86 28.11 4.62
CA THR E 88 46.08 28.95 3.44
C THR E 88 44.85 28.91 2.53
N HIS E 89 44.33 27.71 2.28
CA HIS E 89 43.23 27.49 1.36
C HIS E 89 42.07 26.74 2.02
N PRO E 90 40.80 27.08 1.70
CA PRO E 90 39.68 26.33 2.31
C PRO E 90 39.68 24.82 2.03
N GLN E 91 40.20 24.38 0.87
CA GLN E 91 40.28 22.94 0.58
C GLN E 91 41.32 22.20 1.45
N ASP E 92 42.15 22.94 2.21
CA ASP E 92 43.09 22.37 3.16
C ASP E 92 42.30 21.75 4.32
N GLN E 93 41.22 22.44 4.77
CA GLN E 93 40.36 21.99 5.88
C GLN E 93 39.88 20.53 5.73
N PRO E 94 39.17 20.12 4.65
CA PRO E 94 38.76 18.70 4.56
C PRO E 94 39.93 17.73 4.52
N ALA E 95 41.08 18.17 3.99
CA ALA E 95 42.26 17.32 3.89
C ALA E 95 42.96 17.07 5.23
N ILE E 96 42.92 18.04 6.17
CA ILE E 96 43.64 17.90 7.44
C ILE E 96 42.77 17.82 8.72
N ARG E 97 41.47 18.18 8.68
CA ARG E 97 40.64 18.20 9.89
C ARG E 97 40.56 16.87 10.63
N ASP E 98 40.49 15.73 9.92
CA ASP E 98 40.43 14.42 10.56
C ASP E 98 41.73 14.09 11.29
N LYS E 99 42.87 14.43 10.69
CA LYS E 99 44.17 14.19 11.33
C LYS E 99 44.33 15.04 12.59
N ILE E 100 43.80 16.26 12.59
CA ILE E 100 43.88 17.12 13.78
C ILE E 100 42.93 16.59 14.85
N LYS E 101 41.71 16.19 14.48
CA LYS E 101 40.76 15.63 15.44
C LYS E 101 41.29 14.34 16.08
N GLU E 102 41.95 13.49 15.27
CA GLU E 102 42.51 12.22 15.74
C GLU E 102 43.74 12.37 16.63
N HIS E 103 44.34 13.57 16.71
CA HIS E 103 45.50 13.81 17.56
C HIS E 103 45.09 13.59 19.03
N PRO E 104 45.91 12.85 19.82
CA PRO E 104 45.54 12.56 21.22
C PRO E 104 45.29 13.76 22.12
N ALA E 105 45.94 14.90 21.81
CA ALA E 105 45.79 16.11 22.62
C ALA E 105 44.59 16.98 22.22
N VAL E 106 43.85 16.60 21.17
CA VAL E 106 42.68 17.36 20.72
C VAL E 106 41.41 16.68 21.20
N VAL E 107 40.62 17.38 22.02
CA VAL E 107 39.37 16.87 22.57
C VAL E 107 38.31 16.85 21.48
N ASP E 108 38.19 17.96 20.74
CA ASP E 108 37.22 18.09 19.65
C ASP E 108 37.54 19.29 18.77
N ILE E 109 36.99 19.28 17.55
CA ILE E 109 37.16 20.38 16.58
C ILE E 109 35.81 20.99 16.23
N TYR E 110 35.77 22.29 15.87
CA TYR E 110 34.51 22.99 15.60
C TYR E 110 34.59 23.87 14.36
N GLU E 111 33.43 24.15 13.74
CA GLU E 111 33.28 25.02 12.56
C GLU E 111 34.29 24.70 11.46
N TYR E 112 34.32 23.41 11.08
CA TYR E 112 35.22 22.84 10.08
C TYR E 112 34.57 22.53 8.74
N ASP E 113 33.25 22.68 8.63
CA ASP E 113 32.53 22.35 7.40
C ASP E 113 31.68 23.50 6.90
N ILE E 114 32.12 24.73 7.13
CA ILE E 114 31.38 25.90 6.68
C ILE E 114 31.95 26.31 5.33
N PRO E 115 31.14 26.31 4.25
CA PRO E 115 31.67 26.74 2.94
C PRO E 115 32.29 28.13 3.02
N PHE E 116 33.49 28.28 2.45
CA PHE E 116 34.28 29.50 2.48
C PHE E 116 33.55 30.81 2.11
N ALA E 117 32.77 30.82 1.02
CA ALA E 117 32.05 32.02 0.60
C ALA E 117 30.93 32.41 1.58
N LYS E 118 30.29 31.43 2.21
CA LYS E 118 29.25 31.70 3.19
C LYS E 118 29.88 32.16 4.51
N ARG E 119 31.04 31.58 4.88
CA ARG E 119 31.84 31.95 6.05
C ARG E 119 32.21 33.44 5.93
N TYR E 120 32.59 33.90 4.72
CA TYR E 120 32.92 35.29 4.43
C TYR E 120 31.72 36.20 4.72
N LEU E 121 30.52 35.88 4.19
CA LEU E 121 29.32 36.69 4.40
C LEU E 121 29.00 36.84 5.88
N ILE E 122 29.17 35.76 6.66
CA ILE E 122 28.91 35.77 8.10
C ILE E 122 29.96 36.60 8.86
N ASP E 123 31.25 36.28 8.68
CA ASP E 123 32.34 36.94 9.40
C ASP E 123 32.45 38.43 9.09
N LYS E 124 32.10 38.85 7.87
CA LYS E 124 32.14 40.26 7.51
C LYS E 124 30.83 41.03 7.86
N GLY E 125 29.81 40.32 8.31
CA GLY E 125 28.52 40.92 8.64
C GLY E 125 27.77 41.42 7.41
N LEU E 126 28.03 40.80 6.25
CA LEU E 126 27.40 41.20 5.01
C LEU E 126 26.10 40.46 4.79
N ILE E 127 25.06 41.18 4.35
CA ILE E 127 23.77 40.56 4.09
C ILE E 127 23.33 40.82 2.65
N PRO E 128 23.12 39.75 1.85
CA PRO E 128 22.69 39.95 0.46
C PRO E 128 21.28 40.54 0.33
N MET E 129 21.00 41.18 -0.83
CA MET E 129 19.72 41.75 -1.21
C MET E 129 19.25 42.93 -0.34
N GLU E 130 20.18 43.72 0.21
CA GLU E 130 19.81 44.89 1.01
C GLU E 130 19.81 46.16 0.18
N GLY E 131 18.85 47.05 0.45
CA GLY E 131 18.79 48.33 -0.24
C GLY E 131 17.66 48.48 -1.23
N ASP E 132 17.46 49.71 -1.72
CA ASP E 132 16.42 50.05 -2.69
C ASP E 132 16.93 49.88 -4.13
N GLU E 133 17.79 48.89 -4.37
CA GLU E 133 18.34 48.64 -5.69
C GLU E 133 17.34 47.90 -6.57
N GLU E 134 17.11 48.40 -7.79
CA GLU E 134 16.17 47.75 -8.71
C GLU E 134 16.91 46.77 -9.62
N LEU E 135 16.50 45.50 -9.63
CA LEU E 135 17.12 44.46 -10.42
C LEU E 135 16.42 44.23 -11.75
N LYS E 136 17.18 44.09 -12.83
CA LYS E 136 16.66 43.83 -14.16
C LYS E 136 16.44 42.32 -14.28
N MET E 137 15.24 41.90 -14.71
CA MET E 137 14.94 40.47 -14.79
C MET E 137 14.55 40.02 -16.19
N LEU E 138 14.89 38.77 -16.53
CA LEU E 138 14.58 38.20 -17.83
C LEU E 138 14.26 36.72 -17.64
N ALA E 139 13.09 36.30 -18.12
CA ALA E 139 12.71 34.89 -18.05
C ALA E 139 12.97 34.21 -19.38
N PHE E 140 13.18 32.90 -19.37
CA PHE E 140 13.37 32.16 -20.62
C PHE E 140 12.83 30.74 -20.52
N ALA E 141 12.47 30.20 -21.68
CA ALA E 141 11.95 28.85 -21.85
C ALA E 141 12.43 28.28 -23.20
N ILE E 142 12.42 26.95 -23.34
CA ILE E 142 12.84 26.31 -24.58
C ILE E 142 11.81 25.27 -25.04
N ALA E 143 11.62 25.15 -26.37
CA ALA E 143 10.76 24.15 -26.99
C ALA E 143 11.70 23.22 -27.74
N THR E 144 11.63 21.91 -27.49
CA THR E 144 12.56 20.97 -28.09
C THR E 144 11.87 19.92 -28.98
N LEU E 145 12.66 19.24 -29.83
CA LEU E 145 12.13 18.19 -30.69
C LEU E 145 12.28 16.87 -29.95
N TYR E 146 11.17 16.32 -29.46
CA TYR E 146 11.20 15.08 -28.71
C TYR E 146 10.64 13.89 -29.47
N HIS E 147 11.30 12.74 -29.36
CA HIS E 147 10.89 11.47 -29.94
C HIS E 147 11.16 10.42 -28.86
N GLU E 148 10.14 9.65 -28.44
CA GLU E 148 10.30 8.64 -27.39
C GLU E 148 11.41 7.63 -27.68
N GLY E 149 12.09 7.20 -26.62
CA GLY E 149 13.17 6.22 -26.74
C GLY E 149 14.46 6.81 -27.27
N GLU E 150 14.75 8.06 -26.90
CA GLU E 150 15.98 8.72 -27.31
C GLU E 150 16.75 9.23 -26.09
N GLU E 151 18.08 9.42 -26.23
CA GLU E 151 18.89 9.94 -25.13
C GLU E 151 18.58 11.42 -24.87
N PHE E 152 19.00 11.93 -23.70
CA PHE E 152 18.75 13.32 -23.35
C PHE E 152 19.41 14.27 -24.33
N ALA E 153 18.64 15.26 -24.82
CA ALA E 153 19.06 16.28 -25.77
C ALA E 153 19.59 15.74 -27.09
N GLU E 154 19.06 14.59 -27.53
CA GLU E 154 19.46 14.01 -28.82
C GLU E 154 18.85 14.83 -29.98
N GLY E 155 17.64 15.34 -29.78
CA GLY E 155 16.96 16.18 -30.75
C GLY E 155 17.25 17.65 -30.52
N PRO E 156 17.11 18.49 -31.54
CA PRO E 156 17.44 19.92 -31.37
C PRO E 156 16.44 20.75 -30.59
N ILE E 157 16.90 21.93 -30.16
CA ILE E 157 16.03 22.93 -29.56
C ILE E 157 15.40 23.60 -30.79
N LEU E 158 14.10 23.71 -30.79
CA LEU E 158 13.37 24.30 -31.91
C LEU E 158 13.15 25.78 -31.70
N MET E 159 12.86 26.19 -30.46
CA MET E 159 12.59 27.60 -30.14
C MET E 159 13.13 27.95 -28.76
N ILE E 160 13.63 29.18 -28.61
CA ILE E 160 14.04 29.70 -27.31
C ILE E 160 13.23 30.97 -27.15
N SER E 161 12.41 31.05 -26.11
CA SER E 161 11.61 32.25 -25.87
C SER E 161 12.10 32.98 -24.63
N TYR E 162 11.91 34.29 -24.62
CA TYR E 162 12.33 35.12 -23.50
C TYR E 162 11.34 36.22 -23.24
N ALA E 163 11.25 36.70 -22.00
CA ALA E 163 10.31 37.76 -21.66
C ALA E 163 10.81 38.64 -20.55
N ASP E 164 10.50 39.91 -20.66
CA ASP E 164 10.81 40.90 -19.65
C ASP E 164 9.71 41.99 -19.64
N GLU E 165 9.95 43.13 -19.00
CA GLU E 165 8.98 44.23 -18.95
C GLU E 165 8.63 44.77 -20.35
N GLU E 166 9.57 44.67 -21.30
CA GLU E 166 9.35 45.12 -22.67
C GLU E 166 8.53 44.15 -23.55
N GLY E 167 8.27 42.95 -23.06
CA GLY E 167 7.49 41.98 -23.82
C GLY E 167 8.16 40.63 -23.98
N ALA E 168 7.52 39.74 -24.76
CA ALA E 168 8.03 38.40 -25.01
C ALA E 168 8.30 38.12 -26.48
N ARG E 169 9.42 37.44 -26.77
CA ARG E 169 9.81 37.09 -28.13
C ARG E 169 10.24 35.63 -28.24
N VAL E 170 10.23 35.07 -29.46
CA VAL E 170 10.61 33.68 -29.70
C VAL E 170 11.65 33.63 -30.80
N ILE E 171 12.77 32.96 -30.57
CA ILE E 171 13.79 32.79 -31.59
C ILE E 171 13.65 31.37 -32.12
N THR E 172 13.47 31.20 -33.44
CA THR E 172 13.35 29.86 -34.03
C THR E 172 14.07 29.79 -35.37
N TRP E 173 14.38 28.56 -35.84
CA TRP E 173 15.10 28.41 -37.11
C TRP E 173 14.21 27.86 -38.23
N LYS E 174 12.89 28.12 -38.15
CA LYS E 174 11.90 27.82 -39.19
C LYS E 174 11.09 29.09 -39.41
N ASN E 175 10.67 29.33 -40.66
CA ASN E 175 9.95 30.55 -41.00
C ASN E 175 8.50 30.61 -40.52
N ILE E 176 8.30 31.06 -39.27
CA ILE E 176 6.97 31.26 -38.71
C ILE E 176 6.63 32.74 -38.83
N ASP E 177 5.47 33.09 -39.42
CA ASP E 177 5.11 34.49 -39.61
C ASP E 177 4.24 35.06 -38.48
N LEU E 178 4.90 35.46 -37.39
CA LEU E 178 4.27 36.11 -36.23
C LEU E 178 5.09 37.35 -35.87
N PRO E 179 4.47 38.41 -35.32
CA PRO E 179 5.23 39.63 -35.01
C PRO E 179 6.34 39.45 -33.98
N TYR E 180 6.11 38.58 -33.00
CA TYR E 180 7.06 38.31 -31.93
C TYR E 180 8.03 37.17 -32.21
N VAL E 181 8.07 36.65 -33.45
CA VAL E 181 8.98 35.55 -33.79
C VAL E 181 10.15 36.04 -34.63
N ASP E 182 11.38 35.75 -34.17
CA ASP E 182 12.61 36.09 -34.84
C ASP E 182 13.15 34.82 -35.47
N VAL E 183 13.19 34.81 -36.80
CA VAL E 183 13.62 33.66 -37.57
C VAL E 183 15.10 33.74 -37.92
N VAL E 184 15.84 32.67 -37.60
CA VAL E 184 17.27 32.55 -37.89
C VAL E 184 17.51 31.32 -38.80
N SER E 185 18.72 31.17 -39.33
CA SER E 185 19.05 30.08 -40.24
C SER E 185 19.17 28.69 -39.61
N THR E 186 19.81 28.58 -38.44
CA THR E 186 20.04 27.27 -37.82
C THR E 186 19.86 27.28 -36.30
N GLU E 187 19.87 26.08 -35.68
CA GLU E 187 19.81 25.93 -34.23
C GLU E 187 21.02 26.63 -33.59
N LYS E 188 22.20 26.59 -34.26
CA LYS E 188 23.40 27.27 -33.77
C LYS E 188 23.16 28.78 -33.71
N GLU E 189 22.61 29.37 -34.78
CA GLU E 189 22.34 30.80 -34.79
C GLU E 189 21.30 31.22 -33.77
N MET E 190 20.33 30.33 -33.47
CA MET E 190 19.28 30.60 -32.48
C MET E 190 19.88 30.67 -31.06
N ILE E 191 20.77 29.73 -30.73
CA ILE E 191 21.42 29.70 -29.42
C ILE E 191 22.35 30.90 -29.27
N LYS E 192 23.10 31.22 -30.34
CA LYS E 192 24.00 32.38 -30.37
C LYS E 192 23.22 33.69 -30.25
N ARG E 193 22.02 33.75 -30.86
CA ARG E 193 21.16 34.93 -30.79
C ARG E 193 20.65 35.08 -29.36
N PHE E 194 20.21 33.98 -28.73
CA PHE E 194 19.75 34.02 -27.34
C PHE E 194 20.87 34.48 -26.41
N LEU E 195 22.09 33.97 -26.62
CA LEU E 195 23.26 34.37 -25.82
C LEU E 195 23.52 35.89 -26.00
N LYS E 196 23.35 36.40 -27.24
CA LYS E 196 23.52 37.81 -27.55
C LYS E 196 22.45 38.65 -26.83
N VAL E 197 21.18 38.20 -26.84
CA VAL E 197 20.07 38.88 -26.17
C VAL E 197 20.34 39.04 -24.68
N VAL E 198 20.85 37.97 -24.04
CA VAL E 198 21.13 38.04 -22.60
C VAL E 198 22.35 38.94 -22.32
N LYS E 199 23.33 38.98 -23.23
CA LYS E 199 24.50 39.85 -23.05
C LYS E 199 24.11 41.32 -23.22
N GLU E 200 23.24 41.61 -24.19
CA GLU E 200 22.76 42.98 -24.44
C GLU E 200 21.87 43.48 -23.32
N LYS E 201 20.84 42.70 -22.95
CA LYS E 201 19.93 43.07 -21.87
C LYS E 201 20.66 43.13 -20.53
N ASP E 202 21.68 42.27 -20.33
CA ASP E 202 22.49 42.18 -19.11
C ASP E 202 21.62 42.10 -17.85
N PRO E 203 20.76 41.07 -17.75
CA PRO E 203 19.86 40.99 -16.59
C PRO E 203 20.55 40.52 -15.32
N ASP E 204 20.09 41.06 -14.20
CA ASP E 204 20.57 40.66 -12.89
C ASP E 204 19.97 39.31 -12.51
N VAL E 205 18.72 39.02 -12.93
CA VAL E 205 18.02 37.78 -12.61
C VAL E 205 17.59 37.04 -13.88
N LEU E 206 17.88 35.74 -13.98
CA LEU E 206 17.45 34.90 -15.08
C LEU E 206 16.39 33.96 -14.50
N ILE E 207 15.13 34.13 -14.89
CA ILE E 207 14.03 33.33 -14.35
C ILE E 207 13.71 32.11 -15.23
N THR E 208 13.59 30.93 -14.62
CA THR E 208 13.24 29.70 -15.33
C THR E 208 12.16 28.94 -14.54
N TYR E 209 11.51 27.94 -15.16
CA TYR E 209 10.61 27.05 -14.47
C TYR E 209 11.19 25.68 -14.73
N ASN E 210 11.96 25.17 -13.77
CA ASN E 210 12.69 23.91 -13.83
C ASN E 210 13.96 23.99 -14.72
N GLY E 211 14.54 25.17 -14.83
CA GLY E 211 15.78 25.37 -15.58
C GLY E 211 16.98 24.68 -14.93
N ASP E 212 16.92 24.46 -13.61
CA ASP E 212 17.94 23.76 -12.83
C ASP E 212 18.10 22.31 -13.30
N ASN E 213 17.00 21.69 -13.79
CA ASN E 213 17.04 20.29 -14.18
C ASN E 213 16.76 20.00 -15.65
N PHE E 214 16.27 20.99 -16.42
CA PHE E 214 15.98 20.74 -17.83
C PHE E 214 16.64 21.73 -18.81
N ASP E 215 16.19 23.01 -18.81
CA ASP E 215 16.60 24.04 -19.75
C ASP E 215 18.12 24.19 -19.90
N PHE E 216 18.85 24.38 -18.78
CA PHE E 216 20.29 24.57 -18.83
C PHE E 216 21.07 23.35 -19.28
N ALA E 217 20.65 22.16 -18.85
CA ALA E 217 21.31 20.91 -19.24
C ALA E 217 21.08 20.62 -20.73
N TYR E 218 19.89 20.96 -21.25
CA TYR E 218 19.56 20.76 -22.65
C TYR E 218 20.41 21.70 -23.51
N LEU E 219 20.49 22.98 -23.12
CA LEU E 219 21.30 23.97 -23.80
C LEU E 219 22.77 23.57 -23.81
N LYS E 220 23.25 23.00 -22.70
CA LYS E 220 24.64 22.56 -22.56
C LYS E 220 24.99 21.46 -23.58
N LYS E 221 24.17 20.41 -23.69
CA LYS E 221 24.41 19.32 -24.63
C LYS E 221 24.35 19.81 -26.08
N ARG E 222 23.42 20.71 -26.39
CA ARG E 222 23.30 21.24 -27.75
C ARG E 222 24.49 22.14 -28.09
N SER E 223 24.97 22.93 -27.13
CA SER E 223 26.12 23.80 -27.35
C SER E 223 27.39 22.96 -27.54
N GLU E 224 27.52 21.83 -26.83
CA GLU E 224 28.67 20.93 -26.96
C GLU E 224 28.67 20.25 -28.34
N LYS E 225 27.47 19.94 -28.86
CA LYS E 225 27.32 19.33 -30.18
C LYS E 225 27.64 20.34 -31.27
N LEU E 226 27.20 21.59 -31.10
CA LEU E 226 27.36 22.63 -32.10
C LEU E 226 28.65 23.47 -31.98
N GLY E 227 29.42 23.26 -30.93
CA GLY E 227 30.66 23.99 -30.71
C GLY E 227 30.44 25.45 -30.34
N VAL E 228 29.47 25.71 -29.45
CA VAL E 228 29.13 27.07 -29.04
C VAL E 228 29.55 27.34 -27.59
N LYS E 229 30.29 28.43 -27.34
CA LYS E 229 30.66 28.80 -25.98
C LYS E 229 29.48 29.54 -25.35
N PHE E 230 28.71 28.85 -24.48
CA PHE E 230 27.53 29.42 -23.84
C PHE E 230 27.89 30.29 -22.64
N ILE E 231 28.57 31.41 -22.90
CA ILE E 231 29.08 32.33 -21.90
C ILE E 231 28.01 33.26 -21.27
N LEU E 232 27.01 32.70 -20.57
CA LEU E 232 25.95 33.47 -19.92
C LEU E 232 26.42 34.29 -18.71
N GLY E 233 27.44 33.81 -18.01
CA GLY E 233 27.96 34.48 -16.82
C GLY E 233 28.56 35.83 -17.13
N ARG E 234 28.44 36.79 -16.20
CA ARG E 234 28.97 38.14 -16.34
C ARG E 234 30.50 38.21 -16.39
N GLU E 235 31.18 37.16 -15.95
CA GLU E 235 32.63 37.08 -16.07
C GLU E 235 33.05 36.15 -17.25
N GLY E 236 32.15 35.93 -18.22
CA GLY E 236 32.42 35.11 -19.39
C GLY E 236 32.33 33.61 -19.15
N SER E 237 31.86 33.20 -17.97
CA SER E 237 31.75 31.78 -17.66
C SER E 237 30.45 31.16 -18.19
N GLU E 238 30.44 29.85 -18.35
CA GLU E 238 29.24 29.12 -18.76
C GLU E 238 28.45 28.70 -17.51
N PRO E 239 27.13 28.41 -17.61
CA PRO E 239 26.36 28.01 -16.42
C PRO E 239 27.00 26.84 -15.67
N LYS E 240 27.09 26.95 -14.34
CA LYS E 240 27.72 25.94 -13.49
C LYS E 240 26.68 24.98 -12.93
N ILE E 241 26.66 23.75 -13.44
CA ILE E 241 25.69 22.73 -13.02
C ILE E 241 26.25 21.93 -11.84
N GLN E 242 25.60 22.02 -10.67
CA GLN E 242 26.04 21.31 -9.46
C GLN E 242 24.96 20.36 -8.95
N ARG E 243 25.37 19.29 -8.24
CA ARG E 243 24.44 18.33 -7.67
C ARG E 243 23.95 18.88 -6.34
N MET E 244 22.62 18.94 -6.15
CA MET E 244 22.01 19.40 -4.91
C MET E 244 21.00 18.32 -4.50
N GLY E 245 21.40 17.46 -3.58
CA GLY E 245 20.58 16.34 -3.14
C GLY E 245 20.39 15.33 -4.25
N ASP E 246 19.13 14.93 -4.50
CA ASP E 246 18.81 13.97 -5.56
C ASP E 246 18.65 14.61 -6.96
N ARG E 247 18.76 15.94 -7.05
CA ARG E 247 18.58 16.66 -8.30
C ARG E 247 19.78 17.61 -8.59
N PHE E 248 19.62 18.57 -9.51
CA PHE E 248 20.69 19.51 -9.84
C PHE E 248 20.25 20.96 -9.63
N ALA E 249 21.22 21.86 -9.57
CA ALA E 249 20.99 23.29 -9.43
C ALA E 249 22.01 24.02 -10.31
N VAL E 250 21.60 25.11 -10.95
CA VAL E 250 22.47 25.82 -11.89
C VAL E 250 22.73 27.27 -11.52
N GLU E 251 24.01 27.68 -11.53
CA GLU E 251 24.40 29.06 -11.26
C GLU E 251 24.83 29.74 -12.54
N VAL E 252 24.57 31.04 -12.63
CA VAL E 252 25.08 31.86 -13.72
C VAL E 252 25.81 32.96 -12.96
N LYS E 253 27.15 32.93 -12.97
CA LYS E 253 27.98 33.85 -12.18
C LYS E 253 27.73 35.32 -12.49
N GLY E 254 27.57 36.11 -11.43
CA GLY E 254 27.27 37.53 -11.55
C GLY E 254 25.78 37.84 -11.62
N ARG E 255 24.95 36.83 -11.91
CA ARG E 255 23.49 36.93 -12.00
C ARG E 255 22.84 35.97 -10.98
N ILE E 256 21.53 36.09 -10.78
CA ILE E 256 20.78 35.21 -9.91
C ILE E 256 19.94 34.34 -10.80
N HIS E 257 20.25 33.03 -10.89
CA HIS E 257 19.39 32.14 -11.65
C HIS E 257 18.26 31.80 -10.68
N PHE E 258 17.09 32.38 -10.91
CA PHE E 258 15.92 32.15 -10.07
C PHE E 258 15.05 31.11 -10.72
N ASP E 259 15.17 29.87 -10.28
CA ASP E 259 14.33 28.79 -10.78
C ASP E 259 13.10 28.80 -9.90
N LEU E 260 11.94 29.14 -10.49
CA LEU E 260 10.68 29.21 -9.78
C LEU E 260 10.19 27.88 -9.23
N TYR E 261 10.49 26.77 -9.94
CA TYR E 261 10.00 25.43 -9.55
C TYR E 261 10.20 25.11 -8.04
N PRO E 262 11.42 25.11 -7.47
CA PRO E 262 11.56 24.79 -6.04
C PRO E 262 10.78 25.73 -5.12
N VAL E 263 10.67 27.01 -5.47
CA VAL E 263 9.93 27.97 -4.67
C VAL E 263 8.43 27.66 -4.68
N ILE E 264 7.84 27.44 -5.88
CA ILE E 264 6.42 27.12 -6.03
C ILE E 264 6.09 25.79 -5.36
N ARG E 265 6.95 24.79 -5.53
CA ARG E 265 6.76 23.44 -5.00
C ARG E 265 6.60 23.42 -3.46
N ARG E 266 7.30 24.31 -2.73
CA ARG E 266 7.20 24.38 -1.26
C ARG E 266 6.21 25.45 -0.77
N THR E 267 5.74 26.36 -1.65
CA THR E 267 4.84 27.45 -1.26
C THR E 267 3.35 27.12 -1.45
N ILE E 268 3.00 26.52 -2.59
CA ILE E 268 1.60 26.21 -2.93
C ILE E 268 1.37 24.70 -2.91
N ASN E 269 0.20 24.24 -2.42
CA ASN E 269 -0.13 22.80 -2.40
C ASN E 269 -1.05 22.47 -3.58
N LEU E 270 -0.51 21.76 -4.59
CA LEU E 270 -1.27 21.43 -5.79
C LEU E 270 -1.14 19.94 -6.16
N PRO E 271 -2.14 19.37 -6.85
CA PRO E 271 -2.01 17.96 -7.30
C PRO E 271 -0.93 17.82 -8.38
N THR E 272 -0.78 18.83 -9.26
CA THR E 272 0.24 18.83 -10.31
C THR E 272 1.02 20.15 -10.31
N TYR E 273 2.30 20.11 -10.68
CA TYR E 273 3.12 21.31 -10.71
C TYR E 273 3.57 21.69 -12.11
N THR E 274 2.68 21.55 -13.09
CA THR E 274 2.98 21.99 -14.45
C THR E 274 2.89 23.51 -14.44
N LEU E 275 3.61 24.18 -15.35
CA LEU E 275 3.58 25.64 -15.43
C LEU E 275 2.15 26.19 -15.60
N GLU E 276 1.31 25.44 -16.33
CA GLU E 276 -0.10 25.78 -16.57
C GLU E 276 -0.91 25.74 -15.28
N ALA E 277 -0.72 24.70 -14.46
CA ALA E 277 -1.44 24.54 -13.19
C ALA E 277 -1.05 25.62 -12.18
N VAL E 278 0.24 25.99 -12.16
CA VAL E 278 0.78 27.01 -11.26
C VAL E 278 0.25 28.39 -11.63
N TYR E 279 0.23 28.69 -12.94
CA TYR E 279 -0.26 29.97 -13.45
C TYR E 279 -1.74 30.17 -13.12
N GLU E 280 -2.58 29.15 -13.33
CA GLU E 280 -4.00 29.26 -13.02
C GLU E 280 -4.24 29.35 -11.52
N ALA E 281 -3.46 28.62 -10.71
CA ALA E 281 -3.62 28.67 -9.25
C ALA E 281 -3.34 30.06 -8.71
N ILE E 282 -2.35 30.75 -9.28
CA ILE E 282 -1.97 32.08 -8.80
C ILE E 282 -2.78 33.21 -9.44
N PHE E 283 -2.89 33.25 -10.77
CA PHE E 283 -3.55 34.33 -11.48
C PHE E 283 -5.03 34.13 -11.81
N GLY E 284 -5.55 32.92 -11.59
CA GLY E 284 -6.95 32.62 -11.89
C GLY E 284 -7.30 32.71 -13.36
N GLN E 285 -6.32 32.44 -14.23
CA GLN E 285 -6.51 32.49 -15.68
C GLN E 285 -5.93 31.23 -16.31
N PRO E 286 -6.57 30.68 -17.33
CA PRO E 286 -6.05 29.44 -17.94
C PRO E 286 -4.87 29.64 -18.88
N LYS E 287 -4.06 28.59 -19.01
CA LYS E 287 -2.93 28.57 -19.93
C LYS E 287 -3.01 27.28 -20.72
N GLU E 288 -2.99 27.37 -22.05
CA GLU E 288 -3.09 26.19 -22.90
C GLU E 288 -1.77 25.42 -22.90
N LYS E 289 -1.84 24.08 -22.87
CA LYS E 289 -0.68 23.21 -22.90
C LYS E 289 -0.58 22.54 -24.26
N VAL E 290 0.56 22.74 -24.94
CA VAL E 290 0.81 22.08 -26.22
C VAL E 290 1.85 21.01 -25.90
N TYR E 291 1.49 19.74 -26.08
CA TYR E 291 2.34 18.61 -25.71
C TYR E 291 3.53 18.39 -26.65
N ALA E 292 4.56 17.67 -26.16
CA ALA E 292 5.80 17.36 -26.87
C ALA E 292 5.56 16.66 -28.21
N GLU E 293 4.54 15.78 -28.26
CA GLU E 293 4.19 15.02 -29.47
C GLU E 293 3.55 15.94 -30.53
N GLU E 294 2.84 16.99 -30.10
CA GLU E 294 2.23 17.96 -31.00
C GLU E 294 3.31 18.89 -31.58
N ILE E 295 4.29 19.29 -30.75
CA ILE E 295 5.40 20.16 -31.15
C ILE E 295 6.24 19.48 -32.23
N ALA E 296 6.52 18.18 -32.04
CA ALA E 296 7.31 17.41 -33.00
C ALA E 296 6.57 17.25 -34.33
N GLN E 297 5.26 16.99 -34.29
CA GLN E 297 4.45 16.83 -35.50
C GLN E 297 4.31 18.16 -36.25
N ALA E 298 4.17 19.26 -35.51
CA ALA E 298 4.08 20.60 -36.12
C ALA E 298 5.37 20.96 -36.83
N TRP E 299 6.52 20.60 -36.23
CA TRP E 299 7.83 20.88 -36.80
C TRP E 299 8.13 20.02 -38.04
N GLU E 300 7.86 18.70 -37.97
CA GLU E 300 8.12 17.79 -39.07
C GLU E 300 7.18 18.00 -40.26
N THR E 301 5.91 18.31 -40.00
CA THR E 301 4.94 18.56 -41.09
C THR E 301 4.84 20.03 -41.52
N GLY E 302 5.41 20.95 -40.75
CA GLY E 302 5.33 22.38 -41.04
C GLY E 302 3.97 23.01 -40.77
N GLU E 303 3.00 22.22 -40.30
CA GLU E 303 1.66 22.69 -40.03
C GLU E 303 1.42 23.08 -38.59
N GLY E 304 0.76 24.22 -38.41
CA GLY E 304 0.38 24.71 -37.09
C GLY E 304 1.55 25.11 -36.21
N LEU E 305 2.63 25.63 -36.80
CA LEU E 305 3.78 26.09 -36.03
C LEU E 305 3.52 27.41 -35.30
N GLU E 306 2.46 28.16 -35.68
CA GLU E 306 2.09 29.40 -34.99
C GLU E 306 1.61 29.08 -33.57
N ARG E 307 0.86 27.98 -33.40
CA ARG E 307 0.34 27.52 -32.11
C ARG E 307 1.49 27.13 -31.16
N VAL E 308 2.55 26.54 -31.71
CA VAL E 308 3.74 26.13 -30.95
C VAL E 308 4.54 27.36 -30.51
N ALA E 309 4.70 28.34 -31.42
CA ALA E 309 5.41 29.60 -31.12
C ALA E 309 4.65 30.42 -30.08
N ARG E 310 3.31 30.40 -30.13
CA ARG E 310 2.48 31.11 -29.17
C ARG E 310 2.63 30.45 -27.80
N TYR E 311 2.59 29.10 -27.75
CA TYR E 311 2.76 28.33 -26.52
C TYR E 311 4.14 28.64 -25.91
N SER E 312 5.19 28.68 -26.74
CA SER E 312 6.55 28.97 -26.30
C SER E 312 6.65 30.40 -25.76
N MET E 313 6.04 31.36 -26.45
CA MET E 313 6.02 32.77 -26.04
C MET E 313 5.30 32.91 -24.70
N GLU E 314 4.17 32.20 -24.53
CA GLU E 314 3.43 32.29 -23.28
C GLU E 314 4.16 31.57 -22.13
N ASP E 315 5.04 30.59 -22.40
CA ASP E 315 5.83 29.94 -21.35
C ASP E 315 6.76 30.99 -20.73
N ALA E 316 7.45 31.77 -21.58
CA ALA E 316 8.37 32.82 -21.13
C ALA E 316 7.60 33.94 -20.44
N LYS E 317 6.46 34.34 -21.02
CA LYS E 317 5.63 35.42 -20.47
C LYS E 317 5.10 35.10 -19.08
N VAL E 318 4.52 33.91 -18.86
CA VAL E 318 4.00 33.53 -17.55
C VAL E 318 5.13 33.27 -16.56
N THR E 319 6.30 32.77 -17.02
CA THR E 319 7.43 32.58 -16.11
C THR E 319 7.94 33.93 -15.62
N TYR E 320 7.91 34.96 -16.48
CA TYR E 320 8.33 36.30 -16.07
C TYR E 320 7.32 36.86 -15.06
N GLU E 321 6.01 36.77 -15.36
CA GLU E 321 4.96 37.26 -14.46
C GLU E 321 5.03 36.58 -13.09
N LEU E 322 5.23 35.26 -13.05
CA LEU E 322 5.34 34.50 -11.81
C LEU E 322 6.61 34.90 -11.04
N GLY E 323 7.70 35.15 -11.78
CA GLY E 323 8.97 35.57 -11.22
C GLY E 323 8.86 36.91 -10.52
N LYS E 324 8.12 37.86 -11.13
CA LYS E 324 7.92 39.19 -10.56
C LYS E 324 7.20 39.10 -9.22
N GLU E 325 6.22 38.19 -9.10
CA GLU E 325 5.44 38.03 -7.90
C GLU E 325 6.18 37.30 -6.78
N PHE E 326 6.99 36.29 -7.14
CA PHE E 326 7.68 35.48 -6.13
C PHE E 326 9.08 35.98 -5.72
N PHE E 327 9.70 36.87 -6.50
CA PHE E 327 11.03 37.40 -6.13
C PHE E 327 11.03 38.23 -4.84
N PRO E 328 10.04 39.12 -4.56
CA PRO E 328 10.09 39.91 -3.32
C PRO E 328 10.13 39.06 -2.06
N MET E 329 9.40 37.95 -2.05
CA MET E 329 9.33 37.02 -0.92
C MET E 329 10.69 36.38 -0.69
N GLU E 330 11.33 35.93 -1.78
CA GLU E 330 12.63 35.29 -1.70
C GLU E 330 13.74 36.28 -1.36
N ALA E 331 13.62 37.54 -1.83
CA ALA E 331 14.61 38.57 -1.50
C ALA E 331 14.56 38.90 0.00
N GLN E 332 13.36 38.91 0.60
CA GLN E 332 13.23 39.16 2.02
C GLN E 332 13.78 38.00 2.84
N LEU E 333 13.56 36.77 2.36
CA LEU E 333 14.09 35.56 3.00
C LEU E 333 15.62 35.56 2.97
N SER E 334 16.22 36.11 1.90
CA SER E 334 17.68 36.24 1.78
C SER E 334 18.23 37.18 2.85
N ARG E 335 17.50 38.26 3.15
CA ARG E 335 17.92 39.22 4.17
C ARG E 335 17.78 38.61 5.56
N LEU E 336 16.70 37.86 5.80
CA LEU E 336 16.45 37.23 7.10
C LEU E 336 17.52 36.19 7.44
N VAL E 337 17.79 35.25 6.52
CA VAL E 337 18.78 34.18 6.69
C VAL E 337 20.22 34.71 6.60
N GLY E 338 20.42 35.74 5.80
CA GLY E 338 21.75 36.32 5.61
C GLY E 338 22.56 35.57 4.57
N GLN E 339 21.88 34.92 3.62
CA GLN E 339 22.52 34.18 2.53
C GLN E 339 21.94 34.60 1.17
N SER E 340 22.63 34.25 0.06
CA SER E 340 22.20 34.64 -1.28
C SER E 340 20.82 34.10 -1.65
N LEU E 341 20.13 34.79 -2.57
CA LEU E 341 18.81 34.39 -3.05
C LEU E 341 18.86 33.02 -3.69
N TRP E 342 19.94 32.74 -4.45
CA TRP E 342 20.14 31.43 -5.09
C TRP E 342 20.11 30.32 -4.05
N ASP E 343 20.80 30.52 -2.92
CA ASP E 343 20.85 29.54 -1.84
C ASP E 343 19.53 29.40 -1.08
N VAL E 344 18.96 30.52 -0.59
CA VAL E 344 17.73 30.44 0.21
C VAL E 344 16.54 29.91 -0.60
N SER E 345 16.49 30.18 -1.93
CA SER E 345 15.37 29.70 -2.76
C SER E 345 15.38 28.20 -3.00
N ARG E 346 16.53 27.54 -2.86
CA ARG E 346 16.67 26.11 -3.11
C ARG E 346 16.88 25.26 -1.86
N SER E 347 17.23 25.89 -0.73
CA SER E 347 17.52 25.12 0.47
C SER E 347 16.29 24.80 1.32
N SER E 348 16.36 23.66 2.02
CA SER E 348 15.32 23.15 2.93
C SER E 348 15.16 24.06 4.14
N THR E 349 14.07 23.91 4.91
CA THR E 349 13.84 24.74 6.08
C THR E 349 14.88 24.52 7.20
N GLY E 350 15.37 23.28 7.32
CA GLY E 350 16.40 22.92 8.29
C GLY E 350 17.71 23.64 8.01
N ASN E 351 18.05 23.81 6.72
CA ASN E 351 19.27 24.53 6.34
C ASN E 351 19.12 26.03 6.56
N LEU E 352 17.92 26.58 6.31
CA LEU E 352 17.67 28.02 6.51
C LEU E 352 17.85 28.38 7.97
N VAL E 353 17.29 27.54 8.87
CA VAL E 353 17.38 27.75 10.31
C VAL E 353 18.84 27.67 10.74
N GLU E 354 19.56 26.66 10.27
CA GLU E 354 20.97 26.48 10.60
C GLU E 354 21.86 27.63 10.11
N TRP E 355 21.63 28.12 8.88
CA TRP E 355 22.44 29.25 8.36
C TRP E 355 22.17 30.55 9.10
N PHE E 356 20.94 30.73 9.56
CA PHE E 356 20.54 31.89 10.33
C PHE E 356 21.21 31.80 11.71
N LEU E 357 21.17 30.61 12.35
CA LEU E 357 21.80 30.42 13.66
C LEU E 357 23.31 30.56 13.60
N LEU E 358 23.98 30.08 12.53
CA LEU E 358 25.44 30.20 12.42
C LEU E 358 25.88 31.67 12.40
N ARG E 359 25.07 32.54 11.76
CA ARG E 359 25.33 33.97 11.67
C ARG E 359 25.14 34.64 13.02
N LYS E 360 24.02 34.34 13.68
CA LYS E 360 23.73 34.92 14.98
C LYS E 360 24.74 34.45 16.02
N ALA E 361 25.20 33.20 15.94
CA ALA E 361 26.21 32.66 16.86
C ALA E 361 27.51 33.43 16.69
N TYR E 362 27.90 33.72 15.44
CA TYR E 362 29.10 34.49 15.16
C TYR E 362 29.00 35.89 15.77
N GLU E 363 27.85 36.55 15.59
CA GLU E 363 27.60 37.89 16.13
C GLU E 363 27.74 37.92 17.65
N ARG E 364 27.30 36.84 18.32
CA ARG E 364 27.31 36.73 19.77
C ARG E 364 28.50 35.96 20.35
N ASN E 365 29.56 35.74 19.54
CA ASN E 365 30.80 35.04 19.94
C ASN E 365 30.54 33.66 20.52
N GLU E 366 29.60 32.94 19.91
CA GLU E 366 29.19 31.61 20.31
C GLU E 366 29.72 30.57 19.33
N LEU E 367 30.38 29.54 19.84
CA LEU E 367 30.87 28.42 19.06
C LEU E 367 29.67 27.63 18.63
N ALA E 368 29.64 27.22 17.36
CA ALA E 368 28.54 26.42 16.87
C ALA E 368 28.78 24.98 17.26
N PRO E 369 27.77 24.28 17.81
CA PRO E 369 27.93 22.84 18.07
C PRO E 369 28.06 22.11 16.72
N ASN E 370 28.77 20.98 16.69
CA ASN E 370 28.92 20.24 15.43
C ASN E 370 27.66 19.47 15.10
N LYS E 371 27.56 19.03 13.83
CA LYS E 371 26.49 18.14 13.41
C LYS E 371 26.80 16.76 14.06
N PRO E 372 25.79 15.98 14.45
CA PRO E 372 26.05 14.70 15.13
C PRO E 372 26.75 13.67 14.27
N ASP E 373 27.48 12.74 14.91
CA ASP E 373 28.10 11.63 14.18
C ASP E 373 27.05 10.48 14.08
N GLU E 374 27.37 9.36 13.42
CA GLU E 374 26.41 8.26 13.27
C GLU E 374 25.91 7.71 14.62
N ARG E 375 26.79 7.64 15.64
CA ARG E 375 26.44 7.16 16.96
C ARG E 375 25.46 8.12 17.65
N GLU E 376 25.74 9.44 17.60
CA GLU E 376 24.88 10.45 18.19
C GLU E 376 23.54 10.54 17.47
N LEU E 377 23.54 10.37 16.15
CA LEU E 377 22.31 10.37 15.35
C LEU E 377 21.36 9.26 15.81
N ALA E 378 21.91 8.06 16.09
CA ALA E 378 21.15 6.90 16.56
C ALA E 378 20.55 7.15 17.96
N ARG E 379 21.25 7.94 18.78
CA ARG E 379 20.81 8.31 20.12
C ARG E 379 19.64 9.32 20.08
N ARG E 380 19.54 10.13 19.01
CA ARG E 380 18.53 11.17 18.87
C ARG E 380 17.28 10.76 18.10
N ARG E 381 17.01 9.46 17.95
CA ARG E 381 15.84 9.01 17.21
C ARG E 381 14.58 8.82 18.07
N GLU E 382 14.67 9.05 19.38
CA GLU E 382 13.52 8.91 20.26
C GLU E 382 12.52 10.05 20.02
N SER E 383 11.22 9.76 20.07
CA SER E 383 10.21 10.80 19.87
C SER E 383 9.78 11.41 21.22
N TYR E 384 8.84 12.34 21.20
CA TYR E 384 8.31 12.99 22.39
C TYR E 384 6.83 13.35 22.16
N ALA E 385 6.11 13.70 23.23
CA ALA E 385 4.70 14.04 23.12
C ALA E 385 4.47 15.37 22.42
N GLY E 386 3.53 15.39 21.49
CA GLY E 386 3.24 16.58 20.72
C GLY E 386 2.02 17.36 21.17
N GLY E 387 1.26 17.86 20.22
CA GLY E 387 0.07 18.65 20.50
C GLY E 387 -1.12 17.85 20.98
N TYR E 388 -2.06 18.54 21.63
CA TYR E 388 -3.27 17.92 22.15
C TYR E 388 -4.40 18.01 21.11
N VAL E 389 -5.00 16.86 20.76
CA VAL E 389 -6.11 16.84 19.82
C VAL E 389 -7.33 16.27 20.55
N LYS E 390 -8.34 17.11 20.76
CA LYS E 390 -9.57 16.74 21.45
C LYS E 390 -10.46 15.92 20.55
N GLU E 391 -11.13 14.89 21.09
CA GLU E 391 -12.08 14.08 20.33
C GLU E 391 -13.30 14.98 20.13
N PRO E 392 -13.74 15.20 18.88
CA PRO E 392 -14.85 16.14 18.63
C PRO E 392 -16.20 15.69 19.14
N GLU E 393 -17.09 16.67 19.37
CA GLU E 393 -18.44 16.43 19.83
C GLU E 393 -19.33 16.11 18.67
N ARG E 394 -19.96 14.92 18.73
CA ARG E 394 -20.87 14.44 17.70
C ARG E 394 -22.16 15.26 17.66
N GLY E 395 -22.58 15.66 16.47
CA GLY E 395 -23.79 16.44 16.26
C GLY E 395 -23.58 17.64 15.38
N LEU E 396 -24.67 18.30 14.98
CA LEU E 396 -24.60 19.50 14.14
C LEU E 396 -24.62 20.72 15.05
N TRP E 397 -23.68 21.67 14.84
CA TRP E 397 -23.61 22.84 15.69
C TRP E 397 -23.76 24.16 14.94
N GLU E 398 -24.33 25.16 15.63
CA GLU E 398 -24.58 26.48 15.06
C GLU E 398 -23.89 27.59 15.83
N ASN E 399 -23.58 28.70 15.12
CA ASN E 399 -22.97 29.90 15.69
C ASN E 399 -21.68 29.57 16.44
N ILE E 400 -20.68 29.11 15.70
CA ILE E 400 -19.42 28.68 16.28
C ILE E 400 -18.26 29.64 15.99
N VAL E 401 -17.46 29.91 17.02
CA VAL E 401 -16.28 30.75 16.89
C VAL E 401 -15.02 29.90 16.92
N TYR E 402 -14.01 30.31 16.15
CA TYR E 402 -12.72 29.62 16.13
C TYR E 402 -11.70 30.55 16.75
N LEU E 403 -11.17 30.17 17.92
CA LEU E 403 -10.16 30.96 18.63
C LEU E 403 -8.85 30.20 18.53
N ASP E 404 -7.76 30.90 18.21
CA ASP E 404 -6.47 30.25 18.00
C ASP E 404 -5.31 31.11 18.47
N PHE E 405 -4.32 30.51 19.13
CA PHE E 405 -3.16 31.26 19.61
C PHE E 405 -2.31 31.79 18.46
N ARG E 406 -1.82 33.02 18.61
CA ARG E 406 -0.93 33.66 17.64
C ARG E 406 0.45 33.04 17.84
N SER E 407 1.09 32.53 16.76
CA SER E 407 2.42 31.90 16.78
C SER E 407 2.72 31.14 18.09
N LEU E 408 1.88 30.14 18.42
CA LEU E 408 1.98 29.46 19.72
C LEU E 408 3.40 29.00 20.13
N TYR E 409 3.99 28.03 19.43
CA TYR E 409 5.28 27.48 19.82
C TYR E 409 6.40 28.56 19.87
N PRO E 410 6.54 29.47 18.86
CA PRO E 410 7.54 30.55 19.01
C PRO E 410 7.28 31.46 20.21
N SER E 411 6.00 31.78 20.53
CA SER E 411 5.65 32.62 21.68
C SER E 411 6.02 31.94 22.99
N ILE E 412 5.89 30.60 23.06
CA ILE E 412 6.26 29.82 24.24
C ILE E 412 7.79 29.89 24.44
N ILE E 413 8.54 29.77 23.34
CA ILE E 413 10.01 29.83 23.36
C ILE E 413 10.48 31.18 23.88
N ILE E 414 9.85 32.26 23.40
CA ILE E 414 10.21 33.61 23.84
C ILE E 414 9.82 33.83 25.31
N THR E 415 8.55 33.57 25.66
CA THR E 415 8.02 33.78 27.02
C THR E 415 8.76 32.99 28.10
N HIS E 416 8.97 31.70 27.87
CA HIS E 416 9.61 30.85 28.87
C HIS E 416 11.12 30.65 28.67
N ASN E 417 11.74 31.38 27.73
CA ASN E 417 13.18 31.35 27.46
C ASN E 417 13.69 29.92 27.19
N VAL E 418 12.95 29.17 26.37
CA VAL E 418 13.24 27.78 26.05
C VAL E 418 14.42 27.67 25.09
N SER E 419 15.60 27.32 25.62
CA SER E 419 16.82 27.28 24.83
C SER E 419 17.83 26.26 25.38
N PRO E 420 18.73 25.67 24.55
CA PRO E 420 19.72 24.72 25.11
C PRO E 420 20.67 25.35 26.12
N ASP E 421 20.93 26.66 25.99
CA ASP E 421 21.83 27.38 26.88
C ASP E 421 21.21 27.82 28.22
N THR E 422 19.87 27.75 28.34
CA THR E 422 19.15 28.09 29.58
C THR E 422 18.61 26.84 30.30
N LEU E 423 18.57 25.68 29.62
CA LEU E 423 18.08 24.41 30.15
C LEU E 423 18.92 23.95 31.34
N ASN E 424 18.27 23.81 32.51
CA ASN E 424 18.89 23.34 33.75
C ASN E 424 20.20 24.05 34.08
N ARG E 425 20.31 25.35 33.73
CA ARG E 425 21.52 26.10 34.03
C ARG E 425 21.45 26.49 35.49
N GLU E 426 22.41 26.04 36.29
CA GLU E 426 22.41 26.34 37.71
C GLU E 426 22.92 27.75 38.02
N GLY E 427 22.55 28.26 39.19
CA GLY E 427 22.99 29.57 39.63
C GLY E 427 22.04 30.73 39.38
N CYS E 428 20.93 30.49 38.65
CA CYS E 428 19.98 31.57 38.36
C CYS E 428 19.04 31.88 39.51
N GLU E 429 18.55 33.11 39.55
CA GLU E 429 17.56 33.54 40.55
C GLU E 429 16.15 33.12 40.12
N GLU E 430 15.88 33.09 38.79
CA GLU E 430 14.56 32.79 38.28
C GLU E 430 14.54 31.69 37.22
N TYR E 431 13.49 30.85 37.25
CA TYR E 431 13.29 29.74 36.33
C TYR E 431 11.83 29.59 35.91
N ASP E 432 11.59 29.02 34.74
CA ASP E 432 10.26 28.65 34.29
C ASP E 432 10.32 27.13 34.12
N VAL E 433 9.42 26.41 34.78
CA VAL E 433 9.43 24.95 34.75
C VAL E 433 8.34 24.42 33.82
N ALA E 434 8.74 23.59 32.84
CA ALA E 434 7.82 23.01 31.87
C ALA E 434 6.90 22.02 32.54
N PRO E 435 5.59 22.12 32.30
CA PRO E 435 4.66 21.16 32.93
C PRO E 435 4.85 19.75 32.41
N GLN E 436 4.59 18.73 33.26
CA GLN E 436 4.70 17.30 32.95
C GLN E 436 6.14 16.80 32.80
N VAL E 437 6.92 17.38 31.86
CA VAL E 437 8.29 16.98 31.60
C VAL E 437 9.30 17.58 32.63
N GLY E 438 8.90 18.62 33.33
CA GLY E 438 9.68 19.23 34.41
C GLY E 438 11.00 19.93 34.10
N HIS E 439 11.34 20.12 32.82
CA HIS E 439 12.60 20.79 32.47
C HIS E 439 12.56 22.25 32.95
N LYS E 440 13.67 22.73 33.51
CA LYS E 440 13.73 24.09 34.03
C LYS E 440 14.52 24.99 33.10
N PHE E 441 14.05 26.22 32.89
CA PHE E 441 14.74 27.16 32.01
C PHE E 441 15.08 28.44 32.73
N CYS E 442 16.38 28.75 32.82
CA CYS E 442 16.88 29.98 33.45
C CYS E 442 16.26 31.22 32.77
N LYS E 443 15.81 32.21 33.56
CA LYS E 443 15.19 33.43 33.03
C LYS E 443 16.04 34.70 33.24
N ASP E 444 17.23 34.58 33.85
CA ASP E 444 18.10 35.73 34.15
C ASP E 444 18.66 36.46 32.93
N PHE E 445 18.89 35.75 31.84
CA PHE E 445 19.44 36.33 30.62
C PHE E 445 18.71 35.76 29.40
N PRO E 446 18.60 36.50 28.28
CA PRO E 446 17.90 35.93 27.11
C PRO E 446 18.69 34.79 26.48
N GLY E 447 18.01 33.68 26.22
CA GLY E 447 18.61 32.53 25.57
C GLY E 447 18.85 32.85 24.11
N PHE E 448 19.81 32.15 23.51
CA PHE E 448 20.20 32.31 22.11
C PHE E 448 19.01 32.34 21.14
N ILE E 449 18.28 31.22 20.97
CA ILE E 449 17.14 31.16 20.05
C ILE E 449 15.96 32.04 20.54
N PRO E 450 15.55 32.02 21.82
CA PRO E 450 14.46 32.93 22.25
C PRO E 450 14.69 34.41 21.91
N SER E 451 15.95 34.88 21.98
CA SER E 451 16.27 36.28 21.67
C SER E 451 16.21 36.62 20.17
N LEU E 452 16.13 35.60 19.30
CA LEU E 452 16.10 35.80 17.85
C LEU E 452 14.70 35.70 17.24
N LEU E 453 13.78 34.97 17.90
CA LEU E 453 12.43 34.75 17.38
C LEU E 453 11.53 36.00 17.35
N GLY E 454 11.74 36.91 18.29
CA GLY E 454 10.94 38.13 18.39
C GLY E 454 10.88 38.95 17.13
N ASP E 455 12.04 39.14 16.48
CA ASP E 455 12.10 39.93 15.25
C ASP E 455 11.40 39.25 14.08
N LEU E 456 11.41 37.91 14.04
CA LEU E 456 10.71 37.17 12.98
C LEU E 456 9.20 37.33 13.14
N LEU E 457 8.72 37.25 14.38
CA LEU E 457 7.29 37.40 14.66
C LEU E 457 6.83 38.82 14.34
N GLU E 458 7.67 39.83 14.64
CA GLU E 458 7.38 41.23 14.33
C GLU E 458 7.27 41.40 12.82
N GLU E 459 8.23 40.81 12.06
CA GLU E 459 8.22 40.92 10.61
C GLU E 459 6.97 40.27 10.02
N ARG E 460 6.59 39.08 10.49
CA ARG E 460 5.41 38.38 10.01
C ARG E 460 4.14 39.21 10.19
N GLN E 461 3.97 39.82 11.39
CA GLN E 461 2.79 40.63 11.69
C GLN E 461 2.70 41.89 10.81
N LYS E 462 3.86 42.47 10.43
CA LYS E 462 3.88 43.63 9.53
C LYS E 462 3.34 43.22 8.15
N VAL E 463 3.70 42.01 7.69
CA VAL E 463 3.23 41.47 6.43
C VAL E 463 1.71 41.18 6.51
N LYS E 464 1.23 40.62 7.64
CA LYS E 464 -0.20 40.34 7.83
C LYS E 464 -1.03 41.62 7.83
N LYS E 465 -0.52 42.70 8.43
CA LYS E 465 -1.24 43.99 8.43
C LYS E 465 -1.31 44.53 7.00
N LYS E 466 -0.22 44.39 6.24
CA LYS E 466 -0.17 44.83 4.84
C LYS E 466 -1.19 44.02 4.01
N MET E 467 -1.21 42.69 4.20
CA MET E 467 -2.10 41.74 3.51
C MET E 467 -3.59 42.08 3.67
N LYS E 468 -4.12 42.14 4.92
CA LYS E 468 -5.52 42.44 5.19
C LYS E 468 -5.98 43.79 4.58
N ALA E 469 -5.03 44.70 4.33
CA ALA E 469 -5.28 46.03 3.75
C ALA E 469 -4.92 46.11 2.26
N THR E 470 -4.82 44.97 1.57
CA THR E 470 -4.48 44.95 0.15
C THR E 470 -5.73 44.75 -0.70
N ILE E 471 -5.98 45.66 -1.66
CA ILE E 471 -7.15 45.57 -2.53
C ILE E 471 -6.98 44.45 -3.56
N ASP E 472 -5.83 44.42 -4.26
CA ASP E 472 -5.54 43.41 -5.28
C ASP E 472 -5.52 41.99 -4.72
N PRO E 473 -6.41 41.10 -5.19
CA PRO E 473 -6.43 39.73 -4.64
C PRO E 473 -5.20 38.90 -4.96
N ILE E 474 -4.46 39.22 -6.03
CA ILE E 474 -3.24 38.49 -6.38
C ILE E 474 -2.15 38.90 -5.41
N GLU E 475 -1.98 40.20 -5.21
CA GLU E 475 -0.98 40.74 -4.27
C GLU E 475 -1.30 40.27 -2.84
N LYS E 476 -2.59 40.20 -2.48
CA LYS E 476 -3.02 39.74 -1.16
C LYS E 476 -2.70 38.24 -0.98
N LYS E 477 -2.89 37.44 -2.05
CA LYS E 477 -2.58 36.01 -2.05
C LYS E 477 -1.07 35.80 -1.88
N LEU E 478 -0.26 36.62 -2.55
CA LEU E 478 1.20 36.55 -2.44
C LEU E 478 1.67 36.99 -1.05
N LEU E 479 1.01 37.99 -0.45
CA LEU E 479 1.36 38.41 0.91
C LEU E 479 0.92 37.34 1.94
N ASP E 480 -0.14 36.59 1.63
CA ASP E 480 -0.60 35.48 2.47
C ASP E 480 0.46 34.37 2.47
N TYR E 481 1.06 34.09 1.29
CA TYR E 481 2.13 33.10 1.17
C TYR E 481 3.38 33.59 1.92
N ARG E 482 3.66 34.90 1.85
CA ARG E 482 4.80 35.54 2.50
C ARG E 482 4.73 35.44 4.03
N GLN E 483 3.59 35.81 4.63
CA GLN E 483 3.44 35.71 6.08
C GLN E 483 3.42 34.26 6.54
N ARG E 484 2.90 33.35 5.71
CA ARG E 484 2.86 31.93 6.00
C ARG E 484 4.26 31.32 5.93
N LEU E 485 5.13 31.84 5.05
CA LEU E 485 6.51 31.37 4.96
C LEU E 485 7.25 31.71 6.25
N ILE E 486 7.03 32.91 6.80
CA ILE E 486 7.67 33.29 8.06
C ILE E 486 7.08 32.52 9.24
N LYS E 487 5.76 32.22 9.18
CA LYS E 487 5.06 31.43 10.18
C LYS E 487 5.67 30.02 10.22
N ILE E 488 5.87 29.38 9.06
CA ILE E 488 6.46 28.05 8.96
C ILE E 488 7.93 28.09 9.41
N LEU E 489 8.66 29.14 9.02
CA LEU E 489 10.05 29.32 9.39
C LEU E 489 10.21 29.42 10.91
N ALA E 490 9.42 30.29 11.57
CA ALA E 490 9.45 30.46 13.03
C ALA E 490 9.12 29.15 13.75
N ASN E 491 8.10 28.40 13.28
CA ASN E 491 7.73 27.11 13.87
C ASN E 491 8.82 26.05 13.66
N SER E 492 9.63 26.19 12.60
CA SER E 492 10.73 25.27 12.34
C SER E 492 11.88 25.43 13.30
N PHE E 493 11.96 26.54 14.06
CA PHE E 493 12.98 26.66 15.11
C PHE E 493 12.62 25.70 16.23
N TYR E 494 11.31 25.54 16.52
CA TYR E 494 10.81 24.57 17.49
C TYR E 494 11.18 23.16 16.98
N GLY E 495 10.79 22.85 15.74
CA GLY E 495 11.02 21.55 15.13
C GLY E 495 12.48 21.16 15.10
N TYR E 496 13.31 22.16 14.82
CA TYR E 496 14.75 22.06 14.76
C TYR E 496 15.33 21.54 16.10
N TYR E 497 14.73 21.91 17.25
CA TYR E 497 15.19 21.40 18.55
C TYR E 497 15.06 19.86 18.62
N GLY E 498 14.05 19.30 17.96
CA GLY E 498 13.82 17.85 17.94
C GLY E 498 14.28 17.14 16.68
N TYR E 499 15.07 17.84 15.84
CA TYR E 499 15.61 17.35 14.58
C TYR E 499 16.98 16.73 14.87
N ALA E 500 17.12 15.41 14.64
CA ALA E 500 18.34 14.66 14.94
C ALA E 500 19.64 15.25 14.40
N LYS E 501 19.62 15.85 13.21
CA LYS E 501 20.82 16.42 12.61
C LYS E 501 21.15 17.85 13.03
N ALA E 502 20.30 18.48 13.83
CA ALA E 502 20.51 19.85 14.25
C ALA E 502 21.77 20.05 15.07
N ARG E 503 22.44 21.18 14.87
CA ARG E 503 23.62 21.54 15.64
C ARG E 503 23.10 21.92 17.04
N TRP E 504 22.13 22.84 17.11
CA TRP E 504 21.54 23.29 18.38
C TRP E 504 20.33 22.43 18.77
N TYR E 505 20.52 21.11 18.69
CA TYR E 505 19.52 20.13 19.05
C TYR E 505 19.30 20.16 20.56
N CYS E 506 18.04 20.03 20.99
CA CYS E 506 17.64 20.05 22.40
C CYS E 506 16.27 19.39 22.50
N LYS E 507 16.20 18.06 22.64
CA LYS E 507 14.90 17.37 22.74
C LYS E 507 14.10 17.83 23.96
N GLU E 508 14.79 18.18 25.04
CA GLU E 508 14.17 18.70 26.25
C GLU E 508 13.44 20.01 25.94
N CYS E 509 14.06 20.87 25.12
CA CYS E 509 13.47 22.13 24.69
C CYS E 509 12.22 21.87 23.86
N ALA E 510 12.30 20.94 22.88
CA ALA E 510 11.20 20.58 22.01
C ALA E 510 9.99 20.04 22.77
N GLU E 511 10.21 19.07 23.69
CA GLU E 511 9.11 18.51 24.45
C GLU E 511 8.56 19.45 25.51
N SER E 512 9.34 20.47 25.93
CA SER E 512 8.88 21.48 26.87
C SER E 512 7.95 22.44 26.14
N VAL E 513 8.26 22.79 24.88
CA VAL E 513 7.41 23.67 24.08
C VAL E 513 6.04 23.02 23.88
N THR E 514 6.03 21.73 23.48
CA THR E 514 4.76 21.02 23.28
C THR E 514 4.01 20.86 24.59
N ALA E 515 4.73 20.60 25.70
CA ALA E 515 4.11 20.46 27.01
C ALA E 515 3.42 21.75 27.46
N TRP E 516 4.07 22.90 27.25
CA TRP E 516 3.47 24.19 27.61
C TRP E 516 2.25 24.45 26.72
N GLY E 517 2.33 24.08 25.44
CA GLY E 517 1.23 24.22 24.50
C GLY E 517 0.01 23.40 24.91
N ARG E 518 0.24 22.16 25.35
CA ARG E 518 -0.82 21.29 25.84
C ARG E 518 -1.46 21.87 27.10
N GLN E 519 -0.65 22.49 27.97
CA GLN E 519 -1.14 23.12 29.18
C GLN E 519 -1.99 24.33 28.84
N TYR E 520 -1.54 25.20 27.93
CA TYR E 520 -2.29 26.41 27.56
C TYR E 520 -3.62 26.11 26.88
N ILE E 521 -3.68 25.13 25.97
CA ILE E 521 -4.93 24.83 25.26
C ILE E 521 -5.96 24.19 26.21
N GLU E 522 -5.57 23.21 27.04
CA GLU E 522 -6.48 22.54 27.96
C GLU E 522 -6.98 23.48 29.07
N THR E 523 -6.14 24.42 29.49
CA THR E 523 -6.50 25.41 30.50
C THR E 523 -7.49 26.39 29.90
N THR E 524 -7.24 26.86 28.67
CA THR E 524 -8.12 27.78 27.95
C THR E 524 -9.50 27.16 27.72
N ILE E 525 -9.56 25.85 27.40
CA ILE E 525 -10.81 25.12 27.19
C ILE E 525 -11.60 25.11 28.49
N ARG E 526 -10.94 24.76 29.60
CA ARG E 526 -11.55 24.70 30.92
C ARG E 526 -12.09 26.06 31.33
N GLU E 527 -11.32 27.12 31.04
CA GLU E 527 -11.65 28.51 31.34
C GLU E 527 -12.89 28.99 30.56
N ILE E 528 -12.97 28.73 29.25
CA ILE E 528 -14.11 29.19 28.46
C ILE E 528 -15.39 28.44 28.82
N GLU E 529 -15.28 27.17 29.23
CA GLU E 529 -16.46 26.37 29.57
C GLU E 529 -17.00 26.71 30.96
N GLU E 530 -16.11 26.75 31.97
CA GLU E 530 -16.50 27.01 33.35
C GLU E 530 -16.85 28.47 33.68
N LYS E 531 -16.12 29.45 33.13
CA LYS E 531 -16.37 30.88 33.42
C LYS E 531 -17.43 31.49 32.49
N PHE E 532 -17.30 31.24 31.21
CA PHE E 532 -18.25 31.67 30.20
C PHE E 532 -18.95 30.34 29.87
N GLY E 533 -20.26 30.34 29.63
CA GLY E 533 -20.98 29.10 29.39
C GLY E 533 -20.76 28.46 28.03
N PHE E 534 -19.50 28.43 27.52
CA PHE E 534 -19.26 27.88 26.18
C PHE E 534 -19.14 26.38 26.18
N LYS E 535 -19.34 25.78 25.01
CA LYS E 535 -19.18 24.36 24.81
C LYS E 535 -18.08 24.22 23.75
N VAL E 536 -16.94 23.60 24.12
CA VAL E 536 -15.86 23.40 23.15
C VAL E 536 -16.19 22.14 22.36
N LEU E 537 -16.39 22.32 21.06
CA LEU E 537 -16.79 21.26 20.15
C LEU E 537 -15.59 20.42 19.68
N TYR E 538 -14.48 21.07 19.36
CA TYR E 538 -13.30 20.40 18.84
C TYR E 538 -12.07 21.28 19.06
N ALA E 539 -10.90 20.67 19.31
CA ALA E 539 -9.67 21.41 19.51
C ALA E 539 -8.47 20.65 18.94
N ASP E 540 -7.52 21.38 18.35
CA ASP E 540 -6.30 20.79 17.81
C ASP E 540 -5.11 21.72 18.05
N THR E 541 -4.21 21.31 18.97
CA THR E 541 -2.93 21.90 19.34
C THR E 541 -2.99 23.30 20.03
N ASP E 542 -3.53 24.33 19.34
CA ASP E 542 -3.60 25.69 19.85
C ASP E 542 -4.86 26.48 19.48
N GLY E 543 -5.85 25.78 18.94
CA GLY E 543 -7.08 26.40 18.49
C GLY E 543 -8.27 25.52 18.78
N PHE E 544 -9.45 26.14 18.88
CA PHE E 544 -10.65 25.40 19.17
C PHE E 544 -11.89 26.06 18.60
N PHE E 545 -12.88 25.22 18.33
CA PHE E 545 -14.18 25.63 17.83
C PHE E 545 -15.14 25.55 19.02
N ALA E 546 -15.83 26.64 19.32
CA ALA E 546 -16.74 26.68 20.47
C ALA E 546 -18.02 27.47 20.18
N THR E 547 -19.08 27.21 20.93
CA THR E 547 -20.36 27.90 20.78
C THR E 547 -21.10 27.92 22.12
N ILE E 548 -22.11 28.80 22.26
CA ILE E 548 -22.97 28.80 23.42
C ILE E 548 -24.25 28.13 22.88
N PRO E 549 -24.53 26.89 23.31
CA PRO E 549 -25.64 26.12 22.73
C PRO E 549 -26.94 26.87 22.40
N GLY E 550 -27.57 27.53 23.35
CA GLY E 550 -28.82 28.25 23.09
C GLY E 550 -28.64 29.73 22.93
N ALA E 551 -27.76 30.13 22.00
CA ALA E 551 -27.49 31.56 21.79
C ALA E 551 -27.46 31.95 20.33
N ASP E 552 -27.83 33.21 20.01
CA ASP E 552 -27.77 33.71 18.64
C ASP E 552 -26.35 34.19 18.26
N ALA E 553 -26.12 34.47 16.96
CA ALA E 553 -24.82 34.91 16.44
C ALA E 553 -24.23 36.12 17.19
N GLU E 554 -25.06 37.14 17.46
CA GLU E 554 -24.60 38.33 18.16
C GLU E 554 -24.06 38.02 19.56
N THR E 555 -24.77 37.16 20.31
CA THR E 555 -24.38 36.78 21.67
C THR E 555 -23.08 35.98 21.69
N VAL E 556 -22.95 34.97 20.81
CA VAL E 556 -21.74 34.16 20.79
C VAL E 556 -20.51 34.99 20.40
N LYS E 557 -20.64 35.94 19.45
CA LYS E 557 -19.53 36.80 19.07
C LYS E 557 -19.14 37.72 20.23
N LYS E 558 -20.14 38.35 20.87
CA LYS E 558 -19.95 39.24 22.01
C LYS E 558 -19.24 38.54 23.16
N LYS E 559 -19.73 37.35 23.57
CA LYS E 559 -19.15 36.59 24.67
C LYS E 559 -17.78 36.01 24.31
N ALA E 560 -17.51 35.73 23.03
CA ALA E 560 -16.19 35.25 22.61
C ALA E 560 -15.17 36.38 22.78
N LYS E 561 -15.55 37.62 22.42
CA LYS E 561 -14.69 38.79 22.57
C LYS E 561 -14.44 39.12 24.03
N GLU E 562 -15.43 38.88 24.91
CA GLU E 562 -15.29 39.09 26.35
C GLU E 562 -14.32 38.06 26.92
N PHE E 563 -14.43 36.79 26.46
CA PHE E 563 -13.53 35.74 26.92
C PHE E 563 -12.09 36.05 26.47
N LEU E 564 -11.90 36.51 25.24
CA LEU E 564 -10.56 36.86 24.71
C LEU E 564 -9.89 37.94 25.56
N ASP E 565 -10.64 38.97 25.97
CA ASP E 565 -10.09 40.04 26.79
C ASP E 565 -9.67 39.50 28.15
N TYR E 566 -10.50 38.63 28.74
CA TYR E 566 -10.27 37.99 30.03
C TYR E 566 -9.05 37.07 30.01
N ILE E 567 -8.98 36.15 29.04
CA ILE E 567 -7.90 35.17 28.95
C ILE E 567 -6.58 35.82 28.55
N ASN E 568 -6.63 36.84 27.68
CA ASN E 568 -5.41 37.53 27.28
C ASN E 568 -4.77 38.30 28.44
N ALA E 569 -5.59 38.78 29.39
CA ALA E 569 -5.10 39.45 30.59
C ALA E 569 -4.40 38.46 31.54
N LYS E 570 -4.78 37.17 31.51
CA LYS E 570 -4.20 36.14 32.36
C LYS E 570 -2.93 35.52 31.74
N LEU E 571 -2.85 35.45 30.41
CA LEU E 571 -1.72 34.82 29.71
C LEU E 571 -0.41 35.62 29.84
N PRO E 572 0.72 34.93 30.09
CA PRO E 572 1.98 35.66 30.27
C PRO E 572 2.69 36.01 28.97
N GLY E 573 3.60 36.98 29.05
CA GLY E 573 4.42 37.44 27.94
C GLY E 573 3.77 37.58 26.58
N LEU E 574 4.33 36.85 25.60
CA LEU E 574 3.87 36.89 24.22
C LEU E 574 2.70 35.98 23.88
N LEU E 575 2.12 35.27 24.87
CA LEU E 575 1.00 34.38 24.62
C LEU E 575 -0.27 35.18 24.37
N GLU E 576 -0.97 34.94 23.25
CA GLU E 576 -2.20 35.65 22.93
C GLU E 576 -3.19 34.80 22.14
N LEU E 577 -4.45 34.74 22.58
CA LEU E 577 -5.50 34.00 21.88
C LEU E 577 -6.19 35.00 20.92
N GLU E 578 -6.35 34.62 19.65
CA GLU E 578 -6.94 35.49 18.64
C GLU E 578 -8.31 35.01 18.16
N TYR E 579 -9.14 35.94 17.68
CA TYR E 579 -10.44 35.60 17.11
C TYR E 579 -10.13 35.31 15.65
N GLU E 580 -10.19 34.04 15.25
CA GLU E 580 -9.82 33.65 13.90
C GLU E 580 -11.00 33.50 12.91
N GLY E 581 -12.21 33.26 13.40
CA GLY E 581 -13.36 33.13 12.51
C GLY E 581 -14.69 32.78 13.16
N PHE E 582 -15.79 33.06 12.45
CA PHE E 582 -17.15 32.74 12.89
C PHE E 582 -17.83 31.93 11.81
N TYR E 583 -18.50 30.85 12.21
CA TYR E 583 -19.18 29.94 11.30
C TYR E 583 -20.63 29.71 11.74
N LYS E 584 -21.58 29.90 10.81
CA LYS E 584 -23.02 29.76 11.00
C LYS E 584 -23.40 28.32 11.38
N ARG E 585 -22.77 27.34 10.72
CA ARG E 585 -22.99 25.92 10.98
C ARG E 585 -21.66 25.17 10.88
N GLY E 586 -21.58 24.02 11.54
CA GLY E 586 -20.38 23.21 11.50
C GLY E 586 -20.54 21.83 12.08
N PHE E 587 -20.05 20.81 11.38
CA PHE E 587 -20.08 19.45 11.88
C PHE E 587 -18.66 18.92 12.02
N PHE E 588 -18.43 18.19 13.10
CA PHE E 588 -17.11 17.66 13.40
C PHE E 588 -17.19 16.14 13.43
N ALA E 589 -16.66 15.49 12.37
CA ALA E 589 -16.75 14.06 12.17
C ALA E 589 -15.80 13.23 13.07
N THR E 590 -14.46 13.32 12.90
CA THR E 590 -13.43 12.63 13.69
C THR E 590 -12.28 13.66 13.91
N LYS E 591 -11.16 13.27 14.56
CA LYS E 591 -10.02 14.17 14.70
C LYS E 591 -9.45 14.44 13.29
N LYS E 592 -9.15 15.71 12.99
CA LYS E 592 -8.61 16.18 11.72
C LYS E 592 -9.63 16.16 10.55
N LYS E 593 -10.90 15.80 10.82
CA LYS E 593 -11.95 15.74 9.80
C LYS E 593 -13.22 16.49 10.19
N TYR E 594 -13.51 17.61 9.53
CA TYR E 594 -14.70 18.42 9.83
C TYR E 594 -15.02 19.41 8.70
N ALA E 595 -16.19 20.05 8.77
CA ALA E 595 -16.56 21.07 7.78
C ALA E 595 -17.34 22.21 8.42
N VAL E 596 -16.99 23.46 8.08
CA VAL E 596 -17.63 24.65 8.63
C VAL E 596 -18.10 25.61 7.51
N ILE E 597 -19.15 26.40 7.76
CA ILE E 597 -19.65 27.36 6.77
C ILE E 597 -19.69 28.77 7.36
N ASP E 598 -19.05 29.75 6.72
CA ASP E 598 -19.05 31.13 7.22
C ASP E 598 -20.37 31.87 6.87
N GLU E 599 -20.51 33.15 7.28
CA GLU E 599 -21.71 33.94 7.01
C GLU E 599 -21.93 34.26 5.52
N GLU E 600 -20.85 34.21 4.72
CA GLU E 600 -20.91 34.44 3.27
C GLU E 600 -21.26 33.17 2.47
N ASP E 601 -21.54 32.03 3.16
CA ASP E 601 -21.90 30.72 2.62
C ASP E 601 -20.71 29.94 2.03
N LYS E 602 -19.49 30.30 2.42
CA LYS E 602 -18.29 29.59 1.96
C LYS E 602 -18.00 28.43 2.91
N ILE E 603 -17.87 27.23 2.37
CA ILE E 603 -17.60 26.03 3.15
C ILE E 603 -16.11 25.70 3.18
N THR E 604 -15.59 25.38 4.36
CA THR E 604 -14.19 25.00 4.54
C THR E 604 -14.21 23.60 5.10
N THR E 605 -13.63 22.66 4.37
CA THR E 605 -13.59 21.27 4.81
C THR E 605 -12.13 20.88 5.06
N ARG E 606 -11.88 20.20 6.17
CA ARG E 606 -10.53 19.73 6.50
C ARG E 606 -10.60 18.22 6.64
N GLY E 607 -9.69 17.51 5.98
CA GLY E 607 -9.63 16.06 6.04
C GLY E 607 -10.75 15.31 5.33
N LEU E 608 -11.67 16.04 4.70
CA LEU E 608 -12.81 15.44 4.01
C LEU E 608 -12.64 15.32 2.50
N LYS E 609 -11.82 16.19 1.90
CA LYS E 609 -11.60 16.21 0.45
C LYS E 609 -11.08 14.89 -0.12
N MET E 610 -9.94 14.37 0.42
CA MET E 610 -9.28 13.12 0.00
C MET E 610 -9.26 12.92 -1.53
N VAL E 611 -8.66 13.88 -2.25
CA VAL E 611 -8.62 13.88 -3.72
C VAL E 611 -7.54 12.97 -4.34
N ARG E 612 -6.55 12.52 -3.56
CA ARG E 612 -5.52 11.62 -4.10
C ARG E 612 -6.09 10.20 -4.36
N ARG E 613 -7.12 9.80 -3.59
CA ARG E 613 -7.81 8.53 -3.76
C ARG E 613 -8.64 8.53 -5.08
N ASP E 614 -9.11 7.34 -5.50
CA ASP E 614 -9.89 7.18 -6.73
C ASP E 614 -11.39 7.47 -6.53
N TRP E 615 -11.90 8.63 -7.00
CA TRP E 615 -13.32 8.96 -6.80
C TRP E 615 -14.13 9.15 -8.08
N SER E 616 -15.30 8.50 -8.09
CA SER E 616 -16.31 8.53 -9.15
C SER E 616 -17.17 9.78 -9.00
N GLU E 617 -17.77 10.25 -10.10
CA GLU E 617 -18.62 11.43 -10.06
C GLU E 617 -19.82 11.26 -9.15
N ILE E 618 -20.34 10.03 -9.03
CA ILE E 618 -21.48 9.74 -8.17
C ILE E 618 -21.09 9.91 -6.69
N ALA E 619 -19.88 9.48 -6.29
CA ALA E 619 -19.43 9.63 -4.91
C ALA E 619 -19.12 11.08 -4.59
N LYS E 620 -18.53 11.81 -5.54
CA LYS E 620 -18.19 13.21 -5.37
C LYS E 620 -19.47 14.05 -5.30
N GLU E 621 -20.39 13.81 -6.23
CA GLU E 621 -21.68 14.50 -6.32
C GLU E 621 -22.55 14.20 -5.11
N THR E 622 -22.53 12.97 -4.59
CA THR E 622 -23.33 12.62 -3.42
C THR E 622 -22.80 13.35 -2.19
N GLN E 623 -21.47 13.35 -2.00
CA GLN E 623 -20.82 14.04 -0.87
C GLN E 623 -21.03 15.56 -0.94
N ALA E 624 -21.06 16.12 -2.16
CA ALA E 624 -21.30 17.54 -2.35
C ALA E 624 -22.72 17.89 -1.93
N ARG E 625 -23.70 17.04 -2.32
CA ARG E 625 -25.11 17.25 -1.96
C ARG E 625 -25.35 17.05 -0.47
N VAL E 626 -24.62 16.10 0.17
CA VAL E 626 -24.75 15.82 1.60
C VAL E 626 -24.25 17.04 2.38
N LEU E 627 -23.07 17.56 2.04
CA LEU E 627 -22.50 18.73 2.72
C LEU E 627 -23.34 19.97 2.51
N GLU E 628 -23.91 20.13 1.31
CA GLU E 628 -24.75 21.27 0.98
C GLU E 628 -26.03 21.23 1.84
N ALA E 629 -26.61 20.03 2.03
CA ALA E 629 -27.82 19.84 2.83
C ALA E 629 -27.56 20.09 4.32
N ILE E 630 -26.36 19.74 4.82
CA ILE E 630 -26.04 19.92 6.24
C ILE E 630 -25.59 21.34 6.56
N LEU E 631 -24.63 21.87 5.82
CA LEU E 631 -24.08 23.19 6.10
C LEU E 631 -24.95 24.34 5.58
N LYS E 632 -25.46 24.24 4.35
CA LYS E 632 -26.29 25.31 3.79
C LYS E 632 -27.74 25.27 4.29
N HIS E 633 -28.41 24.12 4.16
CA HIS E 633 -29.81 23.97 4.57
C HIS E 633 -30.02 23.61 6.04
N GLY E 634 -28.99 23.08 6.70
CA GLY E 634 -29.09 22.67 8.09
C GLY E 634 -30.08 21.54 8.31
N ASP E 635 -30.20 20.65 7.32
CA ASP E 635 -31.14 19.53 7.35
C ASP E 635 -30.41 18.19 7.21
N VAL E 636 -30.13 17.51 8.34
CA VAL E 636 -29.46 16.21 8.37
C VAL E 636 -30.34 15.11 7.74
N GLU E 637 -31.66 15.21 7.94
CA GLU E 637 -32.61 14.25 7.39
C GLU E 637 -32.63 14.26 5.86
N GLU E 638 -32.33 15.41 5.24
CA GLU E 638 -32.29 15.54 3.78
C GLU E 638 -31.05 14.84 3.26
N ALA E 639 -29.89 15.04 3.92
CA ALA E 639 -28.63 14.41 3.55
C ALA E 639 -28.75 12.89 3.53
N VAL E 640 -29.43 12.30 4.52
CA VAL E 640 -29.59 10.85 4.57
C VAL E 640 -30.60 10.35 3.53
N ARG E 641 -31.57 11.19 3.11
CA ARG E 641 -32.51 10.83 2.05
C ARG E 641 -31.75 10.78 0.71
N ILE E 642 -30.75 11.69 0.51
CA ILE E 642 -29.93 11.74 -0.70
C ILE E 642 -29.10 10.46 -0.84
N VAL E 643 -28.42 10.02 0.24
CA VAL E 643 -27.62 8.79 0.20
C VAL E 643 -28.48 7.56 -0.08
N LYS E 644 -29.62 7.44 0.60
CA LYS E 644 -30.54 6.32 0.38
C LYS E 644 -31.10 6.31 -1.06
N GLU E 645 -31.28 7.51 -1.64
CA GLU E 645 -31.75 7.70 -3.00
C GLU E 645 -30.70 7.20 -4.00
N VAL E 646 -29.43 7.56 -3.78
CA VAL E 646 -28.30 7.17 -4.64
C VAL E 646 -28.03 5.67 -4.60
N THR E 647 -28.02 5.06 -3.40
CA THR E 647 -27.80 3.62 -3.27
C THR E 647 -28.93 2.81 -3.89
N GLU E 648 -30.17 3.33 -3.83
CA GLU E 648 -31.32 2.66 -4.42
C GLU E 648 -31.20 2.73 -5.94
N LYS E 649 -30.83 3.90 -6.48
CA LYS E 649 -30.67 4.08 -7.92
C LYS E 649 -29.55 3.22 -8.47
N LEU E 650 -28.44 3.10 -7.72
CA LEU E 650 -27.31 2.28 -8.13
C LEU E 650 -27.71 0.81 -8.20
N SER E 651 -28.47 0.32 -7.20
CA SER E 651 -28.94 -1.07 -7.16
C SER E 651 -29.88 -1.36 -8.31
N LYS E 652 -30.77 -0.41 -8.63
CA LYS E 652 -31.74 -0.58 -9.72
C LYS E 652 -31.17 -0.28 -11.12
N TYR E 653 -29.89 0.11 -11.22
CA TYR E 653 -29.22 0.45 -12.48
C TYR E 653 -29.85 1.68 -13.15
N GLU E 654 -30.26 2.66 -12.33
CA GLU E 654 -30.88 3.88 -12.81
C GLU E 654 -29.90 5.06 -12.93
N VAL E 655 -28.69 4.94 -12.33
CA VAL E 655 -27.67 5.99 -12.39
C VAL E 655 -27.02 5.96 -13.78
N PRO E 656 -26.92 7.11 -14.47
CA PRO E 656 -26.26 7.12 -15.79
C PRO E 656 -24.80 6.67 -15.66
N PRO E 657 -24.31 5.81 -16.58
CA PRO E 657 -22.93 5.33 -16.44
C PRO E 657 -21.84 6.39 -16.55
N GLU E 658 -22.19 7.61 -17.00
CA GLU E 658 -21.24 8.72 -17.08
C GLU E 658 -20.80 9.17 -15.69
N GLN E 659 -21.66 9.02 -14.67
CA GLN E 659 -21.33 9.38 -13.29
C GLN E 659 -20.48 8.30 -12.57
N LEU E 660 -20.20 7.17 -13.22
CA LEU E 660 -19.42 6.10 -12.60
C LEU E 660 -17.98 6.03 -13.10
N VAL E 661 -17.56 7.01 -13.92
CA VAL E 661 -16.21 7.03 -14.46
C VAL E 661 -15.22 7.44 -13.38
N ILE E 662 -14.17 6.67 -13.19
CA ILE E 662 -13.13 6.98 -12.22
C ILE E 662 -11.94 7.49 -13.02
N TYR E 663 -11.45 8.68 -12.66
CA TYR E 663 -10.32 9.29 -13.36
C TYR E 663 -9.19 9.35 -12.34
N GLN E 664 -8.03 8.74 -12.67
CA GLN E 664 -6.84 8.79 -11.84
C GLN E 664 -5.62 8.77 -12.74
N PRO E 665 -4.62 9.58 -12.43
CA PRO E 665 -3.43 9.73 -13.27
C PRO E 665 -2.36 8.63 -13.15
N ILE E 666 -1.72 8.30 -14.27
CA ILE E 666 -0.57 7.39 -14.37
C ILE E 666 0.63 8.34 -14.12
N THR E 667 1.45 8.06 -13.10
CA THR E 667 2.53 8.99 -12.72
C THR E 667 3.94 8.56 -13.12
N LYS E 668 4.11 7.40 -13.77
CA LYS E 668 5.43 6.88 -14.14
C LYS E 668 5.34 5.85 -15.30
N GLN E 669 6.48 5.24 -15.71
CA GLN E 669 6.48 4.17 -16.72
C GLN E 669 5.72 2.97 -16.12
N LEU E 670 4.88 2.29 -16.91
CA LEU E 670 4.09 1.16 -16.42
C LEU E 670 4.91 0.04 -15.77
N HIS E 671 6.15 -0.17 -16.25
CA HIS E 671 7.04 -1.18 -15.69
C HIS E 671 7.53 -0.80 -14.27
N ASP E 672 7.64 0.51 -13.98
CA ASP E 672 8.14 1.03 -12.70
C ASP E 672 7.14 0.95 -11.53
N TYR E 673 5.96 0.35 -11.72
CA TYR E 673 4.96 0.23 -10.65
C TYR E 673 5.25 -0.96 -9.73
N ARG E 674 5.08 -0.75 -8.41
CA ARG E 674 5.27 -1.79 -7.40
C ARG E 674 3.91 -2.45 -7.14
N ALA E 675 2.84 -1.64 -7.01
CA ALA E 675 1.49 -2.13 -6.79
C ALA E 675 0.65 -1.82 -8.03
N ARG E 676 -0.16 -2.80 -8.50
CA ARG E 676 -1.00 -2.63 -9.68
C ARG E 676 -2.47 -2.44 -9.32
N GLY E 677 -2.89 -1.19 -9.23
CA GLY E 677 -4.28 -0.87 -8.94
C GLY E 677 -5.14 -0.93 -10.19
N PRO E 678 -6.46 -0.70 -10.07
CA PRO E 678 -7.32 -0.75 -11.25
C PRO E 678 -6.89 0.17 -12.40
N HIS E 679 -6.45 1.41 -12.10
CA HIS E 679 -6.02 2.33 -13.16
C HIS E 679 -4.77 1.86 -13.89
N VAL E 680 -3.86 1.15 -13.18
CA VAL E 680 -2.65 0.62 -13.79
C VAL E 680 -2.98 -0.63 -14.63
N SER E 681 -3.91 -1.47 -14.15
CA SER E 681 -4.34 -2.67 -14.88
C SER E 681 -4.97 -2.30 -16.22
N VAL E 682 -5.83 -1.27 -16.25
CA VAL E 682 -6.46 -0.78 -17.48
C VAL E 682 -5.39 -0.22 -18.42
N ALA E 683 -4.45 0.56 -17.87
CA ALA E 683 -3.36 1.16 -18.62
C ALA E 683 -2.43 0.14 -19.27
N LYS E 684 -2.14 -0.99 -18.59
CA LYS E 684 -1.28 -2.04 -19.14
C LYS E 684 -1.97 -2.75 -20.31
N ARG E 685 -3.30 -2.91 -20.24
CA ARG E 685 -4.06 -3.52 -21.32
C ARG E 685 -4.12 -2.57 -22.51
N LEU E 686 -4.33 -1.27 -22.25
CA LEU E 686 -4.38 -0.25 -23.29
C LEU E 686 -3.03 -0.13 -23.98
N ALA E 687 -1.91 -0.21 -23.23
CA ALA E 687 -0.56 -0.15 -23.80
C ALA E 687 -0.29 -1.35 -24.70
N ALA E 688 -0.77 -2.54 -24.31
CA ALA E 688 -0.62 -3.76 -25.11
C ALA E 688 -1.40 -3.66 -26.43
N ARG E 689 -2.54 -2.95 -26.41
CA ARG E 689 -3.40 -2.70 -27.57
C ARG E 689 -2.81 -1.66 -28.56
N GLY E 690 -1.71 -1.01 -28.21
CA GLY E 690 -1.08 -0.01 -29.06
C GLY E 690 -1.30 1.44 -28.63
N ILE E 691 -2.05 1.66 -27.53
CA ILE E 691 -2.34 3.00 -27.03
C ILE E 691 -1.15 3.55 -26.25
N LYS E 692 -0.73 4.79 -26.53
CA LYS E 692 0.42 5.39 -25.86
C LYS E 692 0.09 5.93 -24.46
N ILE E 693 0.52 5.21 -23.42
CA ILE E 693 0.36 5.59 -22.03
C ILE E 693 1.66 6.24 -21.55
N ARG E 694 1.59 7.44 -20.99
CA ARG E 694 2.78 8.16 -20.51
C ARG E 694 2.51 8.80 -19.13
N PRO E 695 3.54 9.14 -18.32
CA PRO E 695 3.26 9.82 -17.03
C PRO E 695 2.52 11.14 -17.31
N GLY E 696 1.36 11.28 -16.71
CA GLY E 696 0.47 12.40 -16.95
C GLY E 696 -0.86 11.96 -17.55
N THR E 697 -0.89 10.76 -18.18
CA THR E 697 -2.11 10.19 -18.79
C THR E 697 -3.16 9.93 -17.72
N VAL E 698 -4.39 10.40 -17.95
CA VAL E 698 -5.50 10.14 -17.02
C VAL E 698 -6.25 8.91 -17.53
N ILE E 699 -6.54 7.95 -16.64
CA ILE E 699 -7.28 6.75 -17.00
C ILE E 699 -8.72 6.93 -16.56
N SER E 700 -9.65 6.93 -17.52
CA SER E 700 -11.09 7.07 -17.26
C SER E 700 -11.71 5.69 -17.43
N TYR E 701 -12.01 5.01 -16.30
CA TYR E 701 -12.53 3.65 -16.33
C TYR E 701 -13.84 3.45 -15.55
N ILE E 702 -14.48 2.28 -15.74
CA ILE E 702 -15.71 1.92 -15.05
C ILE E 702 -15.61 0.46 -14.58
N VAL E 703 -16.14 0.17 -13.39
CA VAL E 703 -16.09 -1.19 -12.82
C VAL E 703 -17.36 -1.97 -13.17
N PRO E 704 -17.25 -3.07 -13.96
CA PRO E 704 -18.42 -3.86 -14.28
C PRO E 704 -18.63 -5.05 -13.32
N LYS E 705 -19.84 -5.60 -13.31
CA LYS E 705 -20.17 -6.79 -12.52
C LYS E 705 -19.52 -7.96 -13.26
N GLY E 706 -18.85 -8.84 -12.52
CA GLY E 706 -18.18 -9.97 -13.15
C GLY E 706 -17.47 -10.96 -12.27
N SER E 707 -16.44 -11.60 -12.83
CA SER E 707 -15.71 -12.68 -12.20
C SER E 707 -14.52 -12.27 -11.28
N GLY E 708 -13.50 -11.60 -11.80
CA GLY E 708 -12.31 -11.28 -11.02
C GLY E 708 -12.39 -10.15 -10.01
N ARG E 709 -11.22 -9.67 -9.55
CA ARG E 709 -11.09 -8.54 -8.61
C ARG E 709 -11.30 -7.21 -9.37
N ILE E 710 -11.41 -6.07 -8.68
CA ILE E 710 -11.71 -4.78 -9.33
C ILE E 710 -10.88 -4.48 -10.60
N GLY E 711 -9.55 -4.52 -10.52
CA GLY E 711 -8.68 -4.24 -11.66
C GLY E 711 -8.83 -5.20 -12.83
N ASP E 712 -9.22 -6.45 -12.54
CA ASP E 712 -9.42 -7.48 -13.55
C ASP E 712 -10.58 -7.14 -14.46
N ARG E 713 -11.71 -6.71 -13.89
CA ARG E 713 -12.89 -6.39 -14.68
C ARG E 713 -12.85 -4.98 -15.25
N ALA E 714 -12.22 -4.03 -14.54
CA ALA E 714 -12.14 -2.62 -14.92
C ALA E 714 -11.80 -2.39 -16.38
N ILE E 715 -12.63 -1.60 -17.07
CA ILE E 715 -12.45 -1.31 -18.49
C ILE E 715 -12.54 0.19 -18.76
N PRO E 716 -11.93 0.69 -19.86
CA PRO E 716 -12.06 2.13 -20.17
C PRO E 716 -13.51 2.48 -20.48
N PHE E 717 -13.95 3.70 -20.12
CA PHE E 717 -15.33 4.12 -20.36
C PHE E 717 -15.72 4.12 -21.84
N ASP E 718 -14.75 4.26 -22.75
CA ASP E 718 -15.02 4.18 -24.18
C ASP E 718 -15.41 2.77 -24.65
N GLU E 719 -15.24 1.75 -23.79
CA GLU E 719 -15.59 0.36 -24.09
C GLU E 719 -16.85 -0.15 -23.33
N PHE E 720 -17.42 0.67 -22.43
CA PHE E 720 -18.61 0.29 -21.65
C PHE E 720 -19.90 0.53 -22.43
N ASP E 721 -20.86 -0.41 -22.33
CA ASP E 721 -22.15 -0.26 -23.01
C ASP E 721 -23.26 -0.72 -22.07
N PRO E 722 -24.08 0.21 -21.54
CA PRO E 722 -25.15 -0.18 -20.60
C PRO E 722 -26.15 -1.23 -21.13
N ALA E 723 -26.28 -1.36 -22.44
CA ALA E 723 -27.19 -2.34 -23.04
C ALA E 723 -26.61 -3.76 -23.09
N LYS E 724 -25.31 -3.94 -22.76
CA LYS E 724 -24.65 -5.25 -22.81
C LYS E 724 -23.99 -5.56 -21.45
N HIS E 725 -23.27 -4.59 -20.88
CA HIS E 725 -22.56 -4.76 -19.63
C HIS E 725 -23.35 -4.16 -18.46
N LYS E 726 -23.42 -4.88 -17.32
CA LYS E 726 -24.07 -4.35 -16.13
C LYS E 726 -22.97 -3.84 -15.20
N TYR E 727 -23.08 -2.59 -14.72
CA TYR E 727 -22.04 -2.06 -13.84
C TYR E 727 -22.07 -2.71 -12.46
N ASP E 728 -20.95 -2.64 -11.73
CA ASP E 728 -20.86 -3.26 -10.41
C ASP E 728 -21.53 -2.35 -9.40
N ALA E 729 -22.85 -2.49 -9.23
CA ALA E 729 -23.62 -1.66 -8.29
C ALA E 729 -23.09 -1.73 -6.87
N GLY E 730 -22.71 -2.92 -6.42
CA GLY E 730 -22.17 -3.12 -5.09
C GLY E 730 -20.86 -2.39 -4.86
N TYR E 731 -20.03 -2.27 -5.93
CA TYR E 731 -18.77 -1.55 -5.82
C TYR E 731 -19.05 -0.07 -5.62
N TYR E 732 -19.92 0.52 -6.45
CA TYR E 732 -20.21 1.94 -6.36
C TYR E 732 -20.92 2.31 -5.05
N ILE E 733 -21.65 1.38 -4.45
CA ILE E 733 -22.30 1.61 -3.18
C ILE E 733 -21.29 1.47 -2.03
N GLU E 734 -20.64 0.31 -1.90
CA GLU E 734 -19.74 -0.02 -0.81
C GLU E 734 -18.32 0.56 -0.85
N ASN E 735 -17.78 0.84 -2.04
CA ASN E 735 -16.42 1.35 -2.17
C ASN E 735 -16.30 2.81 -2.60
N GLN E 736 -17.39 3.40 -3.10
CA GLN E 736 -17.35 4.79 -3.55
C GLN E 736 -18.30 5.69 -2.77
N VAL E 737 -19.63 5.53 -2.93
CA VAL E 737 -20.62 6.38 -2.28
C VAL E 737 -20.59 6.27 -0.76
N LEU E 738 -20.76 5.08 -0.19
CA LEU E 738 -20.79 4.93 1.27
C LEU E 738 -19.50 5.35 2.01
N PRO E 739 -18.27 4.97 1.60
CA PRO E 739 -17.08 5.41 2.35
C PRO E 739 -16.95 6.93 2.42
N ALA E 740 -17.28 7.62 1.32
CA ALA E 740 -17.17 9.08 1.26
C ALA E 740 -18.19 9.81 2.13
N VAL E 741 -19.46 9.42 2.09
CA VAL E 741 -20.50 10.10 2.85
C VAL E 741 -20.65 9.58 4.30
N GLU E 742 -20.18 8.36 4.59
CA GLU E 742 -20.31 7.82 5.95
C GLU E 742 -19.43 8.56 6.91
N ARG E 743 -18.19 8.89 6.48
CA ARG E 743 -17.27 9.61 7.38
C ARG E 743 -17.87 10.95 7.86
N ILE E 744 -18.77 11.55 7.09
CA ILE E 744 -19.46 12.78 7.41
C ILE E 744 -20.69 12.49 8.31
N LEU E 745 -21.56 11.58 7.86
CA LEU E 745 -22.78 11.23 8.59
C LEU E 745 -22.55 10.43 9.88
N ARG E 746 -21.29 10.13 10.23
CA ARG E 746 -20.95 9.45 11.47
C ARG E 746 -21.33 10.36 12.65
N ALA E 747 -21.01 11.67 12.53
CA ALA E 747 -21.25 12.70 13.53
C ALA E 747 -22.70 12.78 13.98
N PHE E 748 -23.64 12.47 13.09
CA PHE E 748 -25.06 12.53 13.43
C PHE E 748 -25.66 11.17 13.84
N GLY E 749 -24.81 10.18 14.10
CA GLY E 749 -25.24 8.86 14.54
C GLY E 749 -25.56 7.85 13.46
N TYR E 750 -25.47 8.24 12.19
CA TYR E 750 -25.79 7.32 11.09
C TYR E 750 -24.62 6.40 10.72
N ARG E 751 -24.89 5.10 10.63
CA ARG E 751 -23.88 4.11 10.23
C ARG E 751 -24.21 3.57 8.81
N LYS E 752 -23.29 2.81 8.18
CA LYS E 752 -23.47 2.26 6.83
C LYS E 752 -24.81 1.52 6.61
N GLU E 753 -25.35 0.88 7.67
CA GLU E 753 -26.61 0.16 7.56
C GLU E 753 -27.79 1.11 7.40
N ASP E 754 -27.73 2.28 8.02
CA ASP E 754 -28.79 3.29 7.94
C ASP E 754 -28.80 4.00 6.58
N LEU E 755 -27.65 4.06 5.90
CA LEU E 755 -27.50 4.75 4.62
C LEU E 755 -27.90 3.89 3.42
N ARG E 756 -27.85 2.55 3.54
CA ARG E 756 -28.17 1.63 2.44
C ARG E 756 -29.66 1.53 2.12
N TYR E 757 -29.98 1.09 0.89
CA TYR E 757 -31.35 0.93 0.41
C TYR E 757 -32.13 -0.12 1.21
N GLN E 758 -33.45 0.07 1.31
CA GLN E 758 -34.38 -0.73 2.10
C GLN E 758 -34.41 -2.24 1.81
N LYS E 759 -34.43 -2.65 0.51
CA LYS E 759 -34.52 -4.06 0.10
C LYS E 759 -35.81 -4.66 0.64
N THR E 760 -36.95 -3.99 0.41
CA THR E 760 -38.24 -4.42 0.96
C THR E 760 -38.74 -5.76 0.43
N ARG E 761 -39.35 -6.56 1.31
CA ARG E 761 -39.90 -7.87 0.97
C ARG E 761 -41.35 -7.75 0.46
N GLN E 762 -41.73 -8.63 -0.48
CA GLN E 762 -43.08 -8.58 -1.05
C GLN E 762 -43.94 -9.78 -0.62
#